data_8IM8
#
_entry.id   8IM8
#
_cell.length_a   133.242
_cell.length_b   133.242
_cell.length_c   386.269
_cell.angle_alpha   90.000
_cell.angle_beta   90.000
_cell.angle_gamma   120.000
#
_symmetry.space_group_name_H-M   'H 3'
#
loop_
_entity.id
_entity.type
_entity.pdbx_description
1 polymer 'Periplasmic alpha-amylase'
2 non-polymer 'CALCIUM ION'
3 water water
#
_entity_poly.entity_id   1
_entity_poly.type   'polypeptide(L)'
_entity_poly.pdbx_seq_one_letter_code
;MKLAACFLTLLPGFAVAASWTSPGFPAFSEQGTGTFVSHAQLPKGTRPLTLNFDQQCWQPADAIKLNQMLSLQPCSNTPP
QWRLFRDGEYTLQIDTRSGTPTLMISIQNAAEPVASLVRECPKWDGLPLTVDVSATFPEGAAVRDYYSQQIAIVKNGQIM
LQPAATSNGLLLLERAETDTSAPFDWHNATVYFVLTDRFENGDPSNDQSYGRHKDGMAEIGTFHGGDLRGLTNKLDYLQQ
LGVNALWISAPFEQIHGWVGGGTKGDFPHYAYHGYYTQDWTNLDANMGNEADLRTLVDSAHQRGIRILFDVVMNHTGYAT
LADMQEYQFGALYLSGDEVKKSLGERWSDWKPAAGQTWHSFNDYINFSDKTGWDKWWGKNWIRTDIGDYDNPGFDDLTMS
LAFLPDIKTESTTASGLPVFYKNKMDTHAKAIDGYTPRDYLTHWLSQWVRDYGIDGFRVDTAKHVELPAWQQLKTEASAA
LREWKKANPDKALDDKPFWMTGEAWGHGVMQSDYYRHGFDAMINFDYQEQAAKAVDCLAQMDTTWQQMAEKLQGFNVLSY
LSSHDTRLFREGGDKAAELLLLAPGAVQIFYGDESSRPFGPTGSDPLQGTRSDMNWQDVSGKSAASVAHWQKISQFRARH
PAIGAGKQTTLLLKQGYGFVREHGDDKVLVVWAGQQ
;
_entity_poly.pdbx_strand_id   A,B,C,D
#
loop_
_chem_comp.id
_chem_comp.type
_chem_comp.name
_chem_comp.formula
CA non-polymer 'CALCIUM ION' 'Ca 2'
#
# COMPACT_ATOMS: atom_id res chain seq x y z
N GLU A 120 9.14 -64.28 -36.58
CA GLU A 120 9.18 -63.12 -35.72
C GLU A 120 8.56 -61.92 -36.38
N CYS A 121 9.13 -61.47 -37.48
CA CYS A 121 8.62 -60.25 -38.09
C CYS A 121 7.24 -60.48 -38.59
N PRO A 122 6.32 -59.59 -38.25
CA PRO A 122 4.93 -59.80 -38.60
C PRO A 122 4.55 -59.90 -40.06
N LYS A 123 3.64 -60.81 -40.40
CA LYS A 123 3.11 -60.89 -41.75
C LYS A 123 1.73 -60.23 -41.81
N TRP A 124 1.31 -59.89 -43.03
CA TRP A 124 0.06 -59.16 -43.21
C TRP A 124 -0.79 -59.76 -44.31
N ASP A 125 -2.09 -59.88 -44.00
CA ASP A 125 -3.09 -60.39 -44.93
C ASP A 125 -3.09 -59.64 -46.26
N GLY A 126 -2.90 -58.33 -46.23
CA GLY A 126 -3.23 -57.50 -47.36
C GLY A 126 -4.65 -57.00 -47.32
N LEU A 127 -5.38 -57.34 -46.28
CA LEU A 127 -6.77 -57.04 -46.07
C LEU A 127 -6.88 -56.01 -44.95
N PRO A 128 -8.05 -55.41 -44.75
CA PRO A 128 -8.16 -54.37 -43.71
C PRO A 128 -7.64 -54.80 -42.34
N LEU A 129 -7.49 -53.81 -41.47
CA LEU A 129 -6.66 -53.98 -40.28
C LEU A 129 -7.42 -53.41 -39.09
N THR A 130 -7.51 -54.18 -38.02
CA THR A 130 -8.29 -53.80 -36.84
C THR A 130 -7.35 -53.43 -35.71
N VAL A 131 -7.63 -52.30 -35.06
CA VAL A 131 -6.70 -51.68 -34.12
C VAL A 131 -7.43 -51.34 -32.83
N ASP A 132 -6.83 -51.72 -31.70
CA ASP A 132 -7.27 -51.35 -30.35
C ASP A 132 -6.77 -49.94 -30.00
N VAL A 133 -7.59 -48.94 -30.25
CA VAL A 133 -7.23 -47.57 -29.91
C VAL A 133 -7.84 -47.22 -28.56
N SER A 134 -8.21 -48.25 -27.78
CA SER A 134 -9.07 -48.04 -26.60
C SER A 134 -8.38 -47.18 -25.55
N ALA A 135 -7.05 -47.36 -25.37
CA ALA A 135 -6.32 -46.57 -24.38
C ALA A 135 -6.07 -45.13 -24.85
N THR A 136 -5.99 -44.92 -26.17
CA THR A 136 -5.42 -43.70 -26.74
C THR A 136 -6.47 -42.70 -27.21
N PHE A 137 -7.56 -43.17 -27.82
CA PHE A 137 -8.56 -42.28 -28.37
C PHE A 137 -9.90 -42.50 -27.69
N PRO A 138 -10.62 -41.41 -27.34
CA PRO A 138 -11.95 -41.62 -26.79
C PRO A 138 -12.82 -42.47 -27.69
N GLU A 139 -13.96 -42.90 -27.16
CA GLU A 139 -14.87 -43.71 -27.93
C GLU A 139 -15.75 -42.83 -28.79
N GLY A 140 -15.91 -43.22 -30.05
CA GLY A 140 -16.76 -42.48 -30.96
C GLY A 140 -16.00 -41.36 -31.62
N ALA A 141 -14.78 -41.13 -31.15
CA ALA A 141 -13.98 -40.04 -31.68
C ALA A 141 -13.50 -40.31 -33.09
N ALA A 142 -13.22 -39.23 -33.81
CA ALA A 142 -12.79 -39.38 -35.18
C ALA A 142 -11.29 -39.49 -35.29
N VAL A 143 -10.85 -40.55 -35.91
CA VAL A 143 -9.42 -40.80 -36.06
C VAL A 143 -9.08 -40.79 -37.55
N ARG A 144 -8.16 -39.92 -37.95
CA ARG A 144 -7.70 -39.87 -39.32
C ARG A 144 -6.44 -40.73 -39.47
N ASP A 145 -6.40 -41.51 -40.55
CA ASP A 145 -5.12 -41.99 -41.06
C ASP A 145 -4.60 -40.95 -42.03
N TYR A 146 -3.57 -40.21 -41.60
CA TYR A 146 -3.07 -39.09 -42.37
C TYR A 146 -2.63 -39.53 -43.76
N TYR A 147 -2.11 -40.74 -43.88
CA TYR A 147 -1.62 -41.21 -45.17
C TYR A 147 -2.77 -41.30 -46.17
N SER A 148 -3.71 -42.22 -45.92
CA SER A 148 -4.78 -42.40 -46.89
C SER A 148 -5.85 -41.31 -46.81
N GLN A 149 -5.95 -40.60 -45.68
CA GLN A 149 -6.94 -39.55 -45.37
C GLN A 149 -8.30 -40.12 -44.94
N GLN A 150 -8.44 -41.44 -44.83
CA GLN A 150 -9.69 -42.02 -44.36
C GLN A 150 -9.90 -41.64 -42.89
N ILE A 151 -11.15 -41.35 -42.51
CA ILE A 151 -11.51 -41.08 -41.13
C ILE A 151 -12.42 -42.19 -40.63
N ALA A 152 -12.08 -42.75 -39.47
CA ALA A 152 -12.85 -43.83 -38.86
C ALA A 152 -13.35 -43.40 -37.49
N ILE A 153 -14.55 -43.84 -37.13
CA ILE A 153 -15.15 -43.58 -35.83
C ILE A 153 -14.92 -44.81 -34.96
N VAL A 154 -14.57 -44.59 -33.70
CA VAL A 154 -14.25 -45.69 -32.79
C VAL A 154 -15.56 -46.34 -32.32
N LYS A 155 -15.58 -47.68 -32.28
CA LYS A 155 -16.79 -48.41 -31.91
C LYS A 155 -16.60 -49.26 -30.66
N ASN A 156 -15.73 -50.27 -30.70
CA ASN A 156 -15.53 -51.10 -29.51
C ASN A 156 -14.10 -50.93 -29.00
N GLY A 157 -13.67 -49.67 -28.80
CA GLY A 157 -12.25 -49.40 -28.68
C GLY A 157 -11.45 -49.77 -29.91
N GLN A 158 -12.12 -49.84 -31.07
CA GLN A 158 -11.53 -50.39 -32.28
C GLN A 158 -11.78 -49.47 -33.46
N ILE A 159 -10.83 -49.47 -34.39
CA ILE A 159 -11.10 -48.99 -35.75
C ILE A 159 -10.60 -50.05 -36.72
N MET A 160 -11.17 -50.02 -37.92
CA MET A 160 -10.77 -50.94 -38.98
C MET A 160 -10.46 -50.08 -40.20
N LEU A 161 -9.19 -50.09 -40.64
CA LEU A 161 -8.79 -49.37 -41.86
C LEU A 161 -7.96 -50.22 -42.80
N GLN A 162 -8.19 -50.04 -44.10
CA GLN A 162 -7.31 -50.55 -45.14
C GLN A 162 -6.21 -49.54 -45.42
N PRO A 163 -4.93 -49.87 -45.21
CA PRO A 163 -3.85 -48.94 -45.54
C PRO A 163 -3.83 -48.63 -47.03
N ALA A 164 -3.36 -47.43 -47.36
CA ALA A 164 -3.30 -47.07 -48.77
C ALA A 164 -2.31 -47.99 -49.51
N ALA A 165 -2.53 -48.13 -50.82
CA ALA A 165 -1.70 -49.00 -51.65
C ALA A 165 -0.23 -48.63 -51.58
N THR A 166 0.07 -47.33 -51.56
CA THR A 166 1.44 -46.84 -51.56
C THR A 166 2.03 -46.68 -50.14
N SER A 167 1.37 -47.25 -49.13
CA SER A 167 1.66 -46.94 -47.73
C SER A 167 2.73 -47.81 -47.10
N ASN A 168 3.10 -48.92 -47.74
CA ASN A 168 3.96 -49.93 -47.10
C ASN A 168 3.36 -50.46 -45.79
N GLY A 169 2.03 -50.60 -45.74
CA GLY A 169 1.36 -51.12 -44.56
C GLY A 169 1.23 -50.18 -43.38
N LEU A 170 1.33 -48.86 -43.60
CA LEU A 170 1.32 -47.92 -42.49
C LEU A 170 -0.04 -47.28 -42.30
N LEU A 171 -0.35 -47.00 -41.03
CA LEU A 171 -1.46 -46.15 -40.64
C LEU A 171 -0.90 -45.11 -39.68
N LEU A 172 -1.00 -43.84 -40.05
CA LEU A 172 -0.45 -42.76 -39.25
C LEU A 172 -1.62 -42.09 -38.56
N LEU A 173 -2.03 -42.65 -37.42
CA LEU A 173 -3.31 -42.31 -36.81
C LEU A 173 -3.17 -41.08 -35.90
N GLU A 174 -3.91 -40.04 -36.27
CA GLU A 174 -3.99 -38.78 -35.55
C GLU A 174 -5.45 -38.50 -35.22
N ARG A 175 -5.68 -37.59 -34.27
CA ARG A 175 -7.05 -37.19 -34.00
C ARG A 175 -7.47 -36.39 -35.21
N ALA A 176 -8.67 -36.61 -35.72
CA ALA A 176 -9.07 -35.96 -36.97
C ALA A 176 -9.33 -34.49 -36.85
N GLU A 177 -9.09 -33.93 -35.69
CA GLU A 177 -9.37 -32.53 -35.46
C GLU A 177 -8.16 -31.73 -35.87
N THR A 178 -7.00 -32.37 -35.84
CA THR A 178 -5.77 -31.71 -36.23
C THR A 178 -5.84 -31.29 -37.70
N ASP A 179 -5.42 -30.06 -37.97
CA ASP A 179 -5.57 -29.53 -39.31
C ASP A 179 -4.41 -28.67 -39.80
N THR A 180 -3.34 -28.54 -39.02
CA THR A 180 -2.19 -27.76 -39.47
C THR A 180 -0.94 -28.28 -38.79
N SER A 181 0.20 -27.79 -39.28
CA SER A 181 1.47 -28.17 -38.71
C SER A 181 1.61 -27.58 -37.30
N ALA A 182 2.31 -28.30 -36.46
CA ALA A 182 2.62 -27.95 -35.09
C ALA A 182 3.68 -26.87 -35.04
N PRO A 183 3.67 -26.05 -34.00
CA PRO A 183 4.74 -25.05 -33.83
C PRO A 183 6.12 -25.71 -33.90
N PHE A 184 7.08 -24.95 -34.43
CA PHE A 184 8.44 -25.46 -34.64
C PHE A 184 9.13 -25.80 -33.31
N ASP A 185 9.75 -26.97 -33.29
CA ASP A 185 10.56 -27.44 -32.16
C ASP A 185 11.80 -28.15 -32.71
N TRP A 186 12.99 -27.75 -32.25
CA TRP A 186 14.21 -28.46 -32.64
C TRP A 186 14.15 -29.94 -32.29
N HIS A 187 13.40 -30.31 -31.25
CA HIS A 187 13.36 -31.72 -30.91
C HIS A 187 12.46 -32.49 -31.86
N ASN A 188 11.74 -31.79 -32.73
CA ASN A 188 10.93 -32.43 -33.74
C ASN A 188 11.44 -32.14 -35.16
N ALA A 189 12.59 -31.45 -35.28
CA ALA A 189 12.93 -30.78 -36.52
C ALA A 189 13.26 -31.78 -37.62
N THR A 190 12.87 -31.45 -38.84
CA THR A 190 13.21 -32.22 -40.04
C THR A 190 14.23 -31.40 -40.84
N VAL A 191 15.51 -31.74 -40.68
CA VAL A 191 16.59 -30.95 -41.28
C VAL A 191 16.95 -31.53 -42.64
N TYR A 192 17.02 -30.67 -43.63
CA TYR A 192 17.35 -31.07 -45.00
C TYR A 192 18.75 -30.53 -45.29
N PHE A 193 19.69 -31.43 -45.58
CA PHE A 193 21.08 -31.05 -45.75
C PHE A 193 21.44 -31.04 -47.23
N VAL A 194 21.85 -29.86 -47.73
CA VAL A 194 22.17 -29.69 -49.15
C VAL A 194 23.60 -29.23 -49.33
N LEU A 195 24.29 -29.87 -50.28
CA LEU A 195 25.49 -29.38 -50.88
C LEU A 195 25.08 -28.46 -52.00
N THR A 196 25.23 -27.16 -51.79
CA THR A 196 24.56 -26.20 -52.64
C THR A 196 25.03 -26.32 -54.08
N ASP A 197 26.33 -26.51 -54.29
CA ASP A 197 26.83 -26.58 -55.66
C ASP A 197 26.23 -27.77 -56.41
N ARG A 198 25.68 -28.74 -55.69
CA ARG A 198 25.18 -29.94 -56.32
C ARG A 198 23.67 -29.99 -56.39
N PHE A 199 23.00 -28.88 -56.06
CA PHE A 199 21.55 -28.87 -55.93
C PHE A 199 20.88 -28.20 -57.13
N GLU A 200 20.98 -26.89 -57.27
CA GLU A 200 20.22 -26.21 -58.29
C GLU A 200 20.95 -24.98 -58.81
N ASN A 201 21.12 -24.90 -60.12
CA ASN A 201 21.87 -23.79 -60.68
C ASN A 201 20.87 -22.69 -61.00
N GLY A 202 20.77 -21.71 -60.10
CA GLY A 202 19.87 -20.59 -60.32
C GLY A 202 20.43 -19.51 -61.21
N ASP A 203 21.74 -19.45 -61.31
CA ASP A 203 22.51 -18.42 -61.99
C ASP A 203 23.74 -19.06 -62.62
N PRO A 204 23.78 -19.24 -63.94
CA PRO A 204 24.97 -19.85 -64.55
C PRO A 204 26.06 -18.85 -64.89
N SER A 205 25.82 -17.56 -64.67
CA SER A 205 26.87 -16.58 -64.88
C SER A 205 27.98 -16.65 -63.84
N ASN A 206 27.77 -17.37 -62.74
CA ASN A 206 28.74 -17.44 -61.65
C ASN A 206 29.33 -18.83 -61.49
N ASP A 207 29.26 -19.63 -62.53
CA ASP A 207 29.64 -21.01 -62.37
C ASP A 207 31.14 -21.20 -62.38
N GLN A 208 31.90 -20.33 -63.02
CA GLN A 208 33.33 -20.54 -63.08
C GLN A 208 34.03 -19.29 -62.52
N SER A 209 33.85 -19.06 -61.24
CA SER A 209 34.43 -17.90 -60.62
C SER A 209 35.93 -18.12 -60.39
N TYR A 210 36.66 -17.01 -60.31
CA TYR A 210 38.07 -17.03 -60.00
C TYR A 210 38.87 -17.92 -60.98
N GLY A 211 38.37 -18.11 -62.20
CA GLY A 211 39.09 -18.93 -63.15
C GLY A 211 38.91 -20.42 -63.00
N ARG A 212 38.07 -20.85 -62.06
CA ARG A 212 37.70 -22.26 -61.97
C ARG A 212 37.19 -22.76 -63.32
N HIS A 213 37.54 -24.01 -63.66
CA HIS A 213 36.98 -24.64 -64.85
C HIS A 213 36.32 -25.95 -64.48
N LYS A 214 35.60 -26.52 -65.41
CA LYS A 214 35.09 -27.84 -65.22
C LYS A 214 36.18 -28.71 -65.81
N ASP A 215 36.14 -30.00 -65.57
CA ASP A 215 37.23 -30.86 -66.02
C ASP A 215 36.97 -31.50 -67.36
N GLY A 216 35.71 -31.59 -67.71
CA GLY A 216 35.41 -32.28 -68.95
C GLY A 216 35.69 -33.74 -68.94
N MET A 217 35.83 -34.29 -67.74
CA MET A 217 36.04 -35.70 -67.60
C MET A 217 35.29 -36.10 -66.35
N ALA A 218 33.97 -36.26 -66.48
CA ALA A 218 33.17 -36.74 -65.31
C ALA A 218 32.88 -35.77 -64.17
N GLU A 219 33.63 -34.69 -64.02
CA GLU A 219 33.28 -33.66 -63.03
C GLU A 219 33.12 -34.16 -61.62
N ILE A 220 33.99 -35.04 -61.22
CA ILE A 220 33.92 -35.62 -59.88
C ILE A 220 34.07 -34.54 -58.82
N GLY A 221 35.01 -33.61 -59.03
CA GLY A 221 35.34 -32.69 -57.95
C GLY A 221 35.28 -31.22 -58.31
N THR A 222 34.66 -30.89 -59.44
CA THR A 222 34.51 -29.54 -59.96
C THR A 222 33.26 -28.88 -59.39
N PHE A 223 33.15 -27.55 -59.54
CA PHE A 223 31.88 -26.91 -59.19
C PHE A 223 30.91 -27.16 -60.34
N HIS A 224 29.80 -27.83 -60.05
CA HIS A 224 28.79 -28.02 -61.08
C HIS A 224 27.94 -26.78 -61.30
N GLY A 225 27.86 -25.86 -60.34
CA GLY A 225 27.17 -24.60 -60.56
C GLY A 225 26.00 -24.33 -59.62
N GLY A 226 25.58 -25.29 -58.79
CA GLY A 226 24.49 -25.03 -57.86
C GLY A 226 24.86 -23.82 -57.04
N ASP A 227 23.87 -23.00 -56.66
CA ASP A 227 24.12 -21.70 -56.04
C ASP A 227 22.92 -21.30 -55.18
N LEU A 228 23.03 -20.13 -54.54
CA LEU A 228 22.02 -19.73 -53.54
C LEU A 228 20.69 -19.37 -54.21
N ARG A 229 20.72 -18.74 -55.38
CA ARG A 229 19.48 -18.40 -56.05
C ARG A 229 18.71 -19.67 -56.44
N GLY A 230 19.40 -20.71 -56.92
CA GLY A 230 18.69 -21.94 -57.24
C GLY A 230 18.06 -22.58 -56.03
N LEU A 231 18.81 -22.62 -54.93
CA LEU A 231 18.26 -23.14 -53.68
C LEU A 231 17.03 -22.35 -53.24
N THR A 232 17.05 -21.04 -53.48
CA THR A 232 15.88 -20.24 -53.17
C THR A 232 14.73 -20.76 -54.01
N ASN A 233 14.95 -20.82 -55.32
CA ASN A 233 13.91 -21.27 -56.23
C ASN A 233 13.22 -22.49 -55.66
N LYS A 234 13.94 -23.30 -54.86
CA LYS A 234 13.43 -24.62 -54.52
C LYS A 234 12.86 -24.68 -53.11
N LEU A 235 12.36 -23.55 -52.59
CA LEU A 235 11.89 -23.56 -51.22
C LEU A 235 10.49 -24.11 -51.09
N ASP A 236 9.63 -23.90 -52.09
CA ASP A 236 8.28 -24.44 -52.00
C ASP A 236 8.29 -25.96 -52.09
N TYR A 237 9.14 -26.50 -52.98
CA TYR A 237 9.42 -27.92 -52.97
C TYR A 237 9.81 -28.41 -51.57
N LEU A 238 10.77 -27.72 -50.93
CA LEU A 238 11.21 -28.21 -49.63
C LEU A 238 10.12 -28.12 -48.56
N GLN A 239 9.29 -27.06 -48.55
CA GLN A 239 8.29 -27.03 -47.49
C GLN A 239 7.20 -28.06 -47.74
N GLN A 240 6.91 -28.36 -49.02
CA GLN A 240 6.03 -29.50 -49.31
C GLN A 240 6.59 -30.80 -48.77
N LEU A 241 7.90 -30.87 -48.59
CA LEU A 241 8.52 -32.06 -48.03
C LEU A 241 8.56 -32.01 -46.51
N GLY A 242 7.81 -31.08 -45.90
CA GLY A 242 7.80 -30.96 -44.47
C GLY A 242 9.10 -30.53 -43.83
N VAL A 243 10.03 -29.94 -44.59
CA VAL A 243 11.32 -29.53 -44.05
C VAL A 243 11.15 -28.30 -43.16
N ASN A 244 11.66 -28.39 -41.93
CA ASN A 244 11.74 -27.28 -40.97
C ASN A 244 13.09 -26.59 -40.94
N ALA A 245 14.17 -27.31 -41.23
CA ALA A 245 15.48 -26.68 -41.18
C ALA A 245 16.26 -26.98 -42.45
N LEU A 246 16.92 -25.99 -42.98
CA LEU A 246 17.72 -26.10 -44.21
C LEU A 246 19.18 -25.94 -43.81
N TRP A 247 19.91 -27.05 -43.84
CA TRP A 247 21.33 -27.01 -43.53
C TRP A 247 22.04 -26.90 -44.86
N ILE A 248 22.75 -25.80 -45.06
CA ILE A 248 23.44 -25.53 -46.33
C ILE A 248 24.93 -25.60 -46.11
N SER A 249 25.67 -25.94 -47.16
CA SER A 249 27.11 -26.04 -47.02
C SER A 249 27.72 -24.64 -46.93
N ALA A 250 28.85 -24.54 -46.25
CA ALA A 250 29.41 -23.24 -45.90
C ALA A 250 29.47 -22.39 -47.16
N PRO A 251 28.86 -21.20 -47.16
CA PRO A 251 28.93 -20.32 -48.34
C PRO A 251 30.14 -19.41 -48.38
N PHE A 252 31.10 -19.59 -47.49
CA PHE A 252 32.22 -18.67 -47.41
C PHE A 252 33.19 -18.88 -48.58
N GLU A 253 33.95 -17.84 -48.87
CA GLU A 253 34.88 -17.90 -49.99
C GLU A 253 35.88 -19.01 -49.75
N GLN A 254 35.92 -19.95 -50.70
CA GLN A 254 36.80 -21.12 -50.65
C GLN A 254 38.17 -20.80 -51.25
N ILE A 255 39.12 -21.73 -51.10
CA ILE A 255 40.32 -21.68 -51.93
C ILE A 255 39.91 -21.66 -53.40
N HIS A 256 40.64 -20.90 -54.22
CA HIS A 256 40.16 -20.67 -55.58
C HIS A 256 40.42 -21.87 -56.49
N GLY A 257 41.56 -22.55 -56.36
CA GLY A 257 41.90 -23.64 -57.23
C GLY A 257 41.62 -25.01 -56.63
N TRP A 258 42.46 -25.98 -57.02
CA TRP A 258 42.14 -27.38 -56.85
C TRP A 258 43.37 -28.14 -56.35
N VAL A 259 43.13 -29.35 -55.82
CA VAL A 259 44.18 -30.28 -55.48
C VAL A 259 43.92 -31.60 -56.20
N GLY A 260 44.87 -32.53 -56.10
CA GLY A 260 44.69 -33.82 -56.75
C GLY A 260 43.69 -34.66 -55.97
N GLY A 261 42.77 -35.30 -56.67
CA GLY A 261 41.68 -36.00 -56.04
C GLY A 261 41.84 -37.51 -56.06
N GLY A 262 41.45 -38.13 -54.96
CA GLY A 262 41.54 -39.56 -54.84
C GLY A 262 42.96 -40.01 -54.53
N THR A 263 43.07 -41.30 -54.22
CA THR A 263 44.38 -41.87 -53.96
C THR A 263 45.22 -41.95 -55.22
N LYS A 264 44.63 -41.75 -56.39
CA LYS A 264 45.33 -41.97 -57.64
C LYS A 264 45.35 -40.73 -58.54
N GLY A 265 45.07 -39.55 -58.01
CA GLY A 265 45.24 -38.36 -58.84
C GLY A 265 44.31 -38.42 -60.04
N ASP A 266 43.15 -39.01 -59.84
CA ASP A 266 42.19 -39.37 -60.86
C ASP A 266 41.48 -38.15 -61.46
N PHE A 267 41.43 -37.02 -60.75
CA PHE A 267 40.55 -35.90 -61.11
C PHE A 267 41.01 -34.67 -60.34
N PRO A 268 40.70 -33.47 -60.84
CA PRO A 268 40.97 -32.26 -60.03
C PRO A 268 39.85 -32.06 -59.02
N HIS A 269 40.24 -31.85 -57.78
CA HIS A 269 39.31 -31.68 -56.66
C HIS A 269 39.28 -30.21 -56.25
N TYR A 270 38.12 -29.59 -56.40
CA TYR A 270 37.96 -28.22 -55.97
C TYR A 270 37.20 -28.18 -54.65
N ALA A 271 36.91 -26.99 -54.18
CA ALA A 271 36.15 -26.80 -52.93
C ALA A 271 34.72 -26.54 -53.40
N TYR A 272 34.05 -27.55 -53.94
CA TYR A 272 32.64 -27.39 -54.34
C TYR A 272 31.74 -27.73 -53.18
N HIS A 273 32.30 -28.27 -52.11
CA HIS A 273 31.54 -28.70 -50.94
C HIS A 273 31.62 -27.73 -49.76
N GLY A 274 32.41 -26.66 -49.87
CA GLY A 274 32.50 -25.63 -48.85
C GLY A 274 33.43 -25.89 -47.68
N TYR A 275 34.11 -27.03 -47.62
CA TYR A 275 34.96 -27.37 -46.48
C TYR A 275 36.37 -26.83 -46.57
N TYR A 276 36.74 -26.15 -47.65
CA TYR A 276 38.08 -25.60 -47.82
C TYR A 276 37.99 -24.07 -47.81
N THR A 277 37.68 -23.52 -46.64
CA THR A 277 37.44 -22.08 -46.56
C THR A 277 38.75 -21.31 -46.51
N GLN A 278 38.77 -20.17 -47.19
CA GLN A 278 39.93 -19.31 -47.28
C GLN A 278 39.68 -17.93 -46.69
N ASP A 279 38.45 -17.43 -46.71
CA ASP A 279 38.10 -16.12 -46.19
C ASP A 279 36.68 -16.20 -45.64
N TRP A 280 36.56 -16.22 -44.32
CA TRP A 280 35.27 -16.35 -43.67
C TRP A 280 34.43 -15.08 -43.73
N THR A 281 34.96 -13.97 -44.22
CA THR A 281 34.22 -12.72 -44.26
C THR A 281 33.61 -12.44 -45.64
N ASN A 282 33.89 -13.25 -46.65
CA ASN A 282 33.29 -13.07 -47.97
C ASN A 282 32.41 -14.25 -48.32
N LEU A 283 31.42 -13.99 -49.15
CA LEU A 283 30.76 -15.08 -49.84
C LEU A 283 31.65 -15.58 -50.98
N ASP A 284 31.68 -16.89 -51.17
CA ASP A 284 32.29 -17.43 -52.37
C ASP A 284 31.46 -17.05 -53.59
N ALA A 285 32.13 -16.52 -54.61
CA ALA A 285 31.37 -15.96 -55.74
C ALA A 285 30.62 -17.01 -56.53
N ASN A 286 30.97 -18.30 -56.43
CA ASN A 286 30.12 -19.34 -57.00
C ASN A 286 28.75 -19.42 -56.34
N MET A 287 28.61 -18.93 -55.11
CA MET A 287 27.38 -19.08 -54.34
C MET A 287 26.37 -17.97 -54.62
N GLY A 288 26.83 -16.79 -55.04
CA GLY A 288 26.01 -15.61 -55.16
C GLY A 288 26.61 -14.45 -54.37
N ASN A 289 25.85 -13.35 -54.23
CA ASN A 289 26.29 -12.19 -53.49
C ASN A 289 25.39 -11.98 -52.26
N GLU A 290 25.62 -10.88 -51.55
CA GLU A 290 24.92 -10.63 -50.30
C GLU A 290 23.41 -10.60 -50.52
N ALA A 291 22.95 -9.90 -51.57
CA ALA A 291 21.53 -9.87 -51.90
C ALA A 291 20.97 -11.28 -52.08
N ASP A 292 21.74 -12.21 -52.68
CA ASP A 292 21.25 -13.57 -52.87
C ASP A 292 21.11 -14.31 -51.54
N LEU A 293 22.09 -14.15 -50.65
CA LEU A 293 21.97 -14.79 -49.35
C LEU A 293 20.76 -14.27 -48.60
N ARG A 294 20.58 -12.93 -48.59
CA ARG A 294 19.49 -12.38 -47.79
C ARG A 294 18.14 -12.82 -48.36
N THR A 295 18.03 -12.89 -49.69
CA THR A 295 16.79 -13.36 -50.30
C THR A 295 16.52 -14.82 -49.95
N LEU A 296 17.54 -15.69 -50.02
CA LEU A 296 17.39 -17.07 -49.53
C LEU A 296 16.89 -17.13 -48.10
N VAL A 297 17.57 -16.44 -47.19
CA VAL A 297 17.22 -16.61 -45.77
C VAL A 297 15.81 -16.09 -45.51
N ASP A 298 15.45 -14.94 -46.09
CA ASP A 298 14.13 -14.38 -45.80
C ASP A 298 13.00 -15.17 -46.47
N SER A 299 13.25 -15.73 -47.66
CA SER A 299 12.25 -16.59 -48.25
C SER A 299 12.10 -17.87 -47.46
N ALA A 300 13.22 -18.42 -46.97
CA ALA A 300 13.15 -19.59 -46.14
C ALA A 300 12.31 -19.34 -44.88
N HIS A 301 12.53 -18.19 -44.22
CA HIS A 301 11.79 -17.88 -42.99
C HIS A 301 10.30 -17.68 -43.27
N GLN A 302 9.97 -16.95 -44.33
CA GLN A 302 8.55 -16.76 -44.67
C GLN A 302 7.81 -18.07 -44.89
N ARG A 303 8.53 -19.18 -44.99
CA ARG A 303 7.93 -20.48 -45.25
C ARG A 303 8.08 -21.44 -44.08
N GLY A 304 8.56 -20.97 -42.93
CA GLY A 304 8.68 -21.84 -41.79
C GLY A 304 9.99 -22.57 -41.69
N ILE A 305 10.94 -22.30 -42.59
CA ILE A 305 12.20 -23.04 -42.69
C ILE A 305 13.32 -22.22 -42.04
N ARG A 306 13.96 -22.80 -41.01
CA ARG A 306 15.14 -22.18 -40.40
C ARG A 306 16.39 -22.51 -41.21
N ILE A 307 17.44 -21.70 -41.04
CA ILE A 307 18.68 -21.81 -41.83
C ILE A 307 19.85 -22.18 -40.92
N LEU A 308 20.51 -23.30 -41.23
CA LEU A 308 21.79 -23.65 -40.62
C LEU A 308 22.88 -23.42 -41.66
N PHE A 309 23.96 -22.78 -41.24
CA PHE A 309 25.22 -22.85 -41.97
C PHE A 309 26.06 -24.02 -41.48
N ASP A 310 26.73 -24.68 -42.41
CA ASP A 310 27.81 -25.59 -42.07
C ASP A 310 29.06 -24.75 -41.82
N VAL A 311 29.87 -25.15 -40.86
CA VAL A 311 30.88 -24.27 -40.30
C VAL A 311 32.14 -25.07 -40.04
N VAL A 312 33.30 -24.44 -40.25
CA VAL A 312 34.59 -25.06 -39.99
C VAL A 312 35.47 -24.09 -39.24
N MET A 313 36.07 -24.58 -38.13
CA MET A 313 37.15 -23.87 -37.47
C MET A 313 38.43 -24.69 -37.30
N ASN A 314 38.41 -26.00 -37.54
CA ASN A 314 39.63 -26.77 -37.32
C ASN A 314 40.71 -26.38 -38.32
N HIS A 315 40.33 -26.18 -39.58
CA HIS A 315 41.31 -26.11 -40.65
C HIS A 315 40.99 -24.98 -41.63
N THR A 316 42.00 -24.65 -42.41
CA THR A 316 41.91 -23.83 -43.60
C THR A 316 41.92 -24.73 -44.82
N GLY A 317 41.64 -24.18 -45.98
CA GLY A 317 41.78 -24.96 -47.20
C GLY A 317 43.24 -25.25 -47.52
N TYR A 318 43.45 -26.15 -48.49
CA TYR A 318 44.79 -26.42 -49.01
C TYR A 318 45.36 -25.23 -49.76
N ALA A 319 46.68 -25.17 -49.82
CA ALA A 319 47.36 -24.36 -50.82
C ALA A 319 47.05 -24.86 -52.23
N THR A 320 46.79 -23.93 -53.15
CA THR A 320 46.48 -24.31 -54.53
C THR A 320 47.20 -23.38 -55.49
N LEU A 321 47.47 -23.90 -56.69
CA LEU A 321 48.20 -23.11 -57.66
C LEU A 321 47.50 -21.78 -57.92
N ALA A 322 46.16 -21.80 -58.03
CA ALA A 322 45.44 -20.54 -58.28
C ALA A 322 45.67 -19.52 -57.17
N ASP A 323 45.62 -19.95 -55.90
CA ASP A 323 45.75 -18.99 -54.80
C ASP A 323 47.18 -18.49 -54.68
N MET A 324 48.15 -19.41 -54.74
CA MET A 324 49.55 -19.02 -54.76
C MET A 324 49.82 -17.95 -55.83
N GLN A 325 49.28 -18.14 -57.05
CA GLN A 325 49.49 -17.13 -58.08
C GLN A 325 48.76 -15.83 -57.73
N GLU A 326 47.54 -15.92 -57.20
CA GLU A 326 46.75 -14.71 -57.06
C GLU A 326 47.15 -13.87 -55.84
N TYR A 327 47.62 -14.50 -54.77
CA TYR A 327 47.92 -13.76 -53.55
C TYR A 327 49.40 -13.77 -53.22
N GLN A 328 50.23 -14.31 -54.11
CA GLN A 328 51.68 -14.15 -54.05
C GLN A 328 52.24 -14.76 -52.78
N PHE A 329 52.01 -16.06 -52.61
CA PHE A 329 52.56 -16.75 -51.45
C PHE A 329 53.11 -18.09 -51.90
N GLY A 330 53.76 -18.79 -50.99
CA GLY A 330 54.40 -20.05 -51.34
C GLY A 330 55.64 -19.86 -52.20
N ALA A 331 55.97 -20.90 -52.96
CA ALA A 331 57.19 -20.88 -53.76
C ALA A 331 57.19 -22.06 -54.72
N LEU A 332 57.84 -21.87 -55.86
CA LEU A 332 57.95 -22.88 -56.91
C LEU A 332 59.42 -23.25 -57.11
N TYR A 333 59.64 -24.43 -57.70
CA TYR A 333 60.99 -24.82 -58.13
C TYR A 333 61.42 -24.05 -59.37
N LEU A 334 60.47 -23.73 -60.24
CA LEU A 334 60.72 -23.05 -61.50
C LEU A 334 61.10 -21.59 -61.25
N SER A 335 61.99 -21.07 -62.07
CA SER A 335 62.42 -19.68 -61.89
C SER A 335 62.25 -18.92 -63.20
N GLY A 336 61.97 -17.63 -63.09
CA GLY A 336 61.92 -16.72 -64.21
C GLY A 336 61.00 -17.15 -65.35
N ASP A 337 61.61 -17.53 -66.48
CA ASP A 337 60.86 -17.90 -67.67
C ASP A 337 60.38 -19.34 -67.64
N GLU A 338 60.96 -20.17 -66.77
CA GLU A 338 60.51 -21.55 -66.62
C GLU A 338 59.09 -21.62 -66.04
N VAL A 339 58.77 -20.72 -65.09
CA VAL A 339 57.41 -20.61 -64.56
C VAL A 339 56.41 -20.51 -65.70
N LYS A 340 56.57 -19.48 -66.52
CA LYS A 340 55.69 -19.22 -67.65
C LYS A 340 55.73 -20.31 -68.73
N LYS A 341 56.86 -21.04 -68.84
CA LYS A 341 57.01 -22.08 -69.85
C LYS A 341 56.28 -23.38 -69.44
N SER A 342 56.30 -23.70 -68.15
CA SER A 342 55.71 -24.95 -67.64
C SER A 342 54.27 -24.77 -67.16
N LEU A 343 53.97 -23.65 -66.53
CA LEU A 343 52.70 -23.50 -65.82
C LEU A 343 51.61 -22.86 -66.65
N GLY A 344 51.95 -21.88 -67.49
CA GLY A 344 50.99 -21.12 -68.26
C GLY A 344 50.94 -19.69 -67.79
N GLU A 345 49.98 -18.93 -68.28
CA GLU A 345 49.82 -17.60 -67.78
C GLU A 345 49.02 -17.76 -66.52
N ARG A 346 48.15 -18.75 -66.49
CA ARG A 346 47.39 -19.05 -65.30
C ARG A 346 47.85 -20.40 -64.82
N TRP A 347 48.56 -20.41 -63.71
CA TRP A 347 49.13 -21.66 -63.20
C TRP A 347 48.05 -22.71 -62.96
N SER A 348 46.85 -22.28 -62.55
CA SER A 348 45.81 -23.23 -62.20
C SER A 348 45.37 -24.06 -63.39
N ASP A 349 45.61 -23.58 -64.62
CA ASP A 349 45.12 -24.23 -65.85
C ASP A 349 45.92 -25.47 -66.26
N TRP A 350 46.84 -25.95 -65.43
CA TRP A 350 47.68 -27.08 -65.76
C TRP A 350 46.87 -28.37 -65.87
N LYS A 351 47.32 -29.26 -66.76
CA LYS A 351 46.81 -30.63 -66.97
C LYS A 351 47.95 -31.63 -66.78
N PRO A 352 47.68 -32.80 -66.22
CA PRO A 352 48.72 -33.85 -66.19
C PRO A 352 49.23 -34.19 -67.58
N ALA A 353 50.55 -34.40 -67.67
CA ALA A 353 51.14 -34.87 -68.92
C ALA A 353 51.04 -36.39 -68.97
N ALA A 354 51.71 -36.97 -69.97
CA ALA A 354 51.74 -38.42 -70.16
C ALA A 354 52.36 -39.13 -68.95
N GLY A 355 51.62 -40.09 -68.37
CA GLY A 355 52.08 -40.84 -67.21
C GLY A 355 51.92 -40.12 -65.89
N GLN A 356 51.70 -38.82 -65.89
CA GLN A 356 51.42 -38.11 -64.66
C GLN A 356 49.98 -38.32 -64.23
N THR A 357 49.67 -37.92 -63.00
CA THR A 357 48.32 -37.90 -62.46
C THR A 357 48.06 -36.49 -61.94
N TRP A 358 46.85 -36.30 -61.42
CA TRP A 358 46.50 -34.98 -60.91
C TRP A 358 47.24 -34.62 -59.62
N HIS A 359 48.05 -35.51 -59.04
CA HIS A 359 48.91 -35.12 -57.93
C HIS A 359 50.26 -34.57 -58.39
N SER A 360 50.60 -34.73 -59.67
CA SER A 360 51.96 -34.45 -60.12
C SER A 360 52.30 -32.96 -60.13
N PHE A 361 51.30 -32.06 -60.10
CA PHE A 361 51.58 -30.63 -60.03
C PHE A 361 52.35 -30.28 -58.76
N ASN A 362 52.24 -31.11 -57.73
CA ASN A 362 53.02 -30.89 -56.51
C ASN A 362 54.52 -30.76 -56.81
N ASP A 363 54.99 -31.49 -57.81
CA ASP A 363 56.41 -31.50 -58.14
C ASP A 363 56.89 -30.21 -58.76
N TYR A 364 56.01 -29.25 -58.99
CA TYR A 364 56.49 -27.90 -59.26
C TYR A 364 56.56 -27.04 -58.01
N ILE A 365 55.97 -27.45 -56.89
CA ILE A 365 55.87 -26.61 -55.71
C ILE A 365 56.94 -27.00 -54.69
N ASN A 366 57.66 -26.00 -54.19
CA ASN A 366 58.67 -26.16 -53.15
C ASN A 366 58.01 -25.96 -51.81
N PHE A 367 57.58 -27.05 -51.18
CA PHE A 367 56.93 -26.90 -49.88
C PHE A 367 57.91 -26.68 -48.72
N SER A 368 59.22 -26.57 -48.96
CA SER A 368 60.16 -26.32 -47.87
C SER A 368 60.35 -24.86 -47.55
N ASP A 369 60.16 -23.99 -48.53
CA ASP A 369 60.78 -22.67 -48.53
C ASP A 369 60.19 -21.78 -47.43
N LYS A 370 61.08 -21.29 -46.54
CA LYS A 370 60.65 -20.51 -45.39
C LYS A 370 60.00 -19.19 -45.83
N THR A 371 60.78 -18.36 -46.53
CA THR A 371 60.31 -17.04 -46.91
C THR A 371 59.00 -17.11 -47.68
N GLY A 372 58.88 -17.98 -48.66
CA GLY A 372 57.64 -17.99 -49.42
C GLY A 372 56.40 -18.42 -48.69
N TRP A 373 56.53 -19.38 -47.80
CA TRP A 373 55.39 -19.90 -47.11
C TRP A 373 55.04 -19.14 -45.86
N ASP A 374 55.84 -18.18 -45.49
CA ASP A 374 55.52 -17.33 -44.36
C ASP A 374 54.62 -16.22 -44.85
N LYS A 375 54.46 -16.11 -46.15
CA LYS A 375 53.65 -15.07 -46.75
C LYS A 375 52.27 -15.58 -47.01
N TRP A 376 51.90 -16.66 -46.34
CA TRP A 376 50.59 -17.23 -46.47
C TRP A 376 49.46 -17.10 -45.49
N TRP A 377 49.48 -17.87 -44.42
CA TRP A 377 48.56 -17.70 -43.33
C TRP A 377 49.36 -17.07 -42.23
N GLY A 378 50.44 -17.73 -41.86
CA GLY A 378 51.30 -17.20 -40.85
C GLY A 378 51.56 -18.23 -39.82
N LYS A 379 52.74 -18.16 -39.23
CA LYS A 379 53.07 -19.10 -38.17
C LYS A 379 52.15 -18.98 -36.96
N ASN A 380 51.52 -17.84 -36.81
CA ASN A 380 50.63 -17.61 -35.70
C ASN A 380 49.24 -18.19 -35.95
N TRP A 381 48.93 -18.49 -37.19
CA TRP A 381 47.60 -18.98 -37.52
C TRP A 381 47.49 -20.49 -37.65
N ILE A 382 48.46 -21.16 -38.26
CA ILE A 382 48.30 -22.59 -38.48
C ILE A 382 49.55 -23.38 -38.07
N ARG A 383 49.34 -24.68 -37.89
CA ARG A 383 50.34 -25.73 -37.82
C ARG A 383 50.37 -26.48 -39.15
N THR A 384 51.57 -26.82 -39.64
CA THR A 384 51.69 -27.49 -40.94
C THR A 384 53.11 -27.96 -41.17
N ASP A 385 53.23 -29.02 -41.97
CA ASP A 385 54.54 -29.50 -42.43
C ASP A 385 55.16 -28.54 -43.42
N ILE A 386 54.36 -27.66 -44.01
CA ILE A 386 54.85 -26.74 -45.03
C ILE A 386 55.69 -25.65 -44.38
N GLY A 387 56.71 -25.18 -45.10
CA GLY A 387 57.51 -24.04 -44.66
C GLY A 387 58.19 -24.26 -43.32
N ASP A 388 58.21 -23.19 -42.53
CA ASP A 388 58.83 -23.18 -41.21
C ASP A 388 57.74 -22.91 -40.18
N TYR A 389 56.75 -23.79 -40.11
CA TYR A 389 55.64 -23.55 -39.18
C TYR A 389 55.61 -24.61 -38.10
N ASP A 390 55.07 -24.29 -36.94
CA ASP A 390 54.91 -25.35 -35.95
C ASP A 390 54.33 -26.55 -36.64
N ASN A 391 54.84 -27.67 -36.32
CA ASN A 391 54.43 -28.89 -36.96
C ASN A 391 53.17 -29.43 -36.31
N PRO A 392 52.39 -30.23 -37.04
CA PRO A 392 51.20 -30.87 -36.43
C PRO A 392 51.56 -31.76 -35.25
N GLY A 393 50.61 -31.91 -34.33
CA GLY A 393 50.74 -32.84 -33.23
C GLY A 393 50.14 -34.21 -33.55
N PHE A 394 50.15 -35.08 -32.54
CA PHE A 394 49.65 -36.44 -32.69
C PHE A 394 48.33 -36.68 -31.96
N ASP A 395 47.89 -35.77 -31.08
CA ASP A 395 46.55 -35.90 -30.51
C ASP A 395 45.50 -35.29 -31.43
N ASP A 396 44.22 -35.51 -31.06
CA ASP A 396 43.09 -35.08 -31.89
C ASP A 396 43.05 -33.57 -32.10
N LEU A 397 43.37 -32.77 -31.08
CA LEU A 397 43.15 -31.34 -31.19
C LEU A 397 44.14 -30.68 -32.15
N THR A 398 45.42 -31.04 -32.02
CA THR A 398 46.49 -30.46 -32.82
C THR A 398 46.90 -31.30 -34.04
N MET A 399 46.30 -32.47 -34.26
CA MET A 399 46.67 -33.18 -35.48
C MET A 399 46.09 -32.49 -36.73
N SER A 400 46.62 -32.90 -37.88
CA SER A 400 46.23 -32.45 -39.21
C SER A 400 45.48 -33.55 -39.92
N LEU A 401 44.22 -33.28 -40.31
CA LEU A 401 43.41 -34.24 -41.06
C LEU A 401 43.65 -34.03 -42.55
N ALA A 402 44.05 -35.10 -43.25
CA ALA A 402 44.19 -35.10 -44.71
C ALA A 402 45.11 -33.97 -45.18
N PHE A 403 46.13 -33.70 -44.36
CA PHE A 403 47.12 -32.66 -44.66
C PHE A 403 46.50 -31.28 -44.75
N LEU A 404 45.30 -31.09 -44.12
CA LEU A 404 44.74 -29.75 -44.01
C LEU A 404 45.41 -29.05 -42.84
N PRO A 405 45.69 -27.76 -43.01
CA PRO A 405 46.40 -27.12 -41.93
C PRO A 405 45.51 -26.87 -40.74
N ASP A 406 45.98 -27.19 -39.54
CA ASP A 406 45.20 -27.00 -38.34
C ASP A 406 45.36 -25.62 -37.76
N ILE A 407 44.25 -24.94 -37.60
CA ILE A 407 44.29 -23.62 -37.02
C ILE A 407 44.56 -23.66 -35.53
N LYS A 408 45.38 -22.74 -35.08
CA LYS A 408 45.78 -22.62 -33.68
C LYS A 408 44.67 -21.98 -32.85
N THR A 409 43.56 -22.72 -32.75
CA THR A 409 42.43 -22.23 -31.98
C THR A 409 42.80 -22.00 -30.52
N GLU A 410 43.70 -22.82 -29.95
CA GLU A 410 44.08 -22.67 -28.53
C GLU A 410 45.03 -21.49 -28.28
N SER A 411 45.71 -20.98 -29.30
CA SER A 411 46.62 -19.86 -29.11
C SER A 411 45.98 -18.73 -28.29
N THR A 412 46.73 -18.22 -27.31
CA THR A 412 46.24 -17.12 -26.48
C THR A 412 46.95 -15.81 -26.81
N THR A 413 47.64 -15.74 -27.93
CA THR A 413 48.48 -14.59 -28.25
C THR A 413 47.95 -13.92 -29.51
N ALA A 414 47.91 -12.59 -29.52
CA ALA A 414 47.34 -11.86 -30.63
C ALA A 414 48.14 -12.14 -31.89
N SER A 415 47.43 -12.41 -32.99
CA SER A 415 48.01 -12.95 -34.22
C SER A 415 48.03 -11.98 -35.39
N GLY A 416 47.13 -11.00 -35.42
CA GLY A 416 46.92 -10.20 -36.61
C GLY A 416 46.22 -11.01 -37.68
N LEU A 417 45.92 -10.34 -38.80
CA LEU A 417 45.36 -11.05 -39.94
C LEU A 417 46.34 -12.12 -40.45
N PRO A 418 45.80 -13.18 -41.12
CA PRO A 418 46.60 -14.00 -42.04
C PRO A 418 47.52 -13.15 -42.91
N VAL A 419 48.78 -13.57 -43.07
CA VAL A 419 49.70 -12.65 -43.72
C VAL A 419 49.26 -12.39 -45.16
N PHE A 420 48.72 -13.38 -45.85
CA PHE A 420 48.38 -13.21 -47.25
C PHE A 420 47.23 -12.28 -47.50
N TYR A 421 46.47 -11.98 -46.46
CA TYR A 421 45.40 -11.01 -46.66
C TYR A 421 45.95 -9.67 -47.07
N LYS A 422 47.22 -9.38 -46.76
CA LYS A 422 47.87 -8.18 -47.28
C LYS A 422 47.66 -8.01 -48.77
N ASN A 423 47.48 -9.12 -49.49
CA ASN A 423 47.37 -9.08 -50.95
C ASN A 423 45.96 -9.30 -51.46
N LYS A 424 45.00 -9.47 -50.56
CA LYS A 424 43.61 -9.76 -50.92
C LYS A 424 42.79 -8.51 -50.55
N MET A 425 42.60 -7.64 -51.54
CA MET A 425 42.04 -6.32 -51.28
C MET A 425 40.55 -6.37 -51.01
N ASP A 426 39.89 -7.47 -51.36
CA ASP A 426 38.45 -7.55 -51.30
C ASP A 426 37.96 -8.25 -50.03
N THR A 427 38.84 -8.43 -49.06
CA THR A 427 38.44 -9.08 -47.82
C THR A 427 37.74 -8.06 -46.94
N HIS A 428 36.80 -8.55 -46.14
CA HIS A 428 36.14 -7.73 -45.14
C HIS A 428 36.81 -7.84 -43.78
N ALA A 429 37.87 -8.64 -43.70
CA ALA A 429 38.58 -8.81 -42.43
C ALA A 429 39.40 -7.57 -42.11
N LYS A 430 39.43 -7.23 -40.83
CA LYS A 430 40.16 -6.08 -40.34
C LYS A 430 40.86 -6.50 -39.06
N ALA A 431 42.13 -6.15 -38.95
CA ALA A 431 42.85 -6.34 -37.69
C ALA A 431 42.07 -5.76 -36.51
N ILE A 432 42.14 -6.45 -35.38
CA ILE A 432 41.46 -6.02 -34.15
C ILE A 432 42.42 -6.30 -32.99
N ASP A 433 42.68 -5.27 -32.18
CA ASP A 433 43.78 -5.31 -31.21
C ASP A 433 43.59 -6.42 -30.21
N GLY A 434 44.58 -7.32 -30.15
CA GLY A 434 44.61 -8.38 -29.21
C GLY A 434 43.84 -9.63 -29.58
N TYR A 435 43.14 -9.65 -30.71
CA TYR A 435 42.46 -10.88 -31.10
C TYR A 435 43.45 -11.99 -31.47
N THR A 436 43.10 -13.21 -31.10
CA THR A 436 43.77 -14.44 -31.47
C THR A 436 43.07 -15.03 -32.70
N PRO A 437 43.64 -16.09 -33.32
CA PRO A 437 42.90 -16.76 -34.40
C PRO A 437 41.51 -17.17 -34.00
N ARG A 438 41.34 -17.73 -32.79
CA ARG A 438 40.01 -18.13 -32.37
C ARG A 438 39.08 -16.93 -32.32
N ASP A 439 39.53 -15.85 -31.70
CA ASP A 439 38.71 -14.64 -31.64
C ASP A 439 38.29 -14.19 -33.03
N TYR A 440 39.22 -14.24 -34.00
CA TYR A 440 38.86 -13.84 -35.35
C TYR A 440 37.79 -14.73 -35.92
N LEU A 441 37.96 -16.06 -35.81
CA LEU A 441 36.98 -16.97 -36.37
C LEU A 441 35.61 -16.75 -35.77
N THR A 442 35.54 -16.57 -34.44
CA THR A 442 34.20 -16.51 -33.85
C THR A 442 33.54 -15.18 -34.13
N HIS A 443 34.32 -14.11 -34.22
CA HIS A 443 33.77 -12.84 -34.70
C HIS A 443 33.27 -12.96 -36.14
N TRP A 444 34.10 -13.50 -37.03
CA TRP A 444 33.76 -13.62 -38.45
C TRP A 444 32.51 -14.48 -38.64
N LEU A 445 32.46 -15.62 -37.96
CA LEU A 445 31.27 -16.46 -38.08
C LEU A 445 30.05 -15.73 -37.57
N SER A 446 30.18 -15.03 -36.44
CA SER A 446 29.02 -14.37 -35.85
C SER A 446 28.46 -13.27 -36.71
N GLN A 447 29.30 -12.55 -37.45
CA GLN A 447 28.75 -11.47 -38.28
C GLN A 447 27.68 -11.96 -39.25
N TRP A 448 27.84 -13.15 -39.84
CA TRP A 448 26.80 -13.67 -40.73
C TRP A 448 25.46 -13.77 -40.01
N VAL A 449 25.50 -14.19 -38.74
CA VAL A 449 24.27 -14.34 -37.97
C VAL A 449 23.68 -12.98 -37.65
N ARG A 450 24.50 -12.08 -37.08
CA ARG A 450 24.07 -10.71 -36.81
C ARG A 450 23.52 -10.00 -38.04
N ASP A 451 24.05 -10.26 -39.25
CA ASP A 451 23.59 -9.52 -40.43
C ASP A 451 22.43 -10.20 -41.17
N TYR A 452 22.28 -11.51 -41.04
CA TYR A 452 21.25 -12.20 -41.83
C TYR A 452 20.23 -12.99 -41.03
N GLY A 453 20.42 -13.07 -39.72
CA GLY A 453 19.52 -13.91 -38.93
C GLY A 453 19.63 -15.40 -39.17
N ILE A 454 20.84 -15.93 -39.28
CA ILE A 454 20.99 -17.37 -39.37
C ILE A 454 20.53 -17.98 -38.05
N ASP A 455 19.82 -19.10 -38.13
CA ASP A 455 19.28 -19.77 -36.97
C ASP A 455 20.26 -20.73 -36.33
N GLY A 456 21.21 -21.26 -37.07
CA GLY A 456 22.11 -22.15 -36.37
C GLY A 456 23.35 -22.50 -37.17
N PHE A 457 24.22 -23.26 -36.50
CA PHE A 457 25.42 -23.82 -37.10
C PHE A 457 25.40 -25.32 -36.95
N ARG A 458 25.80 -26.01 -38.02
CA ARG A 458 26.30 -27.37 -37.94
C ARG A 458 27.82 -27.29 -38.04
N VAL A 459 28.51 -27.88 -37.08
CA VAL A 459 29.93 -27.65 -36.85
C VAL A 459 30.73 -28.86 -37.31
N ASP A 460 31.67 -28.63 -38.19
CA ASP A 460 32.45 -29.73 -38.73
C ASP A 460 33.64 -30.07 -37.82
N THR A 461 34.10 -31.32 -37.95
CA THR A 461 35.22 -31.87 -37.19
C THR A 461 35.35 -31.52 -35.73
N ALA A 462 34.23 -31.60 -34.99
CA ALA A 462 34.13 -31.01 -33.66
C ALA A 462 35.07 -31.68 -32.66
N LYS A 463 35.47 -32.95 -32.90
CA LYS A 463 36.45 -33.59 -32.02
C LYS A 463 37.82 -32.93 -32.06
N HIS A 464 38.16 -32.19 -33.10
CA HIS A 464 39.53 -31.76 -33.36
C HIS A 464 39.80 -30.30 -32.98
N VAL A 465 38.88 -29.68 -32.24
CA VAL A 465 39.04 -28.36 -31.66
C VAL A 465 38.60 -28.43 -30.20
N GLU A 466 39.34 -27.76 -29.33
CA GLU A 466 39.06 -27.79 -27.90
C GLU A 466 37.69 -27.18 -27.59
N LEU A 467 37.04 -27.74 -26.58
CA LEU A 467 35.64 -27.43 -26.31
C LEU A 467 35.35 -25.97 -25.92
N PRO A 468 36.18 -25.27 -25.14
CA PRO A 468 35.85 -23.86 -24.84
C PRO A 468 35.87 -22.96 -26.07
N ALA A 469 36.51 -23.42 -27.16
CA ALA A 469 36.42 -22.70 -28.44
C ALA A 469 35.03 -22.80 -29.05
N TRP A 470 34.44 -24.00 -29.03
CA TRP A 470 33.06 -24.09 -29.48
C TRP A 470 32.14 -23.29 -28.58
N GLN A 471 32.31 -23.41 -27.25
CA GLN A 471 31.50 -22.60 -26.37
C GLN A 471 31.61 -21.13 -26.72
N GLN A 472 32.82 -20.66 -27.03
CA GLN A 472 32.95 -19.25 -27.39
C GLN A 472 32.19 -18.93 -28.67
N LEU A 473 32.29 -19.83 -29.67
CA LEU A 473 31.55 -19.64 -30.91
C LEU A 473 30.08 -19.49 -30.62
N LYS A 474 29.55 -20.36 -29.75
CA LYS A 474 28.13 -20.37 -29.40
C LYS A 474 27.73 -19.11 -28.63
N THR A 475 28.55 -18.70 -27.66
CA THR A 475 28.33 -17.43 -26.98
C THR A 475 28.10 -16.31 -28.00
N GLU A 476 29.06 -16.13 -28.92
CA GLU A 476 28.96 -14.95 -29.77
C GLU A 476 27.87 -15.09 -30.82
N ALA A 477 27.63 -16.31 -31.33
CA ALA A 477 26.57 -16.50 -32.30
C ALA A 477 25.20 -16.25 -31.67
N SER A 478 25.00 -16.68 -30.42
CA SER A 478 23.72 -16.43 -29.76
C SER A 478 23.49 -14.94 -29.58
N ALA A 479 24.54 -14.21 -29.16
CA ALA A 479 24.36 -12.77 -29.04
C ALA A 479 24.03 -12.14 -30.40
N ALA A 480 24.64 -12.66 -31.47
CA ALA A 480 24.37 -12.13 -32.80
C ALA A 480 22.93 -12.37 -33.22
N LEU A 481 22.41 -13.56 -32.96
CA LEU A 481 21.03 -13.86 -33.37
C LEU A 481 20.02 -13.05 -32.57
N ARG A 482 20.18 -13.00 -31.22
CA ARG A 482 19.38 -12.10 -30.39
C ARG A 482 19.37 -10.68 -30.95
N GLU A 483 20.54 -10.18 -31.32
CA GLU A 483 20.69 -8.79 -31.76
C GLU A 483 19.98 -8.57 -33.11
N TRP A 484 20.07 -9.56 -34.02
CA TRP A 484 19.35 -9.49 -35.29
C TRP A 484 17.83 -9.51 -35.08
N LYS A 485 17.36 -10.42 -34.21
CA LYS A 485 15.92 -10.54 -33.96
C LYS A 485 15.35 -9.28 -33.33
N LYS A 486 16.12 -8.65 -32.42
CA LYS A 486 15.68 -7.36 -31.87
C LYS A 486 15.63 -6.30 -32.97
N ALA A 487 16.60 -6.32 -33.91
CA ALA A 487 16.56 -5.33 -34.97
C ALA A 487 15.50 -5.60 -36.03
N ASN A 488 14.91 -6.79 -36.04
CA ASN A 488 14.10 -7.28 -37.17
C ASN A 488 12.87 -7.99 -36.63
N PRO A 489 12.04 -7.30 -35.83
CA PRO A 489 10.89 -8.00 -35.22
C PRO A 489 9.90 -8.54 -36.24
N ASP A 490 9.89 -7.96 -37.45
CA ASP A 490 9.02 -8.42 -38.53
C ASP A 490 9.51 -9.69 -39.21
N LYS A 491 10.80 -10.01 -39.11
CA LYS A 491 11.35 -11.15 -39.83
C LYS A 491 11.58 -12.36 -38.93
N ALA A 492 11.73 -12.12 -37.63
CA ALA A 492 11.92 -13.19 -36.66
C ALA A 492 10.64 -13.99 -36.53
N LEU A 493 10.73 -15.30 -36.72
CA LEU A 493 9.55 -16.13 -36.54
C LEU A 493 9.18 -16.22 -35.07
N ASP A 494 10.17 -16.11 -34.19
CA ASP A 494 10.00 -16.40 -32.77
C ASP A 494 11.23 -15.88 -32.05
N ASP A 495 11.38 -16.27 -30.78
CA ASP A 495 12.46 -15.76 -29.93
C ASP A 495 13.48 -16.85 -29.62
N LYS A 496 13.37 -18.03 -30.25
CA LYS A 496 14.24 -19.15 -29.92
C LYS A 496 15.71 -18.75 -29.99
N PRO A 497 16.54 -19.24 -29.09
CA PRO A 497 17.99 -18.96 -29.17
C PRO A 497 18.62 -19.68 -30.35
N PHE A 498 19.83 -19.21 -30.68
CA PHE A 498 20.65 -19.86 -31.70
C PHE A 498 20.82 -21.36 -31.39
N TRP A 499 20.89 -22.17 -32.43
CA TRP A 499 20.99 -23.62 -32.28
C TRP A 499 22.32 -24.10 -32.87
N MET A 500 22.91 -25.11 -32.25
CA MET A 500 24.22 -25.58 -32.71
C MET A 500 24.38 -27.09 -32.55
N THR A 501 24.60 -27.75 -33.68
CA THR A 501 24.80 -29.18 -33.75
C THR A 501 26.21 -29.43 -34.25
N GLY A 502 26.68 -30.66 -34.10
CA GLY A 502 28.10 -30.91 -34.28
C GLY A 502 28.35 -32.31 -34.76
N GLU A 503 29.35 -32.43 -35.65
CA GLU A 503 29.82 -33.73 -36.12
C GLU A 503 31.06 -34.10 -35.33
N ALA A 504 30.92 -35.02 -34.39
CA ALA A 504 32.04 -35.66 -33.72
C ALA A 504 32.00 -37.11 -34.15
N TRP A 505 33.09 -37.61 -34.73
CA TRP A 505 32.99 -38.84 -35.52
C TRP A 505 32.51 -39.99 -34.66
N GLY A 506 31.44 -40.67 -35.08
CA GLY A 506 30.99 -41.86 -34.37
C GLY A 506 30.20 -41.61 -33.09
N HIS A 507 29.91 -40.36 -32.75
CA HIS A 507 29.05 -40.06 -31.61
C HIS A 507 27.75 -40.84 -31.74
N GLY A 508 27.14 -41.17 -30.61
CA GLY A 508 25.96 -41.99 -30.58
C GLY A 508 24.84 -41.29 -29.84
N VAL A 509 24.00 -42.09 -29.19
CA VAL A 509 22.89 -41.51 -28.46
C VAL A 509 23.25 -41.39 -26.97
N MET A 510 24.06 -40.37 -26.66
CA MET A 510 24.63 -40.06 -25.35
C MET A 510 24.64 -38.56 -25.13
N GLN A 511 24.33 -38.12 -23.90
CA GLN A 511 24.49 -36.70 -23.60
C GLN A 511 25.92 -36.48 -23.12
N SER A 512 26.84 -36.27 -24.06
CA SER A 512 28.27 -36.27 -23.79
C SER A 512 28.72 -34.87 -23.37
N ASP A 513 30.05 -34.74 -23.16
CA ASP A 513 30.64 -33.46 -22.76
C ASP A 513 30.25 -32.33 -23.69
N TYR A 514 30.04 -32.64 -24.98
CA TYR A 514 29.68 -31.61 -25.95
C TYR A 514 28.46 -30.79 -25.50
N TYR A 515 27.54 -31.42 -24.78
CA TYR A 515 26.33 -30.70 -24.38
C TYR A 515 26.67 -29.56 -23.42
N ARG A 516 27.66 -29.75 -22.56
CA ARG A 516 28.07 -28.72 -21.61
C ARG A 516 28.80 -27.56 -22.27
N HIS A 517 29.24 -27.68 -23.52
CA HIS A 517 30.08 -26.63 -24.08
C HIS A 517 29.49 -25.99 -25.33
N GLY A 518 28.16 -25.96 -25.44
CA GLY A 518 27.48 -25.07 -26.38
C GLY A 518 26.70 -25.78 -27.47
N PHE A 519 26.78 -27.12 -27.54
CA PHE A 519 26.09 -27.91 -28.55
C PHE A 519 24.71 -28.33 -28.05
N ASP A 520 23.68 -27.84 -28.72
CA ASP A 520 22.28 -28.22 -28.46
C ASP A 520 21.96 -29.64 -28.89
N ALA A 521 22.80 -30.29 -29.71
CA ALA A 521 22.56 -31.64 -30.24
C ALA A 521 23.76 -32.13 -31.05
N MET A 522 24.08 -33.41 -30.93
CA MET A 522 25.14 -33.95 -31.76
C MET A 522 24.57 -34.86 -32.84
N ILE A 523 25.31 -34.96 -33.94
CA ILE A 523 24.97 -35.89 -34.99
C ILE A 523 25.20 -37.32 -34.51
N ASN A 524 24.19 -38.17 -34.75
CA ASN A 524 24.07 -39.54 -34.26
C ASN A 524 24.57 -40.51 -35.32
N PHE A 525 25.74 -41.13 -35.11
CA PHE A 525 26.19 -41.99 -36.20
C PHE A 525 25.55 -43.36 -36.16
N ASP A 526 24.86 -43.73 -35.09
CA ASP A 526 24.48 -45.13 -34.92
C ASP A 526 23.17 -45.51 -35.60
N TYR A 527 22.48 -44.55 -36.16
CA TYR A 527 21.17 -44.82 -36.73
C TYR A 527 21.24 -45.47 -38.07
N GLN A 528 22.22 -45.10 -38.88
CA GLN A 528 22.36 -45.68 -40.20
C GLN A 528 22.29 -47.21 -40.14
N GLU A 529 23.10 -47.81 -39.27
CA GLU A 529 23.17 -49.28 -39.17
C GLU A 529 21.91 -49.84 -38.55
N GLN A 530 21.38 -49.16 -37.54
CA GLN A 530 20.11 -49.58 -36.94
C GLN A 530 19.01 -49.65 -38.01
N ALA A 531 18.98 -48.68 -38.93
CA ALA A 531 17.95 -48.67 -39.95
C ALA A 531 18.24 -49.67 -41.06
N ALA A 532 19.51 -49.86 -41.38
CA ALA A 532 19.87 -50.89 -42.35
C ALA A 532 19.43 -52.26 -41.88
N LYS A 533 19.48 -52.52 -40.56
CA LYS A 533 19.03 -53.81 -40.05
C LYS A 533 17.54 -54.01 -40.30
N ALA A 534 16.76 -52.95 -40.16
CA ALA A 534 15.30 -53.01 -40.22
C ALA A 534 14.77 -52.69 -41.60
N VAL A 535 15.53 -52.98 -42.65
CA VAL A 535 15.08 -52.67 -44.00
C VAL A 535 13.81 -53.46 -44.33
N ASP A 536 13.85 -54.76 -44.22
CA ASP A 536 12.68 -55.52 -44.57
C ASP A 536 11.76 -55.79 -43.38
N CYS A 537 11.90 -55.03 -42.30
CA CYS A 537 11.01 -55.19 -41.16
C CYS A 537 11.01 -53.97 -40.30
N LEU A 538 10.09 -53.08 -40.57
CA LEU A 538 10.06 -51.84 -39.83
C LEU A 538 10.04 -52.19 -38.36
N ALA A 539 9.35 -53.26 -38.01
CA ALA A 539 9.23 -53.54 -36.58
C ALA A 539 10.58 -53.60 -35.86
N GLN A 540 11.65 -54.03 -36.54
CA GLN A 540 12.92 -54.15 -35.81
C GLN A 540 13.40 -52.84 -35.21
N MET A 541 12.95 -51.69 -35.74
CA MET A 541 13.40 -50.43 -35.14
C MET A 541 12.94 -50.28 -33.70
N ASP A 542 11.92 -51.05 -33.29
CA ASP A 542 11.24 -50.85 -32.02
C ASP A 542 12.21 -50.64 -30.86
N THR A 543 13.11 -51.62 -30.65
CA THR A 543 14.12 -51.51 -29.59
C THR A 543 14.76 -50.14 -29.58
N THR A 544 15.45 -49.81 -30.68
CA THR A 544 16.09 -48.51 -30.81
C THR A 544 15.10 -47.39 -30.54
N TRP A 545 13.94 -47.45 -31.20
CA TRP A 545 12.93 -46.42 -31.01
C TRP A 545 12.49 -46.30 -29.56
N GLN A 546 12.36 -47.43 -28.83
CA GLN A 546 12.02 -47.29 -27.41
C GLN A 546 13.14 -46.55 -26.68
N GLN A 547 14.38 -47.04 -26.80
CA GLN A 547 15.47 -46.44 -26.05
C GLN A 547 15.62 -44.98 -26.39
N MET A 548 15.67 -44.68 -27.69
CA MET A 548 15.82 -43.30 -28.12
C MET A 548 14.69 -42.43 -27.57
N ALA A 549 13.46 -42.94 -27.54
CA ALA A 549 12.37 -42.10 -27.06
C ALA A 549 12.53 -41.80 -25.59
N GLU A 550 13.04 -42.78 -24.83
CA GLU A 550 13.26 -42.66 -23.39
C GLU A 550 14.38 -41.68 -23.13
N LYS A 551 15.59 -42.08 -23.54
CA LYS A 551 16.80 -41.28 -23.44
C LYS A 551 16.59 -39.82 -23.82
N LEU A 552 15.98 -39.58 -24.98
CA LEU A 552 15.89 -38.22 -25.50
C LEU A 552 14.77 -37.41 -24.85
N GLN A 553 14.18 -37.90 -23.75
CA GLN A 553 13.37 -36.99 -22.95
C GLN A 553 14.23 -35.90 -22.31
N GLY A 554 15.55 -36.15 -22.15
CA GLY A 554 16.47 -35.17 -21.57
C GLY A 554 17.44 -34.39 -22.46
N PHE A 555 17.51 -34.70 -23.75
CA PHE A 555 18.41 -34.02 -24.69
C PHE A 555 18.07 -34.47 -26.12
N ASN A 556 18.47 -33.66 -27.10
CA ASN A 556 18.21 -33.90 -28.51
C ASN A 556 19.44 -34.53 -29.18
N VAL A 557 19.20 -35.19 -30.32
CA VAL A 557 20.27 -35.56 -31.26
C VAL A 557 19.76 -35.38 -32.67
N LEU A 558 20.67 -35.56 -33.64
CA LEU A 558 20.34 -35.44 -35.06
C LEU A 558 20.72 -36.73 -35.78
N SER A 559 19.73 -37.45 -36.29
CA SER A 559 19.93 -38.80 -36.83
C SER A 559 19.69 -38.78 -38.33
N TYR A 560 20.34 -39.69 -39.05
CA TYR A 560 20.22 -39.67 -40.48
C TYR A 560 20.42 -41.03 -41.09
N LEU A 561 20.12 -41.12 -42.38
CA LEU A 561 20.35 -42.37 -43.11
C LEU A 561 21.55 -42.28 -44.05
N SER A 562 21.70 -41.11 -44.67
CA SER A 562 22.68 -40.85 -45.71
C SER A 562 23.62 -39.73 -45.24
N SER A 563 24.88 -39.82 -45.61
CA SER A 563 25.84 -38.81 -45.20
C SER A 563 26.81 -38.55 -46.33
N HIS A 564 27.43 -37.37 -46.30
CA HIS A 564 28.41 -37.01 -47.32
C HIS A 564 29.77 -37.64 -47.06
N ASP A 565 29.96 -38.22 -45.87
CA ASP A 565 31.23 -38.85 -45.52
C ASP A 565 31.00 -40.26 -44.96
N THR A 566 29.82 -40.86 -45.22
CA THR A 566 29.56 -42.27 -44.96
C THR A 566 29.11 -42.98 -46.27
N ARG A 567 27.82 -42.99 -46.56
CA ARG A 567 27.29 -43.61 -47.77
C ARG A 567 25.88 -43.09 -48.04
N LEU A 568 25.30 -43.48 -49.14
CA LEU A 568 23.91 -43.12 -49.41
C LEU A 568 23.02 -44.31 -49.13
N PHE A 569 21.99 -44.10 -48.33
CA PHE A 569 21.08 -45.17 -47.96
C PHE A 569 20.13 -45.36 -49.06
N ARG A 570 20.27 -46.48 -49.73
CA ARG A 570 19.42 -46.73 -50.86
C ARG A 570 18.77 -48.09 -50.82
N GLU A 571 19.00 -48.87 -49.76
CA GLU A 571 18.29 -50.14 -49.64
C GLU A 571 16.81 -49.80 -49.49
N GLY A 572 15.94 -50.79 -49.64
CA GLY A 572 14.55 -50.63 -49.26
C GLY A 572 13.73 -49.54 -49.92
N GLY A 573 14.31 -48.81 -50.88
CA GLY A 573 13.57 -47.79 -51.58
C GLY A 573 12.98 -46.77 -50.63
N ASP A 574 11.74 -46.40 -50.93
CA ASP A 574 11.10 -45.34 -50.16
C ASP A 574 10.77 -45.74 -48.72
N LYS A 575 10.92 -47.03 -48.35
CA LYS A 575 10.82 -47.39 -46.94
C LYS A 575 11.74 -46.50 -46.09
N ALA A 576 12.85 -46.04 -46.68
CA ALA A 576 13.74 -45.12 -45.99
C ALA A 576 12.95 -44.03 -45.28
N ALA A 577 11.93 -43.48 -45.96
CA ALA A 577 11.10 -42.44 -45.38
C ALA A 577 10.66 -42.78 -43.96
N GLU A 578 9.92 -43.89 -43.80
CA GLU A 578 9.43 -44.20 -42.45
C GLU A 578 10.55 -44.67 -41.54
N LEU A 579 11.59 -45.27 -42.10
CA LEU A 579 12.74 -45.60 -41.26
C LEU A 579 13.34 -44.34 -40.65
N LEU A 580 13.24 -43.19 -41.34
CA LEU A 580 13.90 -41.99 -40.85
C LEU A 580 12.95 -41.06 -40.11
N LEU A 581 11.82 -40.72 -40.72
CA LEU A 581 10.99 -39.63 -40.24
C LEU A 581 10.28 -39.97 -38.93
N LEU A 582 10.12 -41.26 -38.64
CA LEU A 582 9.60 -41.77 -37.36
C LEU A 582 10.65 -41.84 -36.27
N ALA A 583 11.84 -41.33 -36.50
CA ALA A 583 12.84 -41.41 -35.45
C ALA A 583 12.51 -40.41 -34.35
N PRO A 584 12.74 -40.76 -33.10
CA PRO A 584 12.79 -39.74 -32.04
C PRO A 584 14.01 -38.86 -32.23
N GLY A 585 13.86 -37.60 -31.85
CA GLY A 585 14.90 -36.60 -32.07
C GLY A 585 14.80 -35.97 -33.44
N ALA A 586 15.72 -35.02 -33.69
CA ALA A 586 15.75 -34.32 -34.97
C ALA A 586 16.36 -35.23 -36.03
N VAL A 587 15.81 -35.21 -37.25
CA VAL A 587 16.31 -36.05 -38.35
C VAL A 587 16.92 -35.21 -39.46
N GLN A 588 17.80 -35.85 -40.23
CA GLN A 588 18.54 -35.21 -41.28
C GLN A 588 18.29 -35.95 -42.58
N ILE A 589 17.49 -35.33 -43.44
CA ILE A 589 17.33 -35.80 -44.79
C ILE A 589 18.53 -35.30 -45.56
N PHE A 590 19.33 -36.22 -46.08
CA PHE A 590 20.38 -35.83 -47.02
C PHE A 590 19.72 -35.65 -48.38
N TYR A 591 20.06 -34.57 -49.07
CA TYR A 591 19.26 -34.18 -50.24
C TYR A 591 19.21 -35.33 -51.25
N GLY A 592 18.06 -35.48 -51.90
CA GLY A 592 17.89 -36.59 -52.80
C GLY A 592 17.56 -37.92 -52.13
N ASP A 593 17.54 -37.99 -50.78
CA ASP A 593 16.95 -39.17 -50.12
C ASP A 593 15.52 -39.39 -50.59
N GLU A 594 14.73 -38.32 -50.70
CA GLU A 594 13.34 -38.50 -51.07
C GLU A 594 13.17 -39.03 -52.48
N SER A 595 14.21 -38.93 -53.32
CA SER A 595 14.09 -39.30 -54.73
C SER A 595 15.10 -40.35 -55.16
N SER A 596 15.74 -41.05 -54.21
CA SER A 596 16.74 -42.08 -54.52
C SER A 596 17.79 -41.56 -55.51
N ARG A 597 18.24 -40.33 -55.27
CA ARG A 597 19.38 -39.78 -55.98
C ARG A 597 20.51 -40.81 -56.05
N PRO A 598 20.93 -41.22 -57.25
CA PRO A 598 22.02 -42.21 -57.35
C PRO A 598 23.36 -41.69 -56.85
N PHE A 599 24.13 -42.61 -56.25
CA PHE A 599 25.57 -42.43 -56.03
C PHE A 599 26.22 -42.05 -57.35
N GLY A 600 27.06 -41.01 -57.33
CA GLY A 600 27.59 -40.42 -58.55
C GLY A 600 28.98 -40.88 -58.93
N PRO A 601 29.60 -40.25 -59.97
CA PRO A 601 30.97 -40.65 -60.25
C PRO A 601 31.86 -40.45 -59.03
N THR A 602 32.87 -41.30 -58.87
CA THR A 602 33.70 -41.20 -57.67
C THR A 602 35.21 -41.33 -57.93
N GLY A 603 35.62 -41.90 -59.07
CA GLY A 603 37.06 -42.04 -59.25
C GLY A 603 37.68 -42.90 -58.18
N SER A 604 38.83 -42.45 -57.66
CA SER A 604 39.52 -43.16 -56.59
C SER A 604 39.39 -42.45 -55.26
N ASP A 605 38.37 -41.62 -55.09
CA ASP A 605 37.93 -41.20 -53.75
C ASP A 605 36.57 -41.82 -53.45
N PRO A 606 36.50 -42.79 -52.52
CA PRO A 606 35.24 -43.54 -52.32
C PRO A 606 34.07 -42.69 -51.87
N LEU A 607 34.30 -41.53 -51.23
CA LEU A 607 33.20 -40.71 -50.74
C LEU A 607 32.60 -39.80 -51.81
N GLN A 608 33.31 -39.59 -52.93
CA GLN A 608 32.91 -38.55 -53.88
C GLN A 608 31.50 -38.78 -54.45
N GLY A 609 31.18 -40.01 -54.83
CA GLY A 609 29.88 -40.29 -55.43
C GLY A 609 28.70 -39.94 -54.55
N THR A 610 28.91 -39.78 -53.23
CA THR A 610 27.81 -39.37 -52.36
C THR A 610 27.39 -37.93 -52.56
N ARG A 611 28.17 -37.13 -53.29
CA ARG A 611 27.90 -35.70 -53.43
C ARG A 611 27.37 -35.38 -54.83
N SER A 612 26.72 -36.33 -55.50
CA SER A 612 26.26 -36.18 -56.89
C SER A 612 25.09 -35.20 -57.02
N ASP A 613 24.80 -34.82 -58.27
CA ASP A 613 23.73 -33.90 -58.58
C ASP A 613 22.38 -34.38 -58.09
N MET A 614 21.59 -33.47 -57.55
CA MET A 614 20.16 -33.71 -57.36
C MET A 614 19.51 -34.15 -58.66
N ASN A 615 18.72 -35.22 -58.59
CA ASN A 615 18.14 -35.85 -59.78
C ASN A 615 16.75 -35.28 -60.08
N TRP A 616 16.74 -34.02 -60.52
CA TRP A 616 15.48 -33.30 -60.66
C TRP A 616 14.55 -33.96 -61.70
N GLN A 617 15.10 -34.48 -62.79
CA GLN A 617 14.27 -35.17 -63.77
C GLN A 617 13.49 -36.29 -63.11
N ASP A 618 14.15 -37.06 -62.24
CA ASP A 618 13.45 -38.14 -61.56
C ASP A 618 12.34 -37.62 -60.65
N VAL A 619 12.51 -36.43 -60.05
CA VAL A 619 11.61 -35.93 -59.00
C VAL A 619 10.16 -35.90 -59.46
N SER A 620 9.93 -35.52 -60.71
CA SER A 620 8.59 -35.49 -61.29
C SER A 620 8.31 -36.67 -62.23
N GLY A 621 9.30 -37.55 -62.44
CA GLY A 621 9.09 -38.76 -63.21
C GLY A 621 9.11 -40.04 -62.39
N LYS A 622 10.17 -40.83 -62.59
CA LYS A 622 10.29 -42.18 -62.04
C LYS A 622 10.22 -42.22 -60.52
N SER A 623 10.61 -41.12 -59.84
CA SER A 623 10.71 -41.05 -58.38
C SER A 623 9.59 -40.26 -57.73
N ALA A 624 8.64 -39.76 -58.54
CA ALA A 624 7.59 -38.89 -58.03
C ALA A 624 6.75 -39.57 -56.97
N ALA A 625 6.52 -40.89 -57.12
CA ALA A 625 5.84 -41.67 -56.09
C ALA A 625 6.67 -41.74 -54.80
N SER A 626 7.98 -42.01 -54.92
CA SER A 626 8.80 -41.96 -53.72
C SER A 626 8.67 -40.60 -53.03
N VAL A 627 8.72 -39.51 -53.81
CA VAL A 627 8.66 -38.18 -53.21
C VAL A 627 7.31 -37.96 -52.51
N ALA A 628 6.22 -38.43 -53.11
CA ALA A 628 4.91 -38.23 -52.48
C ALA A 628 4.80 -39.03 -51.19
N HIS A 629 5.39 -40.22 -51.16
CA HIS A 629 5.42 -41.02 -49.95
C HIS A 629 6.16 -40.30 -48.84
N TRP A 630 7.38 -39.86 -49.16
CA TRP A 630 8.13 -38.98 -48.25
C TRP A 630 7.32 -37.78 -47.81
N GLN A 631 6.63 -37.10 -48.74
CA GLN A 631 5.85 -35.92 -48.40
C GLN A 631 4.82 -36.23 -47.33
N LYS A 632 4.03 -37.29 -47.54
CA LYS A 632 2.98 -37.63 -46.58
C LYS A 632 3.58 -37.94 -45.19
N ILE A 633 4.58 -38.83 -45.14
CA ILE A 633 5.14 -39.19 -43.84
C ILE A 633 5.77 -37.98 -43.15
N SER A 634 6.43 -37.10 -43.91
CA SER A 634 7.13 -35.98 -43.31
C SER A 634 6.16 -34.91 -42.82
N GLN A 635 5.09 -34.65 -43.58
CA GLN A 635 4.04 -33.76 -43.07
C GLN A 635 3.42 -34.30 -41.79
N PHE A 636 3.19 -35.61 -41.72
CA PHE A 636 2.68 -36.20 -40.48
C PHE A 636 3.60 -35.87 -39.32
N ARG A 637 4.91 -36.07 -39.50
CA ARG A 637 5.88 -35.70 -38.46
C ARG A 637 5.81 -34.21 -38.10
N ALA A 638 5.84 -33.34 -39.11
CA ALA A 638 5.74 -31.90 -38.84
C ALA A 638 4.47 -31.56 -38.07
N ARG A 639 3.52 -32.45 -38.09
CA ARG A 639 2.22 -32.19 -37.54
C ARG A 639 2.07 -32.71 -36.11
N HIS A 640 2.99 -33.55 -35.65
CA HIS A 640 2.92 -34.10 -34.30
C HIS A 640 4.27 -34.14 -33.57
N PRO A 641 4.56 -33.14 -32.69
CA PRO A 641 5.80 -33.18 -31.89
C PRO A 641 5.96 -34.43 -31.03
N ALA A 642 4.87 -35.19 -30.88
CA ALA A 642 4.99 -36.50 -30.24
C ALA A 642 5.96 -37.42 -30.98
N ILE A 643 6.08 -37.28 -32.31
CA ILE A 643 6.94 -38.19 -33.06
C ILE A 643 8.40 -38.01 -32.63
N GLY A 644 8.85 -36.76 -32.52
CA GLY A 644 10.25 -36.50 -32.28
C GLY A 644 10.59 -36.33 -30.81
N ALA A 645 9.59 -36.04 -29.99
CA ALA A 645 9.86 -35.70 -28.61
C ALA A 645 9.04 -36.50 -27.60
N GLY A 646 8.01 -37.24 -28.03
CA GLY A 646 7.16 -37.93 -27.09
C GLY A 646 7.79 -39.18 -26.51
N LYS A 647 7.18 -39.65 -25.42
CA LYS A 647 7.47 -40.96 -24.86
C LYS A 647 6.69 -42.01 -25.64
N GLN A 648 7.27 -43.21 -25.75
CA GLN A 648 6.70 -44.28 -26.56
C GLN A 648 6.25 -45.50 -25.75
N THR A 649 5.00 -45.90 -25.95
CA THR A 649 4.47 -47.17 -25.46
C THR A 649 4.22 -48.09 -26.65
N THR A 650 4.90 -49.24 -26.69
CA THR A 650 4.68 -50.16 -27.81
C THR A 650 3.44 -51.02 -27.53
N LEU A 651 2.51 -51.01 -28.48
CA LEU A 651 1.26 -51.75 -28.41
C LEU A 651 1.47 -53.22 -28.69
N LEU A 652 0.58 -54.07 -28.14
CA LEU A 652 0.48 -55.47 -28.55
C LEU A 652 -0.80 -55.60 -29.37
N LEU A 653 -0.65 -56.03 -30.60
CA LEU A 653 -1.79 -56.11 -31.50
C LEU A 653 -1.96 -57.54 -32.01
N LYS A 654 -3.17 -57.82 -32.50
CA LYS A 654 -3.47 -59.13 -33.05
C LYS A 654 -2.77 -59.35 -34.39
N GLN A 655 -2.52 -58.27 -35.13
CA GLN A 655 -1.79 -58.37 -36.40
C GLN A 655 -0.87 -57.16 -36.49
N GLY A 656 0.43 -57.44 -36.63
CA GLY A 656 1.41 -56.43 -37.00
C GLY A 656 2.24 -55.87 -35.86
N TYR A 657 2.70 -54.64 -36.07
CA TYR A 657 3.51 -53.85 -35.15
C TYR A 657 2.87 -52.49 -34.97
N GLY A 658 3.10 -51.87 -33.83
CA GLY A 658 2.52 -50.53 -33.62
C GLY A 658 3.02 -49.92 -32.34
N PHE A 659 2.78 -48.61 -32.22
CA PHE A 659 3.17 -47.90 -31.00
C PHE A 659 2.37 -46.60 -30.86
N VAL A 660 2.45 -46.05 -29.66
CA VAL A 660 1.88 -44.76 -29.30
C VAL A 660 3.01 -43.84 -28.86
N ARG A 661 3.00 -42.62 -29.35
CA ARG A 661 3.90 -41.57 -28.87
C ARG A 661 3.02 -40.50 -28.25
N GLU A 662 3.46 -39.97 -27.12
CA GLU A 662 2.68 -38.92 -26.47
C GLU A 662 3.62 -37.86 -25.90
N HIS A 663 3.28 -36.60 -26.13
CA HIS A 663 4.10 -35.50 -25.70
C HIS A 663 3.19 -34.31 -25.54
N GLY A 664 3.26 -33.65 -24.39
CA GLY A 664 2.33 -32.56 -24.12
C GLY A 664 0.91 -33.06 -24.25
N ASP A 665 0.12 -32.30 -25.00
CA ASP A 665 -1.26 -32.64 -25.32
C ASP A 665 -1.40 -33.24 -26.72
N ASP A 666 -0.39 -33.97 -27.18
CA ASP A 666 -0.35 -34.51 -28.54
C ASP A 666 -0.06 -36.01 -28.49
N LYS A 667 -0.97 -36.82 -29.04
CA LYS A 667 -0.84 -38.27 -29.06
C LYS A 667 -0.91 -38.78 -30.51
N VAL A 668 -0.02 -39.68 -30.88
CA VAL A 668 -0.15 -40.34 -32.17
C VAL A 668 -0.05 -41.84 -31.97
N LEU A 669 -0.68 -42.56 -32.90
CA LEU A 669 -0.61 -44.01 -32.93
C LEU A 669 -0.15 -44.41 -34.32
N VAL A 670 0.95 -45.15 -34.40
CA VAL A 670 1.54 -45.51 -35.67
C VAL A 670 1.51 -47.03 -35.76
N VAL A 671 0.90 -47.56 -36.81
CA VAL A 671 0.75 -49.00 -36.97
C VAL A 671 1.32 -49.43 -38.31
N TRP A 672 2.17 -50.45 -38.28
CA TRP A 672 2.65 -51.12 -39.48
C TRP A 672 2.00 -52.50 -39.54
N ALA A 673 1.37 -52.80 -40.68
CA ALA A 673 0.70 -54.09 -40.87
C ALA A 673 1.66 -55.27 -40.87
N GLY A 674 2.50 -55.40 -41.89
CA GLY A 674 3.41 -56.52 -41.96
C GLY A 674 3.94 -56.73 -43.36
N GLN A 675 4.77 -57.77 -43.51
CA GLN A 675 5.41 -58.01 -44.79
C GLN A 675 4.38 -58.44 -45.84
N GLN A 676 4.39 -57.76 -46.99
CA GLN A 676 3.42 -58.05 -48.05
C GLN A 676 2.02 -57.60 -47.63
N GLU B 120 44.63 -35.75 -4.93
CA GLU B 120 43.96 -34.81 -5.80
C GLU B 120 44.15 -33.42 -5.27
N CYS B 121 44.10 -33.26 -3.96
CA CYS B 121 44.19 -31.92 -3.42
C CYS B 121 45.61 -31.52 -3.13
N PRO B 122 45.99 -30.34 -3.61
CA PRO B 122 47.34 -29.86 -3.38
C PRO B 122 47.69 -29.78 -1.93
N LYS B 123 48.87 -30.25 -1.56
CA LYS B 123 49.35 -30.15 -0.19
C LYS B 123 50.35 -29.00 -0.10
N TRP B 124 50.33 -28.27 1.01
CA TRP B 124 51.19 -27.10 1.16
C TRP B 124 52.00 -27.22 2.44
N ASP B 125 53.32 -27.12 2.30
CA ASP B 125 54.25 -27.25 3.41
C ASP B 125 54.29 -26.00 4.29
N GLY B 126 53.48 -24.98 3.99
CA GLY B 126 53.42 -23.77 4.78
C GLY B 126 54.51 -22.75 4.48
N LEU B 127 55.54 -23.11 3.75
CA LEU B 127 56.64 -22.22 3.45
C LEU B 127 56.24 -21.28 2.33
N PRO B 128 57.05 -20.22 2.05
CA PRO B 128 56.68 -19.30 0.96
C PRO B 128 56.42 -19.96 -0.40
N LEU B 129 55.77 -19.20 -1.27
CA LEU B 129 55.29 -19.70 -2.55
C LEU B 129 56.04 -19.02 -3.66
N THR B 130 56.48 -19.82 -4.61
CA THR B 130 57.06 -19.31 -5.84
C THR B 130 56.04 -19.49 -6.95
N VAL B 131 55.66 -18.39 -7.57
CA VAL B 131 54.61 -18.38 -8.57
C VAL B 131 55.21 -17.88 -9.88
N ASP B 132 55.02 -18.67 -10.92
CA ASP B 132 55.39 -18.31 -12.28
C ASP B 132 54.35 -17.33 -12.79
N VAL B 133 54.76 -16.08 -12.96
CA VAL B 133 53.86 -15.01 -13.34
C VAL B 133 54.02 -14.63 -14.82
N SER B 134 55.12 -15.05 -15.46
CA SER B 134 55.60 -14.47 -16.72
C SER B 134 54.51 -14.29 -17.77
N ALA B 135 53.59 -15.25 -17.87
CA ALA B 135 52.52 -15.13 -18.88
C ALA B 135 51.53 -14.02 -18.57
N THR B 136 51.67 -13.35 -17.43
CA THR B 136 50.60 -12.50 -16.89
C THR B 136 51.06 -11.09 -16.57
N PHE B 137 52.10 -10.93 -15.74
CA PHE B 137 52.60 -9.61 -15.39
C PHE B 137 54.03 -9.42 -15.91
N PRO B 138 54.30 -8.34 -16.63
CA PRO B 138 55.62 -8.15 -17.24
C PRO B 138 56.75 -8.00 -16.22
N GLU B 139 57.98 -8.15 -16.72
CA GLU B 139 59.18 -8.05 -15.89
C GLU B 139 59.31 -6.63 -15.33
N GLY B 140 59.81 -6.53 -14.10
CA GLY B 140 59.95 -5.26 -13.43
C GLY B 140 58.67 -4.69 -12.83
N ALA B 141 57.51 -5.23 -13.19
CA ALA B 141 56.24 -4.70 -12.72
C ALA B 141 55.98 -5.09 -11.26
N ALA B 142 55.37 -4.16 -10.53
CA ALA B 142 55.02 -4.37 -9.14
C ALA B 142 53.70 -5.13 -9.07
N VAL B 143 53.65 -6.14 -8.19
CA VAL B 143 52.49 -7.02 -8.05
C VAL B 143 52.11 -7.04 -6.58
N ARG B 144 50.85 -6.72 -6.29
CA ARG B 144 50.33 -6.72 -4.93
C ARG B 144 49.52 -7.97 -4.72
N ASP B 145 49.83 -8.68 -3.63
CA ASP B 145 48.86 -9.59 -2.99
C ASP B 145 47.92 -8.76 -2.16
N TYR B 146 46.69 -8.58 -2.63
CA TYR B 146 45.79 -7.67 -1.92
C TYR B 146 45.53 -8.10 -0.48
N TYR B 147 45.53 -9.40 -0.21
CA TYR B 147 45.20 -9.86 1.14
C TYR B 147 46.23 -9.39 2.15
N SER B 148 47.48 -9.83 1.96
CA SER B 148 48.55 -9.49 2.89
C SER B 148 49.05 -8.05 2.72
N GLN B 149 48.75 -7.40 1.59
CA GLN B 149 49.23 -6.09 1.19
C GLN B 149 50.74 -6.06 0.88
N GLN B 150 51.42 -7.20 0.91
CA GLN B 150 52.77 -7.30 0.39
C GLN B 150 52.84 -6.91 -1.09
N ILE B 151 54.00 -6.40 -1.50
CA ILE B 151 54.29 -6.11 -2.91
C ILE B 151 55.60 -6.79 -3.30
N ALA B 152 55.57 -7.50 -4.41
CA ALA B 152 56.77 -8.14 -4.94
C ALA B 152 56.99 -7.64 -6.35
N ILE B 153 58.27 -7.61 -6.75
CA ILE B 153 58.68 -7.18 -8.08
C ILE B 153 58.93 -8.44 -8.91
N VAL B 154 58.39 -8.45 -10.13
CA VAL B 154 58.56 -9.62 -11.00
C VAL B 154 60.00 -9.68 -11.49
N LYS B 155 60.71 -10.75 -11.13
CA LYS B 155 62.10 -10.93 -11.55
C LYS B 155 62.31 -12.38 -11.93
N ASN B 156 62.79 -12.59 -13.17
CA ASN B 156 62.86 -13.89 -13.82
C ASN B 156 61.48 -14.49 -13.98
N GLY B 157 60.50 -13.61 -14.22
CA GLY B 157 59.11 -14.02 -14.35
C GLY B 157 58.56 -14.75 -13.16
N GLN B 158 59.15 -14.62 -11.99
CA GLN B 158 58.55 -15.28 -10.85
C GLN B 158 58.37 -14.28 -9.72
N ILE B 159 57.60 -14.71 -8.70
CA ILE B 159 57.42 -13.96 -7.46
C ILE B 159 57.37 -14.94 -6.29
N MET B 160 57.90 -14.52 -5.14
CA MET B 160 57.92 -15.38 -3.96
C MET B 160 57.26 -14.67 -2.79
N LEU B 161 56.09 -15.17 -2.36
CA LEU B 161 55.32 -14.54 -1.28
C LEU B 161 54.82 -15.57 -0.28
N GLN B 162 54.81 -15.17 0.99
CA GLN B 162 54.14 -15.92 2.05
C GLN B 162 52.70 -15.44 2.15
N PRO B 163 51.71 -16.29 1.90
CA PRO B 163 50.32 -15.89 2.17
C PRO B 163 50.18 -15.58 3.65
N ALA B 164 49.41 -14.55 3.97
CA ALA B 164 49.21 -14.19 5.36
C ALA B 164 48.51 -15.31 6.13
N ALA B 165 48.67 -15.26 7.44
CA ALA B 165 48.13 -16.32 8.30
C ALA B 165 46.62 -16.44 8.16
N THR B 166 45.89 -15.33 8.24
CA THR B 166 44.45 -15.51 8.22
C THR B 166 43.88 -15.81 6.83
N SER B 167 44.67 -15.69 5.76
CA SER B 167 44.24 -16.15 4.45
C SER B 167 44.08 -17.65 4.58
N ASN B 168 43.64 -18.34 3.56
CA ASN B 168 43.79 -19.78 3.62
C ASN B 168 44.66 -20.15 2.44
N GLY B 169 45.95 -19.85 2.58
CA GLY B 169 46.91 -19.94 1.49
C GLY B 169 46.51 -19.16 0.26
N LEU B 170 45.87 -18.02 0.42
CA LEU B 170 45.48 -17.23 -0.74
C LEU B 170 46.44 -16.09 -1.02
N LEU B 171 46.88 -16.02 -2.26
CA LEU B 171 47.44 -14.81 -2.83
C LEU B 171 46.41 -14.25 -3.81
N LEU B 172 46.06 -12.99 -3.62
CA LEU B 172 45.14 -12.28 -4.51
C LEU B 172 45.97 -11.26 -5.29
N LEU B 173 46.51 -11.69 -6.42
CA LEU B 173 47.53 -10.95 -7.17
C LEU B 173 46.91 -9.99 -8.18
N GLU B 174 47.27 -8.71 -8.03
CA GLU B 174 46.85 -7.59 -8.88
C GLU B 174 48.06 -6.72 -9.22
N ARG B 175 47.88 -5.85 -10.20
CA ARG B 175 48.88 -4.84 -10.48
C ARG B 175 48.88 -3.82 -9.34
N ALA B 176 50.06 -3.58 -8.76
CA ALA B 176 50.17 -2.70 -7.60
C ALA B 176 49.70 -1.29 -7.86
N GLU B 177 49.43 -0.91 -9.10
CA GLU B 177 49.04 0.46 -9.40
C GLU B 177 47.54 0.69 -9.26
N THR B 178 46.75 -0.34 -8.95
CA THR B 178 45.30 -0.16 -8.94
C THR B 178 44.89 0.54 -7.64
N ASP B 179 44.22 1.69 -7.78
CA ASP B 179 43.92 2.59 -6.67
C ASP B 179 42.70 2.15 -5.87
N THR B 180 41.52 2.28 -6.47
CA THR B 180 40.23 2.15 -5.79
C THR B 180 39.45 1.00 -6.40
N SER B 181 38.15 0.96 -6.11
CA SER B 181 37.26 -0.05 -6.65
C SER B 181 36.82 0.34 -8.07
N ALA B 182 36.41 -0.67 -8.83
CA ALA B 182 36.02 -0.52 -10.22
C ALA B 182 34.63 0.09 -10.35
N PRO B 183 34.32 0.70 -11.49
CA PRO B 183 32.94 1.13 -11.75
C PRO B 183 32.02 -0.04 -11.58
N PHE B 184 30.82 0.22 -11.06
CA PHE B 184 29.88 -0.85 -10.81
C PHE B 184 29.48 -1.59 -12.10
N ASP B 185 29.32 -2.91 -11.99
CA ASP B 185 28.84 -3.71 -13.10
C ASP B 185 28.01 -4.86 -12.54
N TRP B 186 26.75 -4.99 -12.98
CA TRP B 186 25.92 -6.10 -12.50
C TRP B 186 26.58 -7.45 -12.73
N HIS B 187 27.53 -7.55 -13.65
CA HIS B 187 28.11 -8.86 -13.89
C HIS B 187 29.20 -9.16 -12.87
N ASN B 188 29.60 -8.17 -12.07
CA ASN B 188 30.58 -8.35 -11.01
C ASN B 188 29.95 -8.15 -9.64
N ALA B 189 28.66 -7.89 -9.58
CA ALA B 189 28.01 -7.37 -8.38
C ALA B 189 28.19 -8.29 -7.17
N THR B 190 28.17 -7.67 -5.98
CA THR B 190 28.11 -8.40 -4.72
C THR B 190 26.83 -7.92 -4.04
N VAL B 191 25.79 -8.74 -4.14
CA VAL B 191 24.47 -8.43 -3.59
C VAL B 191 24.40 -8.99 -2.19
N TYR B 192 24.02 -8.14 -1.25
CA TYR B 192 23.76 -8.54 0.12
C TYR B 192 22.24 -8.65 0.28
N PHE B 193 21.76 -9.85 0.58
CA PHE B 193 20.33 -10.12 0.77
C PHE B 193 19.97 -10.04 2.24
N VAL B 194 19.13 -9.08 2.62
CA VAL B 194 18.70 -8.92 4.00
C VAL B 194 17.20 -9.14 4.14
N LEU B 195 16.83 -9.85 5.21
CA LEU B 195 15.48 -9.78 5.75
C LEU B 195 15.45 -8.65 6.76
N THR B 196 14.73 -7.57 6.43
CA THR B 196 14.89 -6.34 7.20
C THR B 196 14.52 -6.52 8.65
N ASP B 197 13.42 -7.24 8.93
CA ASP B 197 12.97 -7.42 10.30
C ASP B 197 14.02 -8.09 11.17
N ARG B 198 14.99 -8.76 10.56
CA ARG B 198 15.88 -9.60 11.34
C ARG B 198 17.28 -9.04 11.35
N PHE B 199 17.43 -7.79 10.93
CA PHE B 199 18.76 -7.23 10.74
C PHE B 199 19.06 -6.20 11.82
N GLU B 200 18.49 -5.00 11.74
CA GLU B 200 18.82 -3.97 12.70
C GLU B 200 17.61 -3.11 13.02
N ASN B 201 17.33 -2.98 14.32
CA ASN B 201 16.18 -2.21 14.79
C ASN B 201 16.65 -0.78 15.07
N GLY B 202 16.38 0.12 14.13
CA GLY B 202 16.76 1.49 14.33
C GLY B 202 15.69 2.33 14.95
N ASP B 203 14.47 1.80 15.04
CA ASP B 203 13.31 2.45 15.64
C ASP B 203 12.47 1.42 16.39
N PRO B 204 12.47 1.44 17.73
CA PRO B 204 11.62 0.48 18.47
C PRO B 204 10.17 0.92 18.59
N SER B 205 9.83 2.13 18.16
CA SER B 205 8.46 2.61 18.24
C SER B 205 7.56 1.90 17.24
N ASN B 206 8.11 1.33 16.16
CA ASN B 206 7.29 0.67 15.14
C ASN B 206 7.26 -0.84 15.27
N ASP B 207 7.88 -1.39 16.28
CA ASP B 207 8.02 -2.83 16.38
C ASP B 207 6.75 -3.66 16.52
N GLN B 208 5.63 -3.02 16.86
CA GLN B 208 4.39 -3.75 17.01
C GLN B 208 3.25 -3.03 16.31
N SER B 209 3.32 -2.94 14.98
CA SER B 209 2.31 -2.22 14.29
C SER B 209 1.07 -3.07 14.09
N TYR B 210 -0.06 -2.41 13.95
CA TYR B 210 -1.31 -3.11 13.70
C TYR B 210 -1.66 -4.12 14.79
N GLY B 211 -1.18 -3.91 16.03
CA GLY B 211 -1.49 -4.84 17.09
C GLY B 211 -0.66 -6.10 17.16
N ARG B 212 0.45 -6.18 16.41
CA ARG B 212 1.32 -7.36 16.39
C ARG B 212 2.03 -7.57 17.74
N HIS B 213 2.21 -8.84 18.13
CA HIS B 213 2.83 -9.14 19.43
C HIS B 213 4.01 -10.08 19.25
N LYS B 214 5.04 -9.92 20.09
CA LYS B 214 5.97 -11.02 20.32
C LYS B 214 5.16 -12.19 20.87
N ASP B 215 5.64 -13.41 20.59
CA ASP B 215 4.98 -14.54 21.24
C ASP B 215 5.45 -14.97 22.62
N GLY B 216 6.56 -14.43 23.13
CA GLY B 216 6.98 -14.73 24.47
C GLY B 216 7.31 -16.21 24.60
N MET B 217 7.78 -16.82 23.50
CA MET B 217 8.27 -18.19 23.50
C MET B 217 9.69 -18.45 23.06
N ALA B 218 9.91 -18.58 21.74
CA ALA B 218 11.20 -18.47 21.05
C ALA B 218 11.14 -17.52 19.86
N GLU B 219 9.99 -16.89 19.59
CA GLU B 219 9.90 -15.82 18.61
C GLU B 219 10.27 -16.32 17.23
N ILE B 220 9.84 -17.54 16.88
CA ILE B 220 10.24 -18.12 15.61
C ILE B 220 9.68 -17.31 14.43
N GLY B 221 8.39 -16.98 14.46
CA GLY B 221 7.79 -16.31 13.34
C GLY B 221 7.17 -14.94 13.59
N THR B 222 7.61 -14.22 14.61
CA THR B 222 7.08 -12.89 14.90
C THR B 222 7.98 -11.83 14.28
N PHE B 223 7.51 -10.57 14.22
CA PHE B 223 8.45 -9.53 13.84
C PHE B 223 9.43 -9.33 14.99
N HIS B 224 10.71 -9.24 14.68
CA HIS B 224 11.65 -8.93 15.74
C HIS B 224 11.94 -7.44 15.86
N GLY B 225 11.61 -6.63 14.84
CA GLY B 225 11.74 -5.20 14.98
C GLY B 225 12.68 -4.52 14.03
N GLY B 226 13.44 -5.27 13.23
CA GLY B 226 14.30 -4.64 12.24
C GLY B 226 13.50 -3.83 11.24
N ASP B 227 14.08 -2.74 10.76
CA ASP B 227 13.33 -1.71 10.06
C ASP B 227 14.31 -0.97 9.17
N LEU B 228 13.82 -0.09 8.29
CA LEU B 228 14.68 0.55 7.30
C LEU B 228 15.67 1.58 7.79
N ARG B 229 15.48 2.07 8.99
CA ARG B 229 16.42 3.00 9.57
C ARG B 229 17.57 2.26 10.15
N GLY B 230 17.30 1.10 10.72
CA GLY B 230 18.33 0.32 11.30
C GLY B 230 19.19 -0.16 10.20
N LEU B 231 18.57 -0.57 9.10
CA LEU B 231 19.33 -1.02 7.95
C LEU B 231 20.27 0.06 7.48
N THR B 232 19.76 1.28 7.33
CA THR B 232 20.58 2.40 6.88
C THR B 232 21.78 2.60 7.80
N ASN B 233 21.54 2.60 9.11
CA ASN B 233 22.62 2.81 10.07
C ASN B 233 23.76 1.81 9.86
N LYS B 234 23.53 0.80 9.03
CA LYS B 234 24.54 -0.23 8.82
C LYS B 234 25.22 -0.13 7.45
N LEU B 235 25.02 0.98 6.72
CA LEU B 235 25.54 1.04 5.36
C LEU B 235 27.06 1.08 5.33
N ASP B 236 27.71 1.75 6.28
CA ASP B 236 29.17 1.81 6.22
C ASP B 236 29.78 0.44 6.51
N TYR B 237 29.14 -0.35 7.38
CA TYR B 237 29.49 -1.74 7.54
C TYR B 237 29.38 -2.47 6.22
N LEU B 238 28.25 -2.31 5.54
CA LEU B 238 28.06 -3.02 4.29
C LEU B 238 29.11 -2.63 3.28
N GLN B 239 29.39 -1.32 3.14
CA GLN B 239 30.32 -0.99 2.06
C GLN B 239 31.73 -1.42 2.43
N GLN B 240 32.07 -1.42 3.72
CA GLN B 240 33.35 -2.05 4.07
C GLN B 240 33.38 -3.49 3.65
N LEU B 241 32.22 -4.10 3.44
CA LEU B 241 32.14 -5.49 3.09
C LEU B 241 32.15 -5.67 1.59
N GLY B 242 32.37 -4.59 0.85
CA GLY B 242 32.39 -4.68 -0.60
C GLY B 242 31.03 -4.87 -1.22
N VAL B 243 29.95 -4.82 -0.43
CA VAL B 243 28.61 -4.86 -0.98
C VAL B 243 28.39 -3.67 -1.90
N ASN B 244 27.80 -3.92 -3.06
CA ASN B 244 27.43 -2.85 -3.97
C ASN B 244 26.03 -3.02 -4.52
N ALA B 245 25.31 -4.07 -4.12
CA ALA B 245 23.86 -4.07 -4.27
C ALA B 245 23.22 -4.61 -2.99
N LEU B 246 22.12 -4.02 -2.57
CA LEU B 246 21.45 -4.42 -1.34
C LEU B 246 20.04 -4.83 -1.70
N TRP B 247 19.74 -6.13 -1.53
CA TRP B 247 18.42 -6.67 -1.79
C TRP B 247 17.69 -6.80 -0.48
N ILE B 248 16.56 -6.11 -0.38
CA ILE B 248 15.82 -6.07 0.88
C ILE B 248 14.53 -6.82 0.70
N SER B 249 14.10 -7.53 1.74
CA SER B 249 12.77 -8.10 1.71
C SER B 249 11.73 -7.02 1.42
N ALA B 250 10.66 -7.42 0.73
CA ALA B 250 9.57 -6.54 0.34
C ALA B 250 9.19 -5.60 1.48
N PRO B 251 9.23 -4.29 1.30
CA PRO B 251 8.73 -3.36 2.33
C PRO B 251 7.23 -3.08 2.29
N PHE B 252 6.46 -3.77 1.46
CA PHE B 252 5.07 -3.38 1.32
C PHE B 252 4.24 -3.80 2.52
N GLU B 253 3.09 -3.18 2.66
CA GLU B 253 2.21 -3.50 3.77
C GLU B 253 1.77 -4.96 3.68
N GLN B 254 2.01 -5.69 4.75
CA GLN B 254 1.79 -7.13 4.86
C GLN B 254 0.44 -7.39 5.54
N ILE B 255 0.00 -8.65 5.52
CA ILE B 255 -1.11 -9.02 6.38
C ILE B 255 -0.80 -8.59 7.80
N HIS B 256 -1.83 -8.12 8.53
CA HIS B 256 -1.58 -7.59 9.86
C HIS B 256 -1.39 -8.68 10.92
N GLY B 257 -2.00 -9.86 10.74
CA GLY B 257 -1.99 -10.90 11.74
C GLY B 257 -1.08 -12.05 11.39
N TRP B 258 -1.40 -13.22 11.95
CA TRP B 258 -0.57 -14.40 11.91
C TRP B 258 -1.37 -15.63 11.48
N VAL B 259 -0.67 -16.70 11.12
CA VAL B 259 -1.28 -18.01 10.92
C VAL B 259 -0.46 -19.04 11.69
N GLY B 260 -0.97 -20.26 11.76
CA GLY B 260 -0.23 -21.30 12.47
C GLY B 260 1.09 -21.63 11.78
N GLY B 261 2.13 -21.91 12.56
CA GLY B 261 3.47 -22.10 12.05
C GLY B 261 3.89 -23.56 12.08
N GLY B 262 4.53 -24.00 11.00
CA GLY B 262 5.05 -25.34 10.94
C GLY B 262 3.95 -26.35 10.70
N THR B 263 4.39 -27.59 10.57
CA THR B 263 3.44 -28.70 10.46
C THR B 263 2.76 -29.00 11.79
N LYS B 264 3.25 -28.46 12.90
CA LYS B 264 2.64 -28.83 14.17
C LYS B 264 2.00 -27.66 14.89
N GLY B 265 1.81 -26.53 14.22
CA GLY B 265 1.07 -25.44 14.87
C GLY B 265 1.83 -25.01 16.11
N ASP B 266 3.10 -24.86 15.93
CA ASP B 266 4.12 -24.78 16.93
C ASP B 266 4.37 -23.36 17.44
N PHE B 267 4.04 -22.34 16.62
CA PHE B 267 4.36 -20.94 16.83
C PHE B 267 3.43 -20.10 15.97
N PRO B 268 3.13 -18.87 16.36
CA PRO B 268 2.43 -17.97 15.43
C PRO B 268 3.39 -17.48 14.35
N HIS B 269 2.92 -17.44 13.12
CA HIS B 269 3.69 -17.07 11.96
C HIS B 269 3.12 -15.77 11.45
N TYR B 270 3.96 -14.74 11.45
CA TYR B 270 3.55 -13.48 10.89
C TYR B 270 4.26 -13.28 9.58
N ALA B 271 4.02 -12.15 8.94
CA ALA B 271 4.65 -11.81 7.67
C ALA B 271 5.96 -11.04 7.83
N TYR B 272 6.84 -11.45 8.74
CA TYR B 272 8.07 -10.68 8.99
C TYR B 272 9.04 -10.74 7.83
N HIS B 273 8.88 -11.71 6.95
CA HIS B 273 9.77 -11.91 5.82
C HIS B 273 9.36 -11.10 4.60
N GLY B 274 8.15 -10.57 4.59
CA GLY B 274 7.71 -9.69 3.54
C GLY B 274 6.97 -10.35 2.41
N TYR B 275 6.88 -11.69 2.39
CA TYR B 275 6.25 -12.43 1.30
C TYR B 275 4.72 -12.50 1.40
N TYR B 276 4.08 -11.93 2.43
CA TYR B 276 2.63 -12.05 2.53
C TYR B 276 1.91 -10.71 2.34
N THR B 277 2.10 -10.08 1.19
CA THR B 277 1.64 -8.71 1.00
C THR B 277 0.12 -8.67 0.88
N GLN B 278 -0.50 -7.62 1.49
CA GLN B 278 -1.90 -7.27 1.22
C GLN B 278 -2.12 -5.83 0.70
N ASP B 279 -1.07 -5.03 0.50
CA ASP B 279 -1.22 -3.72 -0.12
C ASP B 279 0.14 -3.24 -0.62
N TRP B 280 0.32 -3.24 -1.93
CA TRP B 280 1.54 -2.81 -2.59
C TRP B 280 1.70 -1.30 -2.64
N THR B 281 0.65 -0.52 -2.39
CA THR B 281 0.76 0.94 -2.45
C THR B 281 1.23 1.56 -1.15
N ASN B 282 1.34 0.79 -0.06
CA ASN B 282 1.78 1.37 1.21
C ASN B 282 3.07 0.73 1.68
N LEU B 283 3.77 1.46 2.54
CA LEU B 283 4.82 0.82 3.32
C LEU B 283 4.20 0.11 4.51
N ASP B 284 4.80 -1.02 4.89
CA ASP B 284 4.38 -1.64 6.14
C ASP B 284 4.98 -0.87 7.31
N ALA B 285 4.12 -0.50 8.25
CA ALA B 285 4.51 0.37 9.35
C ALA B 285 5.65 -0.20 10.17
N ASN B 286 5.83 -1.53 10.22
CA ASN B 286 7.03 -2.05 10.88
C ASN B 286 8.30 -1.60 10.20
N MET B 287 8.24 -1.26 8.90
CA MET B 287 9.47 -0.94 8.17
C MET B 287 9.90 0.51 8.37
N GLY B 288 8.94 1.44 8.41
CA GLY B 288 9.16 2.88 8.46
C GLY B 288 8.19 3.59 7.52
N ASN B 289 8.48 4.83 7.20
CA ASN B 289 7.62 5.62 6.33
C ASN B 289 8.42 6.11 5.11
N GLU B 290 7.77 6.90 4.26
CA GLU B 290 8.40 7.40 3.04
C GLU B 290 9.75 8.04 3.31
N ALA B 291 9.85 8.87 4.37
CA ALA B 291 11.11 9.53 4.69
C ALA B 291 12.21 8.50 4.98
N ASP B 292 11.88 7.44 5.72
CA ASP B 292 12.85 6.40 5.99
C ASP B 292 13.28 5.68 4.72
N LEU B 293 12.33 5.36 3.83
CA LEU B 293 12.73 4.72 2.58
C LEU B 293 13.62 5.64 1.77
N ARG B 294 13.23 6.91 1.63
CA ARG B 294 14.04 7.77 0.80
C ARG B 294 15.44 7.88 1.36
N THR B 295 15.56 8.04 2.68
CA THR B 295 16.86 8.16 3.32
C THR B 295 17.70 6.91 3.12
N LEU B 296 17.08 5.72 3.21
CA LEU B 296 17.81 4.48 2.92
C LEU B 296 18.36 4.47 1.51
N VAL B 297 17.50 4.75 0.52
CA VAL B 297 17.92 4.64 -0.87
C VAL B 297 19.00 5.66 -1.17
N ASP B 298 18.80 6.89 -0.69
CA ASP B 298 19.76 7.94 -1.02
C ASP B 298 21.08 7.73 -0.30
N SER B 299 21.04 7.26 0.97
CA SER B 299 22.28 6.93 1.67
C SER B 299 22.99 5.74 1.03
N ALA B 300 22.23 4.77 0.51
CA ALA B 300 22.85 3.68 -0.20
C ALA B 300 23.60 4.19 -1.43
N HIS B 301 22.88 4.94 -2.27
CA HIS B 301 23.44 5.48 -3.52
C HIS B 301 24.69 6.30 -3.26
N GLN B 302 24.66 7.17 -2.25
CA GLN B 302 25.86 7.96 -1.95
C GLN B 302 27.06 7.09 -1.64
N ARG B 303 26.86 5.81 -1.35
CA ARG B 303 27.95 4.92 -0.97
C ARG B 303 28.25 3.88 -2.05
N GLY B 304 27.72 4.08 -3.26
CA GLY B 304 27.92 3.13 -4.33
C GLY B 304 27.03 1.91 -4.28
N ILE B 305 26.09 1.84 -3.34
CA ILE B 305 25.29 0.63 -3.14
C ILE B 305 23.94 0.82 -3.86
N ARG B 306 23.63 -0.12 -4.75
CA ARG B 306 22.37 -0.12 -5.45
C ARG B 306 21.28 -0.72 -4.55
N ILE B 307 20.02 -0.60 -4.95
CA ILE B 307 18.90 -1.09 -4.15
C ILE B 307 18.00 -2.01 -4.99
N LEU B 308 17.65 -3.17 -4.43
CA LEU B 308 16.77 -4.13 -5.07
C LEU B 308 15.65 -4.44 -4.09
N PHE B 309 14.41 -4.34 -4.57
CA PHE B 309 13.26 -4.79 -3.79
C PHE B 309 12.96 -6.25 -4.08
N ASP B 310 12.72 -7.02 -3.04
CA ASP B 310 12.13 -8.33 -3.23
C ASP B 310 10.63 -8.15 -3.45
N VAL B 311 10.09 -8.85 -4.44
CA VAL B 311 8.81 -8.47 -5.02
C VAL B 311 7.98 -9.71 -5.32
N VAL B 312 6.67 -9.62 -5.09
CA VAL B 312 5.78 -10.76 -5.29
C VAL B 312 4.58 -10.31 -6.11
N MET B 313 4.29 -11.08 -7.18
CA MET B 313 3.06 -10.94 -7.93
C MET B 313 2.24 -12.22 -7.94
N ASN B 314 2.82 -13.34 -7.54
CA ASN B 314 2.09 -14.60 -7.64
C ASN B 314 0.87 -14.61 -6.71
N HIS B 315 1.05 -14.18 -5.46
CA HIS B 315 0.07 -14.48 -4.42
C HIS B 315 -0.22 -13.25 -3.56
N THR B 316 -1.33 -13.33 -2.83
CA THR B 316 -1.61 -12.49 -1.68
C THR B 316 -1.21 -13.23 -0.41
N GLY B 317 -1.14 -12.51 0.71
CA GLY B 317 -1.00 -13.19 1.99
C GLY B 317 -2.29 -13.85 2.46
N TYR B 318 -2.12 -14.83 3.34
CA TYR B 318 -3.23 -15.53 4.01
C TYR B 318 -4.25 -14.56 4.63
N ALA B 319 -5.50 -15.05 4.75
CA ALA B 319 -6.44 -14.46 5.70
C ALA B 319 -5.95 -14.67 7.13
N THR B 320 -6.05 -13.63 7.95
CA THR B 320 -5.70 -13.69 9.37
C THR B 320 -6.84 -13.05 10.16
N LEU B 321 -7.01 -13.51 11.39
CA LEU B 321 -8.03 -12.93 12.27
C LEU B 321 -7.90 -11.43 12.33
N ALA B 322 -6.67 -10.92 12.49
CA ALA B 322 -6.46 -9.48 12.62
C ALA B 322 -7.05 -8.74 11.42
N ASP B 323 -6.81 -9.25 10.21
CA ASP B 323 -7.27 -8.57 9.01
C ASP B 323 -8.79 -8.71 8.82
N MET B 324 -9.34 -9.90 9.06
CA MET B 324 -10.78 -10.10 9.01
C MET B 324 -11.50 -9.18 9.99
N GLN B 325 -10.92 -8.96 11.16
CA GLN B 325 -11.55 -8.04 12.09
C GLN B 325 -11.43 -6.60 11.61
N GLU B 326 -10.22 -6.17 11.19
CA GLU B 326 -10.02 -4.76 10.87
C GLU B 326 -10.69 -4.33 9.55
N TYR B 327 -10.82 -5.21 8.56
CA TYR B 327 -11.39 -4.81 7.28
C TYR B 327 -12.70 -5.53 7.00
N GLN B 328 -13.23 -6.24 7.98
CA GLN B 328 -14.59 -6.77 7.98
C GLN B 328 -14.84 -7.66 6.75
N PHE B 329 -14.10 -8.77 6.67
CA PHE B 329 -14.31 -9.71 5.57
C PHE B 329 -14.21 -11.11 6.18
N GLY B 330 -14.66 -12.12 5.45
CA GLY B 330 -14.69 -13.46 6.00
C GLY B 330 -15.91 -13.70 6.86
N ALA B 331 -15.83 -14.76 7.64
CA ALA B 331 -16.97 -15.17 8.46
C ALA B 331 -16.49 -16.09 9.56
N LEU B 332 -17.09 -15.91 10.75
CA LEU B 332 -16.84 -16.76 11.90
C LEU B 332 -18.02 -17.70 12.11
N TYR B 333 -17.76 -18.87 12.71
CA TYR B 333 -18.88 -19.68 13.18
C TYR B 333 -19.59 -19.00 14.34
N LEU B 334 -18.83 -18.37 15.22
CA LEU B 334 -19.34 -17.67 16.39
C LEU B 334 -20.26 -16.53 15.98
N SER B 335 -21.33 -16.33 16.73
CA SER B 335 -22.32 -15.36 16.32
C SER B 335 -22.68 -14.51 17.53
N GLY B 336 -22.94 -13.22 17.28
CA GLY B 336 -23.35 -12.29 18.32
C GLY B 336 -22.37 -12.17 19.48
N ASP B 337 -22.77 -12.65 20.66
CA ASP B 337 -21.96 -12.44 21.85
C ASP B 337 -20.96 -13.57 22.12
N GLU B 338 -21.04 -14.70 21.41
CA GLU B 338 -19.99 -15.72 21.50
C GLU B 338 -18.63 -15.20 21.02
N VAL B 339 -18.64 -14.33 20.00
CA VAL B 339 -17.41 -13.77 19.47
C VAL B 339 -16.54 -13.22 20.60
N LYS B 340 -17.10 -12.33 21.44
CA LYS B 340 -16.28 -11.69 22.46
C LYS B 340 -15.81 -12.68 23.53
N LYS B 341 -16.64 -13.68 23.88
CA LYS B 341 -16.22 -14.65 24.90
C LYS B 341 -15.06 -15.51 24.41
N SER B 342 -15.10 -15.97 23.15
CA SER B 342 -14.04 -16.87 22.65
C SER B 342 -12.81 -16.10 22.18
N LEU B 343 -13.02 -14.94 21.55
CA LEU B 343 -11.97 -14.23 20.83
C LEU B 343 -11.45 -12.98 21.53
N GLY B 344 -12.28 -12.22 22.21
CA GLY B 344 -11.77 -11.05 22.89
C GLY B 344 -12.13 -9.79 22.14
N GLU B 345 -11.60 -8.68 22.63
CA GLU B 345 -11.76 -7.43 21.91
C GLU B 345 -10.99 -7.50 20.60
N ARG B 346 -9.73 -7.92 20.69
CA ARG B 346 -8.91 -8.12 19.49
C ARG B 346 -8.81 -9.61 19.25
N TRP B 347 -9.38 -10.08 18.15
CA TRP B 347 -9.40 -11.51 17.85
C TRP B 347 -7.98 -12.08 17.74
N SER B 348 -7.07 -11.30 17.18
CA SER B 348 -5.71 -11.75 16.92
C SER B 348 -4.95 -12.11 18.20
N ASP B 349 -5.47 -11.75 19.37
CA ASP B 349 -4.81 -12.02 20.63
C ASP B 349 -5.02 -13.44 21.15
N TRP B 350 -5.83 -14.26 20.48
CA TRP B 350 -6.10 -15.65 20.87
C TRP B 350 -4.82 -16.45 21.12
N LYS B 351 -4.89 -17.36 22.08
CA LYS B 351 -3.87 -18.35 22.33
C LYS B 351 -4.46 -19.76 22.34
N PRO B 352 -3.67 -20.76 21.95
CA PRO B 352 -4.17 -22.14 22.01
C PRO B 352 -4.55 -22.50 23.44
N ALA B 353 -5.69 -23.18 23.58
CA ALA B 353 -6.11 -23.75 24.87
C ALA B 353 -5.42 -25.11 25.07
N ALA B 354 -5.82 -25.85 26.11
CA ALA B 354 -5.20 -27.14 26.38
C ALA B 354 -5.42 -28.12 25.24
N GLY B 355 -4.32 -28.72 24.75
CA GLY B 355 -4.37 -29.72 23.69
C GLY B 355 -4.45 -29.16 22.28
N GLN B 356 -4.48 -27.84 22.12
CA GLN B 356 -4.61 -27.15 20.85
C GLN B 356 -3.26 -26.72 20.31
N THR B 357 -3.20 -26.45 19.01
CA THR B 357 -2.00 -25.86 18.41
C THR B 357 -2.32 -24.48 17.85
N TRP B 358 -1.28 -23.83 17.33
CA TRP B 358 -1.52 -22.56 16.70
C TRP B 358 -2.29 -22.68 15.41
N HIS B 359 -2.60 -23.88 14.93
CA HIS B 359 -3.52 -24.04 13.82
C HIS B 359 -4.98 -24.05 14.26
N SER B 360 -5.27 -24.27 15.54
CA SER B 360 -6.64 -24.49 16.00
C SER B 360 -7.54 -23.26 15.86
N PHE B 361 -6.98 -22.04 15.69
CA PHE B 361 -7.82 -20.87 15.49
C PHE B 361 -8.63 -20.97 14.20
N ASN B 362 -8.16 -21.77 13.24
CA ASN B 362 -8.95 -22.06 12.03
C ASN B 362 -10.33 -22.62 12.37
N ASP B 363 -10.47 -23.26 13.53
CA ASP B 363 -11.77 -23.81 13.87
C ASP B 363 -12.76 -22.74 14.31
N TYR B 364 -12.41 -21.46 14.26
CA TYR B 364 -13.43 -20.43 14.46
C TYR B 364 -13.83 -19.76 13.17
N ILE B 365 -13.16 -20.06 12.06
CA ILE B 365 -13.37 -19.38 10.79
C ILE B 365 -14.14 -20.34 9.87
N ASN B 366 -15.34 -19.93 9.47
CA ASN B 366 -16.13 -20.50 8.40
C ASN B 366 -15.56 -20.03 7.07
N PHE B 367 -14.70 -20.86 6.47
CA PHE B 367 -14.10 -20.57 5.18
C PHE B 367 -15.00 -20.89 3.99
N SER B 368 -16.23 -21.38 4.22
CA SER B 368 -17.15 -21.73 3.14
C SER B 368 -17.99 -20.54 2.70
N ASP B 369 -18.23 -19.61 3.62
CA ASP B 369 -19.30 -18.64 3.45
C ASP B 369 -19.10 -17.79 2.19
N LYS B 370 -20.12 -17.77 1.32
CA LYS B 370 -20.01 -17.08 0.04
C LYS B 370 -19.97 -15.57 0.25
N THR B 371 -20.95 -15.03 0.96
CA THR B 371 -21.06 -13.58 1.07
C THR B 371 -19.93 -13.01 1.92
N GLY B 372 -19.62 -13.64 3.05
CA GLY B 372 -18.51 -13.16 3.85
C GLY B 372 -17.21 -13.03 3.07
N TRP B 373 -16.83 -14.08 2.35
CA TRP B 373 -15.54 -14.06 1.66
C TRP B 373 -15.53 -13.31 0.35
N ASP B 374 -16.66 -12.87 -0.15
CA ASP B 374 -16.68 -12.05 -1.34
C ASP B 374 -16.33 -10.63 -0.98
N LYS B 375 -16.25 -10.34 0.30
CA LYS B 375 -15.90 -9.01 0.76
C LYS B 375 -14.41 -8.82 0.94
N TRP B 376 -13.60 -9.79 0.51
CA TRP B 376 -12.17 -9.66 0.59
C TRP B 376 -11.76 -9.52 -0.86
N TRP B 377 -10.54 -9.93 -1.20
CA TRP B 377 -10.05 -9.70 -2.52
C TRP B 377 -11.13 -10.35 -3.24
N GLY B 378 -11.65 -9.81 -4.31
CA GLY B 378 -12.74 -10.53 -4.93
C GLY B 378 -12.40 -11.67 -5.84
N LYS B 379 -13.41 -12.31 -6.40
CA LYS B 379 -13.21 -13.43 -7.30
C LYS B 379 -12.57 -13.05 -8.60
N ASN B 380 -12.43 -11.76 -8.84
CA ASN B 380 -11.80 -11.34 -10.04
C ASN B 380 -10.33 -11.16 -9.75
N TRP B 381 -9.99 -11.14 -8.48
CA TRP B 381 -8.59 -11.05 -8.12
C TRP B 381 -7.89 -12.37 -7.86
N ILE B 382 -8.54 -13.40 -7.28
CA ILE B 382 -7.76 -14.57 -6.85
C ILE B 382 -8.47 -15.88 -7.12
N ARG B 383 -7.70 -16.95 -6.96
CA ARG B 383 -8.25 -18.29 -7.07
C ARG B 383 -7.95 -18.94 -5.74
N THR B 384 -8.95 -19.50 -5.07
CA THR B 384 -8.83 -20.08 -3.73
C THR B 384 -9.98 -21.04 -3.46
N ASP B 385 -9.74 -21.94 -2.51
CA ASP B 385 -10.78 -22.82 -1.97
C ASP B 385 -11.71 -22.08 -1.03
N ILE B 386 -11.35 -20.86 -0.64
CA ILE B 386 -12.14 -20.09 0.32
C ILE B 386 -13.39 -19.56 -0.35
N GLY B 387 -14.50 -19.54 0.40
CA GLY B 387 -15.71 -18.96 -0.13
C GLY B 387 -16.15 -19.59 -1.44
N ASP B 388 -16.47 -18.72 -2.40
CA ASP B 388 -17.03 -19.11 -3.69
C ASP B 388 -16.22 -18.47 -4.82
N TYR B 389 -14.95 -18.86 -4.96
CA TYR B 389 -14.07 -18.34 -5.99
C TYR B 389 -13.79 -19.40 -7.05
N ASP B 390 -13.07 -19.00 -8.09
CA ASP B 390 -12.48 -19.99 -8.99
C ASP B 390 -11.49 -20.82 -8.20
N ASN B 391 -11.56 -22.13 -8.32
CA ASN B 391 -10.66 -22.91 -7.50
C ASN B 391 -9.26 -22.86 -8.09
N PRO B 392 -8.24 -23.23 -7.30
CA PRO B 392 -6.89 -23.37 -7.86
C PRO B 392 -6.79 -24.44 -8.93
N GLY B 393 -5.73 -24.34 -9.74
CA GLY B 393 -5.43 -25.31 -10.77
C GLY B 393 -4.34 -26.28 -10.34
N PHE B 394 -3.82 -27.01 -11.34
CA PHE B 394 -2.78 -28.01 -11.08
C PHE B 394 -1.55 -27.85 -11.98
N ASP B 395 -1.60 -26.99 -12.99
CA ASP B 395 -0.37 -26.51 -13.60
C ASP B 395 0.42 -25.59 -12.64
N ASP B 396 1.68 -25.31 -13.01
CA ASP B 396 2.49 -24.38 -12.22
C ASP B 396 1.86 -22.98 -12.12
N LEU B 397 1.24 -22.49 -13.19
CA LEU B 397 0.87 -21.07 -13.25
C LEU B 397 -0.33 -20.74 -12.36
N THR B 398 -1.34 -21.61 -12.36
CA THR B 398 -2.55 -21.39 -11.58
C THR B 398 -2.63 -22.25 -10.32
N MET B 399 -1.64 -23.11 -10.03
CA MET B 399 -1.69 -23.78 -8.74
C MET B 399 -1.48 -22.79 -7.60
N SER B 400 -1.73 -23.28 -6.39
CA SER B 400 -1.66 -22.51 -5.15
C SER B 400 -0.59 -23.11 -4.25
N LEU B 401 0.31 -22.27 -3.73
CA LEU B 401 1.49 -22.71 -3.00
C LEU B 401 1.27 -22.51 -1.51
N ALA B 402 1.36 -23.61 -0.74
CA ALA B 402 1.11 -23.57 0.70
C ALA B 402 -0.19 -22.81 1.02
N PHE B 403 -1.21 -23.01 0.18
CA PHE B 403 -2.56 -22.48 0.34
C PHE B 403 -2.64 -20.95 0.26
N LEU B 404 -1.67 -20.28 -0.43
CA LEU B 404 -1.76 -18.84 -0.65
C LEU B 404 -2.67 -18.57 -1.87
N PRO B 405 -3.59 -17.62 -1.79
CA PRO B 405 -4.37 -17.27 -2.99
C PRO B 405 -3.45 -16.94 -4.16
N ASP B 406 -3.72 -17.58 -5.30
CA ASP B 406 -2.97 -17.25 -6.50
C ASP B 406 -3.60 -15.96 -6.94
N ILE B 407 -2.94 -15.18 -7.77
CA ILE B 407 -3.49 -13.86 -8.06
C ILE B 407 -4.18 -13.66 -9.41
N LYS B 408 -4.14 -14.59 -10.36
CA LYS B 408 -4.89 -14.39 -11.64
C LYS B 408 -4.27 -13.26 -12.46
N THR B 409 -2.94 -13.30 -12.53
CA THR B 409 -2.15 -12.38 -13.34
C THR B 409 -2.47 -12.46 -14.83
N GLU B 410 -2.96 -13.60 -15.32
CA GLU B 410 -3.23 -13.75 -16.74
C GLU B 410 -4.61 -13.24 -17.16
N SER B 411 -5.51 -12.96 -16.22
CA SER B 411 -6.84 -12.46 -16.57
C SER B 411 -6.75 -11.27 -17.53
N THR B 412 -7.65 -11.19 -18.51
CA THR B 412 -7.70 -10.03 -19.39
C THR B 412 -8.89 -9.11 -19.14
N THR B 413 -9.61 -9.27 -18.03
CA THR B 413 -10.83 -8.51 -17.79
C THR B 413 -10.63 -7.57 -16.61
N ALA B 414 -11.17 -6.36 -16.72
CA ALA B 414 -10.96 -5.39 -15.67
C ALA B 414 -11.60 -5.88 -14.37
N SER B 415 -10.96 -5.54 -13.25
CA SER B 415 -11.28 -6.15 -11.97
C SER B 415 -11.75 -5.17 -10.92
N GLY B 416 -11.50 -3.88 -11.07
CA GLY B 416 -11.70 -2.95 -9.99
C GLY B 416 -10.66 -3.23 -8.92
N LEU B 417 -10.76 -2.46 -7.84
CA LEU B 417 -9.90 -2.68 -6.69
C LEU B 417 -10.34 -3.94 -5.95
N PRO B 418 -9.44 -4.52 -5.15
CA PRO B 418 -9.85 -5.61 -4.24
C PRO B 418 -10.97 -5.13 -3.35
N VAL B 419 -12.01 -5.94 -3.25
CA VAL B 419 -13.24 -5.45 -2.65
C VAL B 419 -12.97 -4.94 -1.25
N PHE B 420 -12.18 -5.68 -0.47
CA PHE B 420 -11.92 -5.27 0.91
C PHE B 420 -11.21 -3.92 1.04
N TYR B 421 -10.74 -3.35 -0.07
CA TYR B 421 -10.15 -2.02 -0.02
C TYR B 421 -11.17 -0.95 0.31
N LYS B 422 -12.46 -1.20 0.08
CA LYS B 422 -13.37 -0.13 0.44
C LYS B 422 -13.47 0.07 1.97
N ASN B 423 -12.85 -0.80 2.79
CA ASN B 423 -12.75 -0.54 4.21
C ASN B 423 -11.35 -0.15 4.64
N LYS B 424 -10.40 -0.12 3.71
CA LYS B 424 -9.00 0.22 3.99
C LYS B 424 -8.79 1.65 3.50
N MET B 425 -8.94 2.59 4.43
CA MET B 425 -8.96 4.02 4.11
C MET B 425 -7.58 4.59 3.80
N ASP B 426 -6.53 4.04 4.42
CA ASP B 426 -5.19 4.55 4.30
C ASP B 426 -4.51 4.17 2.99
N THR B 427 -5.22 3.50 2.05
CA THR B 427 -4.55 2.95 0.87
C THR B 427 -4.29 4.03 -0.18
N HIS B 428 -3.15 3.89 -0.85
CA HIS B 428 -2.85 4.75 -1.99
C HIS B 428 -3.35 4.20 -3.31
N ALA B 429 -3.94 2.99 -3.31
CA ALA B 429 -4.47 2.41 -4.53
C ALA B 429 -5.74 3.13 -4.98
N LYS B 430 -5.92 3.23 -6.29
CA LYS B 430 -7.03 3.96 -6.89
C LYS B 430 -7.57 3.13 -8.07
N ALA B 431 -8.89 3.07 -8.18
CA ALA B 431 -9.49 2.36 -9.31
C ALA B 431 -9.10 3.03 -10.62
N ILE B 432 -8.88 2.22 -11.64
CA ILE B 432 -8.49 2.69 -12.97
C ILE B 432 -9.26 1.85 -13.98
N ASP B 433 -10.17 2.49 -14.70
CA ASP B 433 -11.02 1.83 -15.70
C ASP B 433 -10.18 1.07 -16.70
N GLY B 434 -10.48 -0.23 -16.85
CA GLY B 434 -9.80 -1.08 -17.79
C GLY B 434 -8.64 -1.86 -17.24
N TYR B 435 -8.04 -1.39 -16.14
CA TYR B 435 -6.95 -2.14 -15.53
C TYR B 435 -7.42 -3.51 -15.07
N THR B 436 -6.56 -4.46 -15.26
CA THR B 436 -6.66 -5.83 -14.77
C THR B 436 -5.85 -5.96 -13.50
N PRO B 437 -5.95 -7.11 -12.80
CA PRO B 437 -5.04 -7.36 -11.67
C PRO B 437 -3.56 -7.19 -12.03
N ARG B 438 -3.13 -7.75 -13.15
CA ARG B 438 -1.76 -7.54 -13.59
C ARG B 438 -1.44 -6.07 -13.79
N ASP B 439 -2.35 -5.33 -14.42
CA ASP B 439 -2.09 -3.91 -14.65
C ASP B 439 -1.92 -3.18 -13.34
N TYR B 440 -2.76 -3.53 -12.36
CA TYR B 440 -2.60 -2.95 -11.04
C TYR B 440 -1.23 -3.29 -10.44
N LEU B 441 -0.85 -4.56 -10.48
CA LEU B 441 0.39 -4.95 -9.82
C LEU B 441 1.62 -4.30 -10.47
N THR B 442 1.64 -4.20 -11.80
CA THR B 442 2.80 -3.61 -12.45
C THR B 442 2.81 -2.10 -12.29
N HIS B 443 1.64 -1.46 -12.27
CA HIS B 443 1.56 -0.04 -11.93
C HIS B 443 2.06 0.21 -10.50
N TRP B 444 1.53 -0.56 -9.53
CA TRP B 444 1.87 -0.39 -8.12
C TRP B 444 3.37 -0.55 -7.90
N LEU B 445 3.93 -1.66 -8.39
CA LEU B 445 5.36 -1.90 -8.24
C LEU B 445 6.19 -0.86 -8.96
N SER B 446 5.75 -0.42 -10.14
CA SER B 446 6.58 0.53 -10.86
C SER B 446 6.56 1.87 -10.17
N GLN B 447 5.51 2.15 -9.43
CA GLN B 447 5.44 3.46 -8.80
C GLN B 447 6.60 3.65 -7.83
N TRP B 448 6.94 2.59 -7.09
CA TRP B 448 8.06 2.67 -6.16
C TRP B 448 9.34 3.06 -6.89
N VAL B 449 9.61 2.39 -8.03
CA VAL B 449 10.78 2.71 -8.84
C VAL B 449 10.75 4.19 -9.23
N ARG B 450 9.65 4.64 -9.84
CA ARG B 450 9.54 6.03 -10.25
C ARG B 450 9.80 7.00 -9.09
N ASP B 451 9.25 6.70 -7.90
CA ASP B 451 9.27 7.70 -6.84
C ASP B 451 10.55 7.68 -5.98
N TYR B 452 11.33 6.61 -6.02
CA TYR B 452 12.51 6.52 -5.16
C TYR B 452 13.82 6.22 -5.86
N GLY B 453 13.77 5.78 -7.10
CA GLY B 453 15.00 5.37 -7.78
C GLY B 453 15.42 3.95 -7.51
N ILE B 454 14.49 3.03 -7.28
CA ILE B 454 14.87 1.65 -7.07
C ILE B 454 15.64 1.15 -8.27
N ASP B 455 16.80 0.53 -8.02
CA ASP B 455 17.63 0.05 -9.11
C ASP B 455 17.13 -1.26 -9.69
N GLY B 456 16.37 -2.04 -8.94
CA GLY B 456 15.96 -3.31 -9.52
C GLY B 456 15.06 -4.12 -8.61
N PHE B 457 14.63 -5.26 -9.13
CA PHE B 457 13.77 -6.19 -8.41
C PHE B 457 14.38 -7.57 -8.38
N ARG B 458 14.15 -8.27 -7.27
CA ARG B 458 14.31 -9.72 -7.21
C ARG B 458 12.92 -10.30 -7.12
N VAL B 459 12.58 -11.17 -8.07
CA VAL B 459 11.21 -11.61 -8.24
C VAL B 459 11.02 -12.99 -7.63
N ASP B 460 10.04 -13.10 -6.74
CA ASP B 460 9.73 -14.35 -6.07
C ASP B 460 8.76 -15.18 -6.91
N THR B 461 8.77 -16.49 -6.67
CA THR B 461 7.88 -17.44 -7.34
C THR B 461 7.80 -17.20 -8.84
N ALA B 462 8.99 -17.15 -9.48
CA ALA B 462 9.03 -16.72 -10.88
C ALA B 462 8.31 -17.70 -11.81
N LYS B 463 8.37 -18.99 -11.52
CA LYS B 463 7.82 -19.98 -12.43
C LYS B 463 6.31 -20.17 -12.30
N HIS B 464 5.66 -19.47 -11.37
CA HIS B 464 4.24 -19.67 -11.10
C HIS B 464 3.40 -18.51 -11.63
N VAL B 465 4.01 -17.67 -12.46
CA VAL B 465 3.37 -16.58 -13.18
C VAL B 465 3.86 -16.63 -14.63
N GLU B 466 2.93 -16.46 -15.58
CA GLU B 466 3.25 -16.52 -17.00
C GLU B 466 4.28 -15.46 -17.38
N LEU B 467 5.22 -15.84 -18.25
CA LEU B 467 6.31 -14.95 -18.68
C LEU B 467 5.86 -13.58 -19.21
N PRO B 468 4.82 -13.45 -20.05
CA PRO B 468 4.37 -12.10 -20.43
C PRO B 468 4.19 -11.14 -19.25
N ALA B 469 3.75 -11.63 -18.08
CA ALA B 469 3.50 -10.71 -16.98
C ALA B 469 4.81 -10.16 -16.43
N TRP B 470 5.85 -11.01 -16.39
CA TRP B 470 7.17 -10.51 -16.02
C TRP B 470 7.70 -9.50 -17.03
N GLN B 471 7.42 -9.71 -18.33
CA GLN B 471 7.87 -8.73 -19.31
C GLN B 471 7.20 -7.37 -19.11
N GLN B 472 5.89 -7.37 -18.85
CA GLN B 472 5.22 -6.10 -18.61
C GLN B 472 5.76 -5.41 -17.35
N LEU B 473 5.97 -6.20 -16.29
CA LEU B 473 6.61 -5.66 -15.11
C LEU B 473 7.91 -4.96 -15.48
N LYS B 474 8.76 -5.66 -16.24
CA LYS B 474 10.08 -5.13 -16.56
C LYS B 474 9.99 -3.85 -17.39
N THR B 475 9.16 -3.86 -18.42
CA THR B 475 9.03 -2.68 -19.28
C THR B 475 8.60 -1.47 -18.48
N GLU B 476 7.55 -1.63 -17.68
CA GLU B 476 7.01 -0.49 -16.95
C GLU B 476 7.96 -0.01 -15.85
N ALA B 477 8.65 -0.95 -15.17
CA ALA B 477 9.67 -0.56 -14.20
C ALA B 477 10.83 0.18 -14.85
N SER B 478 11.30 -0.30 -16.01
CA SER B 478 12.38 0.39 -16.72
C SER B 478 12.01 1.82 -17.06
N ALA B 479 10.78 2.02 -17.56
CA ALA B 479 10.32 3.39 -17.81
C ALA B 479 10.36 4.21 -16.53
N ALA B 480 9.89 3.62 -15.42
CA ALA B 480 9.91 4.36 -14.15
C ALA B 480 11.32 4.77 -13.76
N LEU B 481 12.32 3.91 -13.99
CA LEU B 481 13.67 4.24 -13.53
C LEU B 481 14.37 5.24 -14.46
N ARG B 482 14.20 5.09 -15.79
CA ARG B 482 14.63 6.16 -16.67
C ARG B 482 14.02 7.49 -16.24
N GLU B 483 12.71 7.51 -15.95
CA GLU B 483 12.08 8.77 -15.62
C GLU B 483 12.62 9.33 -14.31
N TRP B 484 12.81 8.46 -13.29
CA TRP B 484 13.35 8.92 -12.01
C TRP B 484 14.73 9.53 -12.18
N LYS B 485 15.59 8.84 -12.94
CA LYS B 485 16.93 9.36 -13.17
C LYS B 485 16.91 10.68 -13.95
N LYS B 486 15.98 10.82 -14.91
CA LYS B 486 15.82 12.10 -15.60
C LYS B 486 15.45 13.21 -14.63
N ALA B 487 14.57 12.92 -13.66
CA ALA B 487 14.16 13.99 -12.75
C ALA B 487 15.20 14.25 -11.65
N ASN B 488 16.15 13.35 -11.46
CA ASN B 488 17.04 13.37 -10.29
C ASN B 488 18.48 13.21 -10.73
N PRO B 489 18.98 14.14 -11.57
CA PRO B 489 20.33 13.95 -12.13
C PRO B 489 21.43 13.99 -11.07
N ASP B 490 21.18 14.61 -9.92
CA ASP B 490 22.15 14.70 -8.83
C ASP B 490 22.31 13.37 -8.09
N LYS B 491 21.31 12.50 -8.19
CA LYS B 491 21.26 11.28 -7.41
C LYS B 491 21.56 10.04 -8.24
N ALA B 492 21.24 10.08 -9.54
CA ALA B 492 21.47 8.94 -10.42
C ALA B 492 22.97 8.70 -10.58
N LEU B 493 23.46 7.59 -10.04
CA LEU B 493 24.89 7.31 -10.12
C LEU B 493 25.35 7.18 -11.56
N ASP B 494 24.53 6.56 -12.40
CA ASP B 494 24.94 6.30 -13.77
C ASP B 494 23.65 6.11 -14.58
N ASP B 495 23.78 5.68 -15.82
CA ASP B 495 22.64 5.60 -16.71
C ASP B 495 22.10 4.18 -16.86
N LYS B 496 22.62 3.24 -16.07
CA LYS B 496 22.31 1.83 -16.28
C LYS B 496 20.82 1.58 -16.17
N PRO B 497 20.27 0.71 -17.01
CA PRO B 497 18.82 0.47 -16.98
C PRO B 497 18.41 -0.35 -15.77
N PHE B 498 17.09 -0.43 -15.56
CA PHE B 498 16.52 -1.21 -14.46
C PHE B 498 16.87 -2.69 -14.60
N TRP B 499 17.29 -3.32 -13.50
CA TRP B 499 17.81 -4.68 -13.47
C TRP B 499 16.84 -5.61 -12.72
N MET B 500 16.49 -6.73 -13.33
CA MET B 500 15.53 -7.63 -12.72
C MET B 500 16.07 -9.05 -12.70
N THR B 501 16.20 -9.62 -11.50
CA THR B 501 16.54 -11.02 -11.30
C THR B 501 15.30 -11.78 -10.82
N GLY B 502 15.40 -13.11 -10.73
CA GLY B 502 14.24 -13.90 -10.37
C GLY B 502 14.56 -15.25 -9.79
N GLU B 503 13.64 -15.76 -8.97
CA GLU B 503 13.79 -17.08 -8.34
C GLU B 503 12.88 -18.04 -9.08
N ALA B 504 13.44 -18.87 -9.94
CA ALA B 504 12.73 -20.03 -10.45
C ALA B 504 13.39 -21.25 -9.83
N TRP B 505 12.60 -22.10 -9.21
CA TRP B 505 13.19 -23.13 -8.38
C TRP B 505 13.98 -24.11 -9.25
N GLY B 506 15.19 -24.47 -8.78
CA GLY B 506 16.05 -25.40 -9.50
C GLY B 506 16.83 -24.83 -10.67
N HIS B 507 16.68 -23.54 -10.97
CA HIS B 507 17.33 -22.93 -12.12
C HIS B 507 18.84 -22.94 -11.97
N GLY B 508 19.55 -23.45 -12.97
CA GLY B 508 21.01 -23.47 -12.93
C GLY B 508 21.64 -22.48 -13.87
N VAL B 509 22.82 -22.79 -14.38
CA VAL B 509 23.56 -21.86 -15.25
C VAL B 509 23.15 -22.16 -16.70
N MET B 510 22.07 -21.54 -17.17
CA MET B 510 21.59 -21.68 -18.55
C MET B 510 20.73 -20.47 -18.91
N GLN B 511 20.84 -20.00 -20.15
CA GLN B 511 20.08 -18.81 -20.56
C GLN B 511 18.71 -19.22 -21.07
N SER B 512 17.78 -19.39 -20.15
CA SER B 512 16.46 -19.93 -20.44
C SER B 512 15.47 -18.81 -20.77
N ASP B 513 14.26 -19.18 -21.10
CA ASP B 513 13.30 -18.20 -21.56
C ASP B 513 13.21 -16.96 -20.74
N TYR B 514 13.31 -17.12 -19.44
CA TYR B 514 13.26 -15.97 -18.55
C TYR B 514 14.09 -14.82 -19.10
N TYR B 515 15.24 -15.12 -19.64
CA TYR B 515 16.09 -14.08 -20.14
C TYR B 515 15.52 -13.46 -21.40
N ARG B 516 14.61 -14.14 -22.06
CA ARG B 516 14.00 -13.62 -23.27
C ARG B 516 12.75 -12.84 -22.92
N HIS B 517 12.32 -12.95 -21.69
CA HIS B 517 11.18 -12.14 -21.23
C HIS B 517 11.47 -11.21 -20.06
N GLY B 518 12.56 -10.45 -20.10
CA GLY B 518 12.72 -9.31 -19.20
C GLY B 518 13.63 -9.52 -18.02
N PHE B 519 14.16 -10.72 -17.81
CA PHE B 519 15.07 -10.98 -16.72
C PHE B 519 16.52 -10.82 -17.15
N ASP B 520 17.29 -10.12 -16.33
CA ASP B 520 18.70 -9.92 -16.57
C ASP B 520 19.55 -11.04 -15.98
N ALA B 521 19.10 -11.68 -14.91
CA ALA B 521 19.83 -12.79 -14.33
C ALA B 521 18.86 -13.65 -13.54
N MET B 522 19.01 -14.96 -13.61
CA MET B 522 18.26 -15.83 -12.72
C MET B 522 19.12 -16.27 -11.56
N ILE B 523 18.46 -16.55 -10.45
CA ILE B 523 19.14 -17.09 -9.28
C ILE B 523 19.53 -18.52 -9.57
N ASN B 524 20.75 -18.90 -9.16
CA ASN B 524 21.44 -20.12 -9.55
C ASN B 524 21.46 -21.14 -8.41
N PHE B 525 20.52 -22.11 -8.42
CA PHE B 525 20.49 -23.04 -7.29
C PHE B 525 21.58 -24.09 -7.31
N ASP B 526 22.44 -24.12 -8.34
CA ASP B 526 23.43 -25.18 -8.43
C ASP B 526 24.75 -24.87 -7.73
N TYR B 527 25.02 -23.61 -7.37
CA TYR B 527 26.32 -23.27 -6.81
C TYR B 527 26.51 -23.87 -5.43
N GLN B 528 25.43 -23.94 -4.65
CA GLN B 528 25.49 -24.31 -3.25
C GLN B 528 26.15 -25.67 -3.05
N GLU B 529 25.56 -26.74 -3.62
CA GLU B 529 26.13 -28.07 -3.41
C GLU B 529 27.51 -28.20 -4.06
N GLN B 530 27.82 -27.37 -5.04
CA GLN B 530 29.15 -27.41 -5.61
C GLN B 530 30.17 -26.90 -4.61
N ALA B 531 29.93 -25.73 -4.03
CA ALA B 531 30.81 -25.24 -2.98
C ALA B 531 30.81 -26.19 -1.80
N ALA B 532 29.68 -26.84 -1.53
CA ALA B 532 29.62 -27.83 -0.47
C ALA B 532 30.66 -28.91 -0.68
N LYS B 533 30.72 -29.46 -1.92
CA LYS B 533 31.70 -30.48 -2.32
C LYS B 533 33.13 -30.02 -2.17
N ALA B 534 33.38 -28.71 -2.35
CA ALA B 534 34.72 -28.13 -2.41
C ALA B 534 35.14 -27.46 -1.12
N VAL B 535 34.48 -27.79 -0.02
CA VAL B 535 34.75 -27.04 1.21
C VAL B 535 36.17 -27.30 1.68
N ASP B 536 36.56 -28.55 1.79
CA ASP B 536 37.90 -28.93 2.24
C ASP B 536 38.98 -28.70 1.18
N CYS B 537 38.61 -28.38 -0.06
CA CYS B 537 39.62 -28.25 -1.12
C CYS B 537 39.20 -27.19 -2.14
N LEU B 538 39.59 -25.95 -1.92
CA LEU B 538 39.21 -24.87 -2.82
C LEU B 538 39.42 -25.24 -4.30
N ALA B 539 40.49 -25.99 -4.60
CA ALA B 539 40.81 -26.35 -5.98
C ALA B 539 39.70 -27.17 -6.64
N GLN B 540 38.95 -27.99 -5.91
CA GLN B 540 37.86 -28.72 -6.56
C GLN B 540 36.85 -27.80 -7.25
N MET B 541 36.82 -26.51 -6.94
CA MET B 541 35.88 -25.63 -7.63
C MET B 541 36.26 -25.42 -9.09
N ASP B 542 37.48 -25.79 -9.51
CA ASP B 542 38.00 -25.37 -10.80
C ASP B 542 37.04 -25.66 -11.95
N THR B 543 36.61 -26.91 -12.09
CA THR B 543 35.66 -27.27 -13.14
C THR B 543 34.53 -26.24 -13.21
N THR B 544 33.79 -26.12 -12.10
CA THR B 544 32.63 -25.22 -12.01
C THR B 544 33.02 -23.82 -12.47
N TRP B 545 34.11 -23.30 -11.90
CA TRP B 545 34.49 -21.93 -12.24
C TRP B 545 34.82 -21.83 -13.73
N GLN B 546 35.65 -22.75 -14.23
CA GLN B 546 35.98 -22.69 -15.65
C GLN B 546 34.70 -22.71 -16.46
N GLN B 547 33.80 -23.63 -16.07
CA GLN B 547 32.57 -23.79 -16.83
C GLN B 547 31.76 -22.51 -16.73
N MET B 548 31.64 -21.96 -15.51
CA MET B 548 30.82 -20.78 -15.35
C MET B 548 31.45 -19.62 -16.08
N ALA B 549 32.79 -19.53 -16.03
CA ALA B 549 33.47 -18.39 -16.60
C ALA B 549 33.36 -18.40 -18.13
N GLU B 550 33.17 -19.60 -18.70
CA GLU B 550 32.86 -19.66 -20.12
C GLU B 550 31.40 -19.29 -20.37
N LYS B 551 30.45 -19.98 -19.72
CA LYS B 551 29.06 -19.76 -20.09
C LYS B 551 28.67 -18.31 -19.86
N LEU B 552 29.16 -17.70 -18.77
CA LEU B 552 28.72 -16.36 -18.38
C LEU B 552 29.43 -15.29 -19.16
N GLN B 553 30.08 -15.65 -20.28
CA GLN B 553 30.49 -14.57 -21.17
C GLN B 553 29.31 -13.97 -21.92
N GLY B 554 28.13 -14.59 -21.90
CA GLY B 554 27.03 -14.01 -22.66
C GLY B 554 25.71 -13.82 -21.96
N PHE B 555 25.68 -14.03 -20.64
CA PHE B 555 24.50 -13.82 -19.79
C PHE B 555 24.97 -13.88 -18.35
N ASN B 556 24.11 -13.42 -17.43
CA ASN B 556 24.47 -13.34 -16.02
C ASN B 556 23.57 -14.27 -15.19
N VAL B 557 24.07 -14.63 -14.00
CA VAL B 557 23.29 -15.30 -12.97
C VAL B 557 23.66 -14.73 -11.61
N LEU B 558 22.87 -15.13 -10.61
CA LEU B 558 23.07 -14.71 -9.22
C LEU B 558 23.24 -15.95 -8.35
N SER B 559 24.47 -16.23 -7.95
CA SER B 559 24.85 -17.43 -7.20
C SER B 559 24.92 -17.12 -5.71
N TYR B 560 24.80 -18.18 -4.92
CA TYR B 560 24.80 -18.02 -3.48
C TYR B 560 25.17 -19.28 -2.75
N LEU B 561 25.37 -19.16 -1.45
CA LEU B 561 25.68 -20.29 -0.59
C LEU B 561 24.57 -20.58 0.40
N SER B 562 23.85 -19.55 0.82
CA SER B 562 22.84 -19.59 1.85
C SER B 562 21.62 -18.87 1.31
N SER B 563 20.43 -19.39 1.60
CA SER B 563 19.25 -18.59 1.32
C SER B 563 18.17 -18.90 2.36
N HIS B 564 17.04 -18.24 2.21
CA HIS B 564 15.96 -18.30 3.18
C HIS B 564 15.06 -19.48 2.96
N ASP B 565 15.32 -20.27 1.93
CA ASP B 565 14.46 -21.43 1.71
C ASP B 565 15.27 -22.61 1.21
N THR B 566 16.55 -22.62 1.55
CA THR B 566 17.36 -23.81 1.39
C THR B 566 18.03 -24.10 2.74
N ARG B 567 19.13 -23.43 2.98
CA ARG B 567 19.89 -23.66 4.18
C ARG B 567 20.99 -22.63 4.33
N LEU B 568 21.70 -22.69 5.43
CA LEU B 568 22.79 -21.77 5.68
C LEU B 568 24.10 -22.50 5.58
N PHE B 569 25.01 -21.98 4.78
CA PHE B 569 26.30 -22.60 4.56
C PHE B 569 27.22 -22.28 5.69
N ARG B 570 27.44 -23.24 6.55
CA ARG B 570 28.32 -23.03 7.67
C ARG B 570 29.43 -24.05 7.73
N GLU B 571 29.53 -24.92 6.73
CA GLU B 571 30.68 -25.81 6.68
C GLU B 571 31.94 -24.99 6.43
N GLY B 572 33.07 -25.52 6.84
CA GLY B 572 34.31 -24.80 6.55
C GLY B 572 34.52 -23.36 6.99
N GLY B 573 33.62 -22.77 7.80
CA GLY B 573 33.93 -21.46 8.38
C GLY B 573 34.19 -20.39 7.34
N ASP B 574 35.21 -19.55 7.60
CA ASP B 574 35.33 -18.41 6.69
C ASP B 574 35.82 -18.78 5.28
N LYS B 575 36.15 -20.04 4.99
CA LYS B 575 36.38 -20.40 3.58
C LYS B 575 35.19 -20.06 2.72
N ALA B 576 34.00 -19.93 3.32
CA ALA B 576 32.82 -19.53 2.56
C ALA B 576 33.12 -18.34 1.66
N ALA B 577 33.87 -17.36 2.18
CA ALA B 577 34.19 -16.16 1.40
C ALA B 577 34.88 -16.52 0.08
N GLU B 578 36.01 -17.20 0.12
CA GLU B 578 36.63 -17.57 -1.14
C GLU B 578 35.67 -18.36 -2.02
N LEU B 579 34.94 -19.32 -1.45
CA LEU B 579 34.10 -20.16 -2.29
C LEU B 579 33.07 -19.33 -3.01
N LEU B 580 32.60 -18.24 -2.39
CA LEU B 580 31.51 -17.51 -3.02
C LEU B 580 32.05 -16.35 -3.83
N LEU B 581 32.96 -15.55 -3.26
CA LEU B 581 33.24 -14.26 -3.85
C LEU B 581 34.05 -14.37 -5.14
N LEU B 582 34.73 -15.51 -5.35
CA LEU B 582 35.50 -15.78 -6.54
C LEU B 582 34.66 -16.39 -7.66
N ALA B 583 33.32 -16.34 -7.55
CA ALA B 583 32.47 -16.96 -8.56
C ALA B 583 32.32 -16.03 -9.76
N PRO B 584 32.38 -16.56 -10.99
CA PRO B 584 31.91 -15.78 -12.14
C PRO B 584 30.44 -15.43 -11.97
N GLY B 585 30.06 -14.26 -12.45
CA GLY B 585 28.69 -13.78 -12.29
C GLY B 585 28.43 -13.09 -10.95
N ALA B 586 27.23 -12.52 -10.83
CA ALA B 586 26.85 -11.85 -9.59
C ALA B 586 26.66 -12.87 -8.47
N VAL B 587 26.98 -12.45 -7.24
CA VAL B 587 26.85 -13.29 -6.06
C VAL B 587 25.99 -12.58 -5.02
N GLN B 588 25.19 -13.35 -4.28
CA GLN B 588 24.52 -12.82 -3.09
C GLN B 588 25.13 -13.39 -1.83
N ILE B 589 25.61 -12.49 -0.98
CA ILE B 589 25.84 -12.83 0.40
C ILE B 589 24.48 -12.80 1.08
N PHE B 590 24.12 -13.88 1.76
CA PHE B 590 22.91 -13.88 2.58
C PHE B 590 23.31 -13.31 3.91
N TYR B 591 22.48 -12.42 4.47
CA TYR B 591 22.97 -11.62 5.60
C TYR B 591 23.56 -12.51 6.69
N GLY B 592 24.73 -12.13 7.15
CA GLY B 592 25.33 -12.92 8.18
C GLY B 592 26.15 -14.12 7.73
N ASP B 593 26.29 -14.36 6.41
CA ASP B 593 27.30 -15.33 5.98
C ASP B 593 28.68 -14.88 6.42
N GLU B 594 28.91 -13.57 6.50
CA GLU B 594 30.26 -13.09 6.75
C GLU B 594 30.65 -13.29 8.20
N SER B 595 29.66 -13.41 9.09
CA SER B 595 29.89 -13.56 10.51
C SER B 595 29.42 -14.90 11.08
N SER B 596 29.14 -15.89 10.21
CA SER B 596 28.60 -17.18 10.62
C SER B 596 27.35 -17.06 11.49
N ARG B 597 26.41 -16.23 11.05
CA ARG B 597 25.15 -16.15 11.77
C ARG B 597 24.56 -17.55 11.95
N PRO B 598 24.21 -17.96 13.17
CA PRO B 598 23.80 -19.35 13.38
C PRO B 598 22.35 -19.57 12.99
N PHE B 599 22.08 -20.80 12.55
CA PHE B 599 20.72 -21.25 12.32
C PHE B 599 19.89 -21.04 13.60
N GLY B 600 18.66 -20.49 13.47
CA GLY B 600 17.90 -20.02 14.62
C GLY B 600 16.90 -21.01 15.18
N PRO B 601 16.08 -20.58 16.14
CA PRO B 601 14.89 -21.37 16.48
C PRO B 601 14.13 -21.72 15.23
N THR B 602 13.60 -22.93 15.16
CA THR B 602 12.88 -23.25 13.92
C THR B 602 11.59 -24.04 14.15
N GLY B 603 11.37 -24.66 15.31
CA GLY B 603 10.12 -25.39 15.53
C GLY B 603 9.88 -26.51 14.51
N SER B 604 8.65 -26.58 14.01
CA SER B 604 8.25 -27.61 13.06
C SER B 604 8.13 -27.04 11.67
N ASP B 605 8.75 -25.90 11.42
CA ASP B 605 8.98 -25.43 10.06
C ASP B 605 10.49 -25.43 9.83
N PRO B 606 11.03 -26.31 8.97
CA PRO B 606 12.49 -26.48 8.91
C PRO B 606 13.22 -25.28 8.33
N LEU B 607 12.54 -24.38 7.62
CA LEU B 607 13.22 -23.24 7.01
C LEU B 607 13.39 -22.08 7.96
N GLN B 608 12.61 -22.02 9.06
CA GLN B 608 12.56 -20.83 9.92
C GLN B 608 13.93 -20.46 10.48
N GLY B 609 14.72 -21.45 10.89
CA GLY B 609 16.02 -21.13 11.44
C GLY B 609 16.92 -20.34 10.50
N THR B 610 16.68 -20.41 9.19
CA THR B 610 17.55 -19.68 8.27
C THR B 610 17.27 -18.18 8.30
N ARG B 611 16.20 -17.75 8.98
CA ARG B 611 15.83 -16.35 9.07
C ARG B 611 16.19 -15.73 10.43
N SER B 612 17.21 -16.25 11.10
CA SER B 612 17.54 -15.78 12.43
C SER B 612 18.16 -14.39 12.42
N ASP B 613 18.15 -13.75 13.60
CA ASP B 613 18.67 -12.39 13.78
C ASP B 613 20.13 -12.26 13.39
N MET B 614 20.47 -11.13 12.77
CA MET B 614 21.87 -10.83 12.57
C MET B 614 22.60 -10.87 13.89
N ASN B 615 23.75 -11.57 13.93
CA ASN B 615 24.48 -11.79 15.20
C ASN B 615 25.51 -10.70 15.45
N TRP B 616 25.00 -9.53 15.83
CA TRP B 616 25.85 -8.34 15.90
C TRP B 616 26.94 -8.49 16.94
N GLN B 617 26.61 -9.05 18.10
CA GLN B 617 27.60 -9.26 19.15
C GLN B 617 28.82 -10.01 18.60
N ASP B 618 28.60 -10.96 17.69
CA ASP B 618 29.70 -11.72 17.14
C ASP B 618 30.49 -10.96 16.09
N VAL B 619 29.84 -10.07 15.32
CA VAL B 619 30.56 -9.31 14.30
C VAL B 619 31.80 -8.64 14.90
N SER B 620 31.67 -8.05 16.09
CA SER B 620 32.84 -7.48 16.74
C SER B 620 33.51 -8.42 17.72
N GLY B 621 32.97 -9.62 17.94
CA GLY B 621 33.59 -10.53 18.87
C GLY B 621 34.22 -11.74 18.21
N LYS B 622 33.66 -12.94 18.49
CA LYS B 622 34.18 -14.20 17.95
C LYS B 622 34.22 -14.25 16.43
N SER B 623 33.42 -13.45 15.73
CA SER B 623 33.35 -13.50 14.28
C SER B 623 34.09 -12.33 13.63
N ALA B 624 34.78 -11.51 14.43
CA ALA B 624 35.49 -10.37 13.89
C ALA B 624 36.54 -10.80 12.85
N ALA B 625 37.28 -11.88 13.12
CA ALA B 625 38.24 -12.38 12.13
C ALA B 625 37.55 -12.82 10.84
N SER B 626 36.39 -13.46 10.95
CA SER B 626 35.72 -13.92 9.74
C SER B 626 35.21 -12.73 8.90
N VAL B 627 34.68 -11.70 9.57
CA VAL B 627 34.27 -10.50 8.85
C VAL B 627 35.46 -9.85 8.16
N ALA B 628 36.61 -9.76 8.85
CA ALA B 628 37.80 -9.19 8.22
C ALA B 628 38.20 -9.99 6.99
N HIS B 629 38.17 -11.32 7.10
CA HIS B 629 38.53 -12.17 5.97
C HIS B 629 37.60 -11.88 4.78
N TRP B 630 36.29 -11.87 5.04
CA TRP B 630 35.33 -11.57 4.00
C TRP B 630 35.60 -10.21 3.38
N GLN B 631 35.81 -9.20 4.20
CA GLN B 631 36.08 -7.86 3.71
C GLN B 631 37.21 -7.87 2.72
N LYS B 632 38.34 -8.48 3.09
CA LYS B 632 39.50 -8.46 2.19
C LYS B 632 39.18 -9.11 0.84
N ILE B 633 38.59 -10.31 0.87
CA ILE B 633 38.33 -10.99 -0.42
C ILE B 633 37.25 -10.26 -1.22
N SER B 634 36.25 -9.70 -0.55
CA SER B 634 35.18 -9.05 -1.29
C SER B 634 35.66 -7.74 -1.87
N GLN B 635 36.52 -7.03 -1.13
CA GLN B 635 37.13 -5.83 -1.67
C GLN B 635 37.93 -6.12 -2.93
N PHE B 636 38.71 -7.21 -2.90
CA PHE B 636 39.47 -7.60 -4.08
C PHE B 636 38.54 -7.81 -5.26
N ARG B 637 37.40 -8.48 -5.03
CA ARG B 637 36.42 -8.62 -6.09
C ARG B 637 35.90 -7.27 -6.59
N ALA B 638 35.68 -6.33 -5.68
CA ALA B 638 35.15 -5.05 -6.12
C ALA B 638 36.17 -4.27 -6.93
N ARG B 639 37.46 -4.60 -6.80
CA ARG B 639 38.53 -3.94 -7.53
C ARG B 639 38.78 -4.54 -8.90
N HIS B 640 38.13 -5.64 -9.28
CA HIS B 640 38.53 -6.36 -10.47
C HIS B 640 37.33 -7.03 -11.13
N PRO B 641 36.69 -6.35 -12.09
CA PRO B 641 35.60 -6.96 -12.87
C PRO B 641 36.02 -8.24 -13.60
N ALA B 642 37.32 -8.51 -13.74
CA ALA B 642 37.76 -9.80 -14.25
C ALA B 642 37.21 -10.94 -13.43
N ILE B 643 37.02 -10.74 -12.12
CA ILE B 643 36.62 -11.86 -11.25
C ILE B 643 35.30 -12.43 -11.71
N GLY B 644 34.30 -11.56 -11.87
CA GLY B 644 32.94 -11.98 -12.13
C GLY B 644 32.60 -11.96 -13.60
N ALA B 645 33.41 -11.26 -14.37
CA ALA B 645 33.13 -11.08 -15.78
C ALA B 645 34.21 -11.62 -16.71
N GLY B 646 35.43 -11.82 -16.22
CA GLY B 646 36.52 -12.16 -17.11
C GLY B 646 36.58 -13.63 -17.46
N LYS B 647 37.35 -13.91 -18.52
CA LYS B 647 37.62 -15.27 -18.95
C LYS B 647 38.75 -15.84 -18.09
N GLN B 648 38.66 -17.15 -17.82
CA GLN B 648 39.57 -17.81 -16.88
C GLN B 648 40.49 -18.79 -17.59
N THR B 649 41.74 -18.79 -17.16
CA THR B 649 42.81 -19.65 -17.65
C THR B 649 43.44 -20.33 -16.44
N THR B 650 43.32 -21.65 -16.34
CA THR B 650 43.85 -22.31 -15.15
C THR B 650 45.32 -22.63 -15.38
N LEU B 651 46.18 -21.99 -14.59
CA LEU B 651 47.62 -22.24 -14.64
C LEU B 651 47.93 -23.66 -14.17
N LEU B 652 49.04 -24.20 -14.68
CA LEU B 652 49.66 -25.40 -14.15
C LEU B 652 50.82 -24.92 -13.29
N LEU B 653 50.77 -25.20 -12.00
CA LEU B 653 51.81 -24.71 -11.10
C LEU B 653 52.48 -25.88 -10.40
N LYS B 654 53.59 -25.59 -9.70
CA LYS B 654 54.35 -26.67 -9.06
C LYS B 654 53.80 -27.07 -7.67
N GLN B 655 53.42 -26.05 -6.90
CA GLN B 655 52.76 -26.27 -5.60
C GLN B 655 51.54 -25.37 -5.55
N GLY B 656 50.36 -25.93 -5.28
CA GLY B 656 49.12 -25.20 -5.22
C GLY B 656 48.29 -25.32 -6.49
N TYR B 657 47.35 -24.40 -6.52
CA TYR B 657 46.32 -24.20 -7.53
C TYR B 657 46.23 -22.71 -7.81
N GLY B 658 46.05 -22.35 -9.06
CA GLY B 658 46.06 -20.94 -9.39
C GLY B 658 45.43 -20.74 -10.74
N PHE B 659 44.91 -19.54 -10.96
CA PHE B 659 44.24 -19.27 -12.20
C PHE B 659 44.27 -17.81 -12.50
N VAL B 660 43.99 -17.48 -13.74
CA VAL B 660 44.01 -16.10 -14.18
C VAL B 660 42.62 -15.77 -14.69
N ARG B 661 42.22 -14.51 -14.50
CA ARG B 661 41.04 -14.01 -15.17
C ARG B 661 41.33 -12.64 -15.76
N GLU B 662 40.81 -12.42 -16.97
CA GLU B 662 40.95 -11.16 -17.73
C GLU B 662 39.59 -10.67 -18.25
N HIS B 663 39.40 -9.35 -18.22
CA HIS B 663 38.22 -8.71 -18.82
C HIS B 663 38.64 -7.30 -19.20
N GLY B 664 38.79 -7.07 -20.50
CA GLY B 664 39.27 -5.77 -20.99
C GLY B 664 40.64 -5.48 -20.42
N ASP B 665 40.78 -4.28 -19.87
CA ASP B 665 42.02 -3.81 -19.24
C ASP B 665 42.35 -4.55 -17.94
N ASP B 666 41.42 -5.31 -17.36
CA ASP B 666 41.59 -5.83 -16.02
C ASP B 666 42.06 -7.29 -16.05
N LYS B 667 43.03 -7.60 -15.20
CA LYS B 667 43.75 -8.86 -15.26
C LYS B 667 44.21 -9.21 -13.85
N VAL B 668 43.95 -10.45 -13.44
CA VAL B 668 44.10 -10.87 -12.06
C VAL B 668 44.56 -12.32 -12.02
N LEU B 669 45.38 -12.62 -11.01
CA LEU B 669 45.89 -13.97 -10.79
C LEU B 669 45.65 -14.39 -9.36
N VAL B 670 44.99 -15.52 -9.16
CA VAL B 670 44.61 -15.98 -7.83
C VAL B 670 45.29 -17.32 -7.57
N VAL B 671 45.83 -17.48 -6.37
CA VAL B 671 46.62 -18.66 -6.01
C VAL B 671 46.19 -19.16 -4.64
N TRP B 672 45.96 -20.46 -4.55
CA TRP B 672 45.70 -21.18 -3.30
C TRP B 672 46.86 -22.16 -3.11
N ALA B 673 47.56 -22.04 -1.99
CA ALA B 673 48.76 -22.85 -1.80
C ALA B 673 48.43 -24.32 -1.54
N GLY B 674 47.28 -24.66 -0.97
CA GLY B 674 46.91 -26.04 -0.74
C GLY B 674 46.54 -26.30 0.70
N GLN B 675 46.24 -27.57 0.99
CA GLN B 675 45.72 -27.92 2.31
C GLN B 675 46.76 -27.73 3.43
N GLN B 676 46.30 -27.22 4.57
CA GLN B 676 47.21 -26.99 5.70
C GLN B 676 48.63 -26.67 5.24
N GLU C 120 -76.71 -13.85 14.13
CA GLU C 120 -75.53 -14.09 14.93
C GLU C 120 -74.37 -14.37 14.04
N CYS C 121 -73.36 -15.00 14.62
CA CYS C 121 -72.21 -15.34 13.84
C CYS C 121 -72.51 -16.63 13.11
N PRO C 122 -72.35 -16.64 11.79
CA PRO C 122 -72.60 -17.83 10.97
C PRO C 122 -71.93 -19.09 11.50
N LYS C 123 -72.37 -20.26 11.05
CA LYS C 123 -71.83 -21.49 11.57
C LYS C 123 -71.40 -22.42 10.44
N TRP C 124 -70.70 -23.51 10.75
CA TRP C 124 -70.22 -24.33 9.65
C TRP C 124 -70.21 -25.81 10.00
N ASP C 125 -70.63 -26.63 9.02
CA ASP C 125 -70.63 -28.08 9.19
C ASP C 125 -69.22 -28.61 9.40
N GLY C 126 -68.21 -27.89 8.92
CA GLY C 126 -66.93 -28.47 8.65
C GLY C 126 -66.86 -29.20 7.34
N LEU C 127 -68.00 -29.50 6.74
CA LEU C 127 -68.09 -30.21 5.48
C LEU C 127 -67.96 -29.22 4.33
N PRO C 128 -67.79 -29.71 3.07
CA PRO C 128 -67.54 -28.77 1.96
C PRO C 128 -68.58 -27.68 1.85
N LEU C 129 -68.23 -26.65 1.09
CA LEU C 129 -69.01 -25.43 1.03
C LEU C 129 -69.37 -25.16 -0.43
N THR C 130 -70.54 -24.55 -0.63
CA THR C 130 -71.05 -24.24 -1.95
C THR C 130 -71.30 -22.74 -2.02
N VAL C 131 -70.88 -22.12 -3.12
CA VAL C 131 -71.02 -20.67 -3.27
C VAL C 131 -71.58 -20.33 -4.65
N ASP C 132 -72.32 -19.22 -4.71
CA ASP C 132 -72.85 -18.65 -5.95
C ASP C 132 -71.94 -17.53 -6.43
N VAL C 133 -71.19 -17.81 -7.50
CA VAL C 133 -70.27 -16.83 -8.05
C VAL C 133 -70.84 -16.13 -9.27
N SER C 134 -72.09 -16.44 -9.64
CA SER C 134 -72.67 -16.01 -10.91
C SER C 134 -72.56 -14.50 -11.12
N ALA C 135 -72.71 -13.72 -10.06
CA ALA C 135 -72.61 -12.27 -10.18
C ALA C 135 -71.26 -11.85 -10.76
N THR C 136 -70.19 -12.60 -10.49
CA THR C 136 -68.83 -12.14 -10.73
C THR C 136 -67.92 -13.08 -11.54
N PHE C 137 -68.20 -14.39 -11.59
CA PHE C 137 -67.42 -15.30 -12.43
C PHE C 137 -68.34 -15.98 -13.45
N PRO C 138 -68.02 -15.90 -14.74
CA PRO C 138 -68.90 -16.51 -15.76
C PRO C 138 -68.99 -18.04 -15.67
N GLU C 139 -69.78 -18.62 -16.58
CA GLU C 139 -70.11 -20.03 -16.48
C GLU C 139 -69.00 -20.86 -17.13
N GLY C 140 -68.51 -21.86 -16.41
CA GLY C 140 -67.45 -22.73 -16.90
C GLY C 140 -66.05 -22.18 -16.76
N ALA C 141 -65.90 -20.96 -16.25
CA ALA C 141 -64.60 -20.37 -15.99
C ALA C 141 -63.85 -21.17 -14.93
N ALA C 142 -62.53 -20.99 -14.90
CA ALA C 142 -61.66 -21.69 -13.96
C ALA C 142 -61.37 -20.76 -12.79
N VAL C 143 -61.76 -21.18 -11.58
CA VAL C 143 -61.68 -20.36 -10.39
C VAL C 143 -60.75 -21.03 -9.38
N ARG C 144 -59.91 -20.22 -8.77
CA ARG C 144 -59.00 -20.77 -7.81
C ARG C 144 -59.07 -20.22 -6.43
N ASP C 145 -59.25 -21.09 -5.46
CA ASP C 145 -59.06 -20.69 -4.06
C ASP C 145 -57.58 -20.59 -3.81
N TYR C 146 -57.08 -19.37 -3.54
CA TYR C 146 -55.63 -19.24 -3.44
C TYR C 146 -55.08 -19.99 -2.22
N TYR C 147 -55.87 -20.10 -1.16
CA TYR C 147 -55.33 -20.72 0.05
C TYR C 147 -54.95 -22.17 -0.20
N SER C 148 -55.90 -22.99 -0.62
CA SER C 148 -55.62 -24.41 -0.80
C SER C 148 -55.04 -24.78 -2.18
N GLN C 149 -55.03 -23.84 -3.13
CA GLN C 149 -54.60 -24.01 -4.53
C GLN C 149 -55.54 -24.88 -5.36
N GLN C 150 -56.67 -25.30 -4.78
CA GLN C 150 -57.75 -25.97 -5.50
C GLN C 150 -58.38 -25.08 -6.57
N ILE C 151 -58.75 -25.70 -7.70
CA ILE C 151 -59.44 -25.02 -8.77
C ILE C 151 -60.77 -25.73 -9.05
N ALA C 152 -61.83 -24.95 -9.17
CA ALA C 152 -63.18 -25.41 -9.50
C ALA C 152 -63.62 -24.83 -10.84
N ILE C 153 -64.35 -25.64 -11.61
CA ILE C 153 -65.04 -25.21 -12.83
C ILE C 153 -66.49 -24.96 -12.51
N VAL C 154 -66.97 -23.77 -12.90
CA VAL C 154 -68.30 -23.30 -12.51
C VAL C 154 -69.36 -24.14 -13.22
N LYS C 155 -70.23 -24.78 -12.42
CA LYS C 155 -71.25 -25.71 -12.93
C LYS C 155 -72.59 -25.02 -13.18
N ASN C 156 -73.20 -24.45 -12.14
CA ASN C 156 -74.51 -23.81 -12.25
C ASN C 156 -74.48 -22.44 -11.58
N GLY C 157 -73.57 -21.59 -12.06
CA GLY C 157 -73.22 -20.37 -11.34
C GLY C 157 -72.60 -20.62 -9.99
N GLN C 158 -72.21 -21.87 -9.69
CA GLN C 158 -71.86 -22.28 -8.35
C GLN C 158 -70.55 -23.09 -8.33
N ILE C 159 -69.95 -23.13 -7.14
CA ILE C 159 -68.68 -23.81 -6.89
C ILE C 159 -68.81 -24.67 -5.64
N MET C 160 -68.14 -25.83 -5.66
CA MET C 160 -68.10 -26.80 -4.56
C MET C 160 -66.66 -26.99 -4.09
N LEU C 161 -66.28 -26.39 -2.96
CA LEU C 161 -64.89 -26.49 -2.49
C LEU C 161 -64.82 -26.73 -0.98
N GLN C 162 -63.82 -27.50 -0.58
CA GLN C 162 -63.49 -27.77 0.82
C GLN C 162 -62.39 -26.82 1.29
N PRO C 163 -62.64 -25.93 2.26
CA PRO C 163 -61.58 -25.01 2.73
C PRO C 163 -60.43 -25.81 3.32
N ALA C 164 -59.23 -25.26 3.20
CA ALA C 164 -58.06 -26.00 3.68
C ALA C 164 -58.08 -26.05 5.21
N ALA C 165 -57.41 -27.06 5.76
CA ALA C 165 -57.46 -27.29 7.20
C ALA C 165 -56.96 -26.08 7.97
N THR C 166 -55.86 -25.49 7.52
CA THR C 166 -55.29 -24.38 8.27
C THR C 166 -55.84 -23.03 7.84
N SER C 167 -56.74 -22.99 6.85
CA SER C 167 -57.49 -21.77 6.57
C SER C 167 -58.63 -21.72 7.55
N ASN C 168 -58.82 -20.59 8.22
CA ASN C 168 -59.87 -20.52 9.23
C ASN C 168 -61.24 -20.43 8.59
N GLY C 169 -61.56 -21.47 7.82
CA GLY C 169 -62.77 -21.55 7.04
C GLY C 169 -62.82 -20.55 5.90
N LEU C 170 -61.74 -20.41 5.14
CA LEU C 170 -61.67 -19.37 4.12
C LEU C 170 -61.56 -19.97 2.74
N LEU C 171 -62.14 -19.26 1.78
CA LEU C 171 -61.91 -19.46 0.37
C LEU C 171 -61.56 -18.11 -0.24
N LEU C 172 -60.42 -18.04 -0.94
CA LEU C 172 -59.91 -16.79 -1.51
C LEU C 172 -59.97 -16.93 -3.01
N LEU C 173 -61.12 -16.64 -3.59
CA LEU C 173 -61.46 -17.05 -4.93
C LEU C 173 -61.08 -15.95 -5.92
N GLU C 174 -60.31 -16.34 -6.93
CA GLU C 174 -59.81 -15.47 -7.98
C GLU C 174 -59.92 -16.23 -9.29
N ARG C 175 -59.80 -15.53 -10.41
CA ARG C 175 -59.58 -16.21 -11.68
C ARG C 175 -58.37 -17.13 -11.59
N ALA C 176 -58.53 -18.39 -11.99
CA ALA C 176 -57.39 -19.31 -12.03
C ALA C 176 -56.27 -18.86 -12.97
N GLU C 177 -56.52 -17.89 -13.84
CA GLU C 177 -55.51 -17.47 -14.79
C GLU C 177 -54.59 -16.39 -14.20
N THR C 178 -54.78 -16.05 -12.93
CA THR C 178 -53.92 -15.09 -12.22
C THR C 178 -52.54 -15.71 -12.04
N ASP C 179 -51.52 -15.16 -12.72
CA ASP C 179 -50.14 -15.67 -12.73
C ASP C 179 -49.31 -15.19 -11.56
N THR C 180 -49.46 -13.91 -11.19
CA THR C 180 -48.40 -13.17 -10.53
C THR C 180 -48.99 -12.07 -9.65
N SER C 181 -48.10 -11.33 -9.00
CA SER C 181 -48.51 -10.22 -8.16
C SER C 181 -48.82 -9.00 -9.02
N ALA C 182 -49.85 -8.28 -8.63
CA ALA C 182 -50.26 -7.11 -9.38
C ALA C 182 -49.25 -5.97 -9.19
N PRO C 183 -49.21 -5.04 -10.14
CA PRO C 183 -48.34 -3.87 -9.99
C PRO C 183 -48.63 -3.14 -8.68
N PHE C 184 -47.56 -2.57 -8.12
CA PHE C 184 -47.64 -1.94 -6.82
C PHE C 184 -48.61 -0.77 -6.81
N ASP C 185 -49.33 -0.64 -5.68
CA ASP C 185 -50.33 0.42 -5.54
C ASP C 185 -50.42 0.78 -4.07
N TRP C 186 -50.03 2.02 -3.74
CA TRP C 186 -50.13 2.49 -2.36
C TRP C 186 -51.51 2.24 -1.77
N HIS C 187 -52.53 2.21 -2.60
CA HIS C 187 -53.87 1.96 -2.07
C HIS C 187 -54.10 0.48 -1.78
N ASN C 188 -53.15 -0.39 -2.13
CA ASN C 188 -53.23 -1.81 -1.81
C ASN C 188 -52.01 -2.26 -1.01
N ALA C 189 -51.23 -1.33 -0.48
CA ALA C 189 -49.92 -1.63 0.07
C ALA C 189 -50.02 -2.53 1.30
N THR C 190 -49.04 -3.42 1.44
CA THR C 190 -48.77 -4.14 2.68
C THR C 190 -47.44 -3.61 3.23
N VAL C 191 -47.53 -2.85 4.33
CA VAL C 191 -46.38 -2.19 4.94
C VAL C 191 -45.96 -3.00 6.16
N TYR C 192 -44.67 -3.25 6.28
CA TYR C 192 -44.12 -3.97 7.40
C TYR C 192 -43.27 -2.98 8.19
N PHE C 193 -43.65 -2.74 9.45
CA PHE C 193 -43.00 -1.75 10.31
C PHE C 193 -42.03 -2.41 11.27
N VAL C 194 -40.73 -2.12 11.12
CA VAL C 194 -39.69 -2.72 11.98
C VAL C 194 -39.06 -1.64 12.84
N LEU C 195 -38.81 -1.99 14.10
CA LEU C 195 -37.84 -1.27 14.90
C LEU C 195 -36.51 -1.98 14.67
N THR C 196 -35.68 -1.42 13.79
CA THR C 196 -34.49 -2.12 13.30
C THR C 196 -33.65 -2.73 14.43
N ASP C 197 -33.47 -1.98 15.55
CA ASP C 197 -32.66 -2.48 16.65
C ASP C 197 -33.24 -3.72 17.29
N ARG C 198 -34.52 -4.03 17.04
CA ARG C 198 -35.12 -5.19 17.66
C ARG C 198 -35.43 -6.28 16.65
N PHE C 199 -34.82 -6.21 15.46
CA PHE C 199 -35.15 -7.15 14.40
C PHE C 199 -34.02 -8.14 14.16
N GLU C 200 -32.94 -7.72 13.51
CA GLU C 200 -31.87 -8.64 13.17
C GLU C 200 -30.52 -7.96 13.26
N ASN C 201 -29.61 -8.59 13.97
CA ASN C 201 -28.25 -8.09 14.13
C ASN C 201 -27.40 -8.71 13.03
N GLY C 202 -27.11 -7.93 11.99
CA GLY C 202 -26.28 -8.44 10.92
C GLY C 202 -24.81 -8.24 11.16
N ASP C 203 -24.49 -7.36 12.10
CA ASP C 203 -23.13 -6.93 12.43
C ASP C 203 -23.02 -6.76 13.93
N PRO C 204 -22.28 -7.62 14.63
CA PRO C 204 -22.15 -7.44 16.08
C PRO C 204 -21.22 -6.30 16.45
N SER C 205 -20.35 -5.85 15.56
CA SER C 205 -19.31 -4.94 16.00
C SER C 205 -19.79 -3.53 16.24
N ASN C 206 -21.03 -3.19 15.89
CA ASN C 206 -21.54 -1.84 16.10
C ASN C 206 -22.63 -1.78 17.17
N ASP C 207 -22.73 -2.82 18.02
CA ASP C 207 -23.82 -2.87 18.99
C ASP C 207 -23.68 -1.86 20.11
N GLN C 208 -22.47 -1.42 20.44
CA GLN C 208 -22.21 -0.60 21.62
C GLN C 208 -21.54 0.70 21.23
N SER C 209 -22.13 1.41 20.27
CA SER C 209 -21.51 2.62 19.79
C SER C 209 -21.65 3.75 20.80
N TYR C 210 -20.77 4.74 20.68
CA TYR C 210 -20.75 5.91 21.53
C TYR C 210 -20.74 5.56 23.02
N GLY C 211 -20.13 4.44 23.39
CA GLY C 211 -20.09 4.05 24.78
C GLY C 211 -21.36 3.43 25.29
N ARG C 212 -22.32 3.13 24.42
CA ARG C 212 -23.58 2.52 24.83
C ARG C 212 -23.35 1.12 25.42
N HIS C 213 -24.03 0.81 26.52
CA HIS C 213 -23.92 -0.47 27.20
C HIS C 213 -25.28 -1.16 27.31
N LYS C 214 -25.23 -2.51 27.32
CA LYS C 214 -26.31 -3.31 27.89
C LYS C 214 -26.40 -3.07 29.39
N ASP C 215 -27.59 -3.26 29.97
CA ASP C 215 -27.77 -2.93 31.38
C ASP C 215 -27.63 -4.14 32.31
N GLY C 216 -27.36 -5.34 31.78
CA GLY C 216 -27.19 -6.52 32.61
C GLY C 216 -28.42 -6.97 33.37
N MET C 217 -29.58 -6.44 33.01
CA MET C 217 -30.82 -6.79 33.68
C MET C 217 -31.90 -7.46 32.86
N ALA C 218 -32.81 -6.72 32.26
CA ALA C 218 -33.83 -7.34 31.40
C ALA C 218 -33.73 -6.58 30.08
N GLU C 219 -32.79 -5.64 29.97
CA GLU C 219 -32.55 -4.91 28.73
C GLU C 219 -33.82 -4.29 28.17
N ILE C 220 -34.57 -3.59 29.02
CA ILE C 220 -35.86 -3.12 28.55
C ILE C 220 -35.67 -2.00 27.52
N GLY C 221 -34.70 -1.11 27.77
CA GLY C 221 -34.50 0.06 26.94
C GLY C 221 -33.13 0.25 26.29
N THR C 222 -32.31 -0.80 26.28
CA THR C 222 -30.98 -0.73 25.70
C THR C 222 -31.01 -1.04 24.21
N PHE C 223 -29.92 -0.73 23.52
CA PHE C 223 -29.84 -1.21 22.14
C PHE C 223 -29.58 -2.70 22.19
N HIS C 224 -30.41 -3.47 21.50
CA HIS C 224 -30.16 -4.89 21.44
C HIS C 224 -29.20 -5.32 20.32
N GLY C 225 -28.93 -4.48 19.32
CA GLY C 225 -27.95 -4.79 18.28
C GLY C 225 -28.46 -4.86 16.85
N GLY C 226 -29.78 -4.91 16.63
CA GLY C 226 -30.28 -5.02 15.28
C GLY C 226 -29.92 -3.80 14.46
N ASP C 227 -29.68 -4.01 13.17
CA ASP C 227 -29.00 -3.02 12.35
C ASP C 227 -29.44 -3.16 10.89
N LEU C 228 -29.01 -2.27 10.01
CA LEU C 228 -29.49 -2.30 8.62
C LEU C 228 -29.00 -3.45 7.79
N ARG C 229 -27.86 -4.00 8.15
CA ARG C 229 -27.35 -5.14 7.45
C ARG C 229 -28.22 -6.34 7.73
N GLY C 230 -28.69 -6.47 8.95
CA GLY C 230 -29.55 -7.57 9.28
C GLY C 230 -30.89 -7.51 8.64
N LEU C 231 -31.40 -6.32 8.47
CA LEU C 231 -32.68 -6.16 7.82
C LEU C 231 -32.54 -6.53 6.37
N THR C 232 -31.44 -6.15 5.75
CA THR C 232 -31.21 -6.47 4.35
C THR C 232 -31.18 -7.98 4.18
N ASN C 233 -30.68 -8.68 5.17
CA ASN C 233 -30.60 -10.13 5.10
C ASN C 233 -31.97 -10.77 5.12
N LYS C 234 -32.90 -10.19 5.87
CA LYS C 234 -34.23 -10.78 5.99
C LYS C 234 -35.19 -10.34 4.89
N LEU C 235 -34.67 -9.74 3.80
CA LEU C 235 -35.57 -9.24 2.78
C LEU C 235 -36.28 -10.35 2.03
N ASP C 236 -35.66 -11.52 1.85
CA ASP C 236 -36.42 -12.55 1.17
C ASP C 236 -37.51 -13.11 2.05
N TYR C 237 -37.24 -13.19 3.36
CA TYR C 237 -38.32 -13.51 4.28
C TYR C 237 -39.48 -12.52 4.10
N LEU C 238 -39.17 -11.22 4.05
CA LEU C 238 -40.23 -10.21 3.94
C LEU C 238 -40.94 -10.30 2.61
N GLN C 239 -40.22 -10.61 1.53
CA GLN C 239 -40.83 -10.76 0.20
C GLN C 239 -41.79 -11.95 0.15
N GLN C 240 -41.40 -13.09 0.75
CA GLN C 240 -42.31 -14.22 0.83
C GLN C 240 -43.53 -13.91 1.68
N LEU C 241 -43.43 -12.94 2.58
CA LEU C 241 -44.58 -12.55 3.39
C LEU C 241 -45.53 -11.59 2.66
N GLY C 242 -45.26 -11.30 1.38
CA GLY C 242 -46.09 -10.38 0.63
C GLY C 242 -45.89 -8.92 0.95
N VAL C 243 -44.83 -8.56 1.69
CA VAL C 243 -44.54 -7.17 1.98
C VAL C 243 -44.11 -6.44 0.71
N ASN C 244 -44.58 -5.19 0.54
CA ASN C 244 -44.02 -4.34 -0.50
C ASN C 244 -43.74 -2.90 -0.07
N ALA C 245 -43.96 -2.55 1.21
CA ALA C 245 -43.38 -1.34 1.81
C ALA C 245 -42.73 -1.73 3.11
N LEU C 246 -41.45 -1.44 3.24
CA LEU C 246 -40.69 -1.66 4.46
C LEU C 246 -40.57 -0.29 5.13
N TRP C 247 -41.20 -0.14 6.28
CA TRP C 247 -41.17 1.09 7.08
C TRP C 247 -40.28 0.85 8.28
N ILE C 248 -39.15 1.55 8.31
CA ILE C 248 -38.09 1.33 9.29
C ILE C 248 -38.03 2.53 10.20
N SER C 249 -37.70 2.27 11.46
CA SER C 249 -37.51 3.34 12.43
C SER C 249 -36.37 4.25 11.96
N ALA C 250 -36.44 5.53 12.37
CA ALA C 250 -35.52 6.56 11.95
C ALA C 250 -34.06 6.09 12.09
N PRO C 251 -33.28 6.13 11.02
CA PRO C 251 -31.87 5.68 11.08
C PRO C 251 -30.87 6.79 11.43
N PHE C 252 -31.37 7.99 11.70
CA PHE C 252 -30.51 9.13 11.98
C PHE C 252 -29.80 8.97 13.33
N GLU C 253 -28.76 9.78 13.54
CA GLU C 253 -27.96 9.68 14.76
C GLU C 253 -28.79 10.11 15.96
N GLN C 254 -29.07 9.16 16.84
CA GLN C 254 -29.82 9.41 18.05
C GLN C 254 -28.92 10.07 19.10
N ILE C 255 -29.54 10.43 20.24
CA ILE C 255 -28.78 10.79 21.43
C ILE C 255 -27.89 9.61 21.82
N HIS C 256 -26.77 9.91 22.46
CA HIS C 256 -25.80 8.86 22.75
C HIS C 256 -26.05 8.16 24.06
N GLY C 257 -26.62 8.84 25.04
CA GLY C 257 -26.88 8.27 26.32
C GLY C 257 -28.32 7.89 26.50
N TRP C 258 -28.73 7.83 27.77
CA TRP C 258 -29.97 7.23 28.21
C TRP C 258 -30.65 8.17 29.19
N VAL C 259 -31.90 7.87 29.52
CA VAL C 259 -32.64 8.63 30.52
C VAL C 259 -33.35 7.63 31.43
N GLY C 260 -33.95 8.13 32.50
CA GLY C 260 -34.72 7.26 33.37
C GLY C 260 -35.93 6.69 32.66
N GLY C 261 -36.19 5.40 32.87
CA GLY C 261 -37.24 4.70 32.16
C GLY C 261 -38.41 4.35 33.07
N GLY C 262 -39.62 4.49 32.51
CA GLY C 262 -40.83 4.15 33.21
C GLY C 262 -41.16 5.14 34.29
N THR C 263 -42.32 4.94 34.92
CA THR C 263 -42.68 5.85 36.00
C THR C 263 -41.86 5.62 37.27
N LYS C 264 -41.03 4.58 37.31
CA LYS C 264 -40.36 4.19 38.55
C LYS C 264 -38.84 4.14 38.45
N GLY C 265 -38.24 4.81 37.46
CA GLY C 265 -36.76 4.79 37.33
C GLY C 265 -36.18 3.39 37.26
N ASP C 266 -36.90 2.50 36.62
CA ASP C 266 -36.79 1.06 36.68
C ASP C 266 -35.61 0.53 35.86
N PHE C 267 -35.19 1.31 34.87
CA PHE C 267 -34.15 0.85 33.98
C PHE C 267 -33.67 2.02 33.17
N PRO C 268 -32.54 1.86 32.50
CA PRO C 268 -32.02 2.94 31.63
C PRO C 268 -32.64 2.88 30.24
N HIS C 269 -33.02 4.04 29.72
CA HIS C 269 -33.78 4.15 28.49
C HIS C 269 -32.89 4.82 27.45
N TYR C 270 -32.36 4.03 26.53
CA TYR C 270 -31.59 4.62 25.44
C TYR C 270 -32.55 5.03 24.34
N ALA C 271 -32.01 5.28 23.16
CA ALA C 271 -32.83 5.66 22.01
C ALA C 271 -32.90 4.55 20.96
N TYR C 272 -33.18 3.32 21.39
CA TYR C 272 -33.14 2.20 20.47
C TYR C 272 -34.24 2.28 19.39
N HIS C 273 -35.28 3.06 19.64
CA HIS C 273 -36.40 3.16 18.72
C HIS C 273 -36.24 4.26 17.66
N GLY C 274 -35.18 5.07 17.72
CA GLY C 274 -34.95 6.14 16.74
C GLY C 274 -35.78 7.40 16.90
N TYR C 275 -36.53 7.54 17.99
CA TYR C 275 -37.43 8.67 18.19
C TYR C 275 -36.79 9.80 18.98
N TYR C 276 -35.48 9.78 19.19
CA TYR C 276 -34.75 10.79 19.94
C TYR C 276 -33.57 11.28 19.10
N THR C 277 -33.87 11.89 17.96
CA THR C 277 -32.82 12.29 17.03
C THR C 277 -32.02 13.46 17.61
N GLN C 278 -30.71 13.41 17.37
CA GLN C 278 -29.78 14.47 17.73
C GLN C 278 -29.10 15.10 16.51
N ASP C 279 -28.98 14.38 15.40
CA ASP C 279 -28.34 14.92 14.20
C ASP C 279 -28.93 14.21 13.00
N TRP C 280 -29.76 14.93 12.24
CA TRP C 280 -30.48 14.39 11.10
C TRP C 280 -29.61 14.19 9.87
N THR C 281 -28.37 14.68 9.88
CA THR C 281 -27.53 14.51 8.70
C THR C 281 -26.63 13.27 8.77
N ASN C 282 -26.64 12.51 9.86
CA ASN C 282 -25.76 11.35 9.99
C ASN C 282 -26.57 10.09 10.24
N LEU C 283 -26.03 8.96 9.79
CA LEU C 283 -26.55 7.69 10.27
C LEU C 283 -26.10 7.48 11.70
N ASP C 284 -26.94 6.80 12.49
CA ASP C 284 -26.53 6.42 13.84
C ASP C 284 -25.63 5.20 13.75
N ALA C 285 -24.45 5.28 14.39
CA ALA C 285 -23.44 4.22 14.22
C ALA C 285 -23.97 2.83 14.60
N ASN C 286 -24.98 2.76 15.48
CA ASN C 286 -25.62 1.47 15.73
C ASN C 286 -26.34 0.92 14.51
N MET C 287 -26.73 1.77 13.58
CA MET C 287 -27.48 1.31 12.42
C MET C 287 -26.61 0.84 11.25
N GLY C 288 -25.39 1.35 11.13
CA GLY C 288 -24.53 1.05 9.99
C GLY C 288 -24.04 2.33 9.33
N ASN C 289 -23.39 2.20 8.18
CA ASN C 289 -22.87 3.35 7.45
C ASN C 289 -23.65 3.57 6.15
N GLU C 290 -23.30 4.65 5.43
CA GLU C 290 -23.96 4.97 4.17
C GLU C 290 -24.07 3.75 3.27
N ALA C 291 -22.99 2.98 3.15
CA ALA C 291 -23.02 1.80 2.29
C ALA C 291 -24.08 0.82 2.76
N ASP C 292 -24.24 0.67 4.08
CA ASP C 292 -25.24 -0.26 4.57
C ASP C 292 -26.64 0.22 4.20
N LEU C 293 -26.90 1.53 4.29
CA LEU C 293 -28.21 2.03 3.90
C LEU C 293 -28.48 1.82 2.42
N ARG C 294 -27.49 2.08 1.59
CA ARG C 294 -27.73 1.97 0.16
C ARG C 294 -27.94 0.51 -0.23
N THR C 295 -27.21 -0.40 0.41
CA THR C 295 -27.45 -1.80 0.13
C THR C 295 -28.87 -2.19 0.54
N LEU C 296 -29.30 -1.82 1.75
CA LEU C 296 -30.68 -2.09 2.14
C LEU C 296 -31.67 -1.57 1.08
N VAL C 297 -31.57 -0.28 0.76
CA VAL C 297 -32.54 0.36 -0.14
C VAL C 297 -32.53 -0.33 -1.51
N ASP C 298 -31.35 -0.54 -2.07
CA ASP C 298 -31.30 -1.14 -3.40
C ASP C 298 -31.74 -2.60 -3.39
N SER C 299 -31.34 -3.35 -2.37
CA SER C 299 -31.79 -4.73 -2.23
C SER C 299 -33.31 -4.81 -2.06
N ALA C 300 -33.91 -3.85 -1.36
CA ALA C 300 -35.37 -3.86 -1.23
C ALA C 300 -36.05 -3.51 -2.55
N HIS C 301 -35.56 -2.48 -3.25
CA HIS C 301 -36.17 -2.11 -4.54
C HIS C 301 -36.12 -3.28 -5.51
N GLN C 302 -35.01 -4.04 -5.51
CA GLN C 302 -34.91 -5.21 -6.39
C GLN C 302 -35.94 -6.29 -6.10
N ARG C 303 -36.48 -6.35 -4.87
CA ARG C 303 -37.49 -7.34 -4.52
C ARG C 303 -38.90 -6.81 -4.61
N GLY C 304 -39.10 -5.64 -5.22
CA GLY C 304 -40.40 -5.00 -5.27
C GLY C 304 -40.85 -4.31 -3.99
N ILE C 305 -39.95 -4.14 -3.02
CA ILE C 305 -40.31 -3.53 -1.74
C ILE C 305 -39.84 -2.07 -1.73
N ARG C 306 -40.75 -1.17 -1.36
CA ARG C 306 -40.43 0.26 -1.22
C ARG C 306 -39.90 0.52 0.19
N ILE C 307 -39.22 1.65 0.38
CA ILE C 307 -38.61 1.98 1.65
C ILE C 307 -39.20 3.27 2.19
N LEU C 308 -39.48 3.25 3.49
CA LEU C 308 -40.10 4.35 4.22
C LEU C 308 -39.31 4.62 5.47
N PHE C 309 -38.93 5.89 5.68
CA PHE C 309 -38.37 6.31 6.95
C PHE C 309 -39.45 6.84 7.88
N ASP C 310 -39.46 6.35 9.11
CA ASP C 310 -40.11 7.06 10.19
C ASP C 310 -39.30 8.30 10.54
N VAL C 311 -39.96 9.42 10.74
CA VAL C 311 -39.28 10.71 10.77
C VAL C 311 -39.90 11.61 11.82
N VAL C 312 -39.07 12.43 12.46
CA VAL C 312 -39.48 13.38 13.50
C VAL C 312 -38.98 14.77 13.15
N MET C 313 -39.90 15.75 13.08
CA MET C 313 -39.54 17.16 13.17
C MET C 313 -40.07 17.82 14.43
N ASN C 314 -40.88 17.14 15.22
CA ASN C 314 -41.53 17.80 16.35
C ASN C 314 -40.54 18.15 17.44
N HIS C 315 -39.57 17.28 17.70
CA HIS C 315 -38.78 17.39 18.91
C HIS C 315 -37.36 16.89 18.67
N THR C 316 -36.47 17.22 19.60
CA THR C 316 -35.14 16.64 19.69
C THR C 316 -35.13 15.59 20.79
N GLY C 317 -34.04 14.81 20.85
CA GLY C 317 -33.83 13.92 21.99
C GLY C 317 -33.63 14.68 23.30
N TYR C 318 -33.82 13.96 24.41
CA TYR C 318 -33.48 14.47 25.74
C TYR C 318 -32.00 14.78 25.85
N ALA C 319 -31.67 15.61 26.84
CA ALA C 319 -30.31 15.69 27.36
C ALA C 319 -29.97 14.40 28.09
N THR C 320 -28.71 14.00 27.96
CA THR C 320 -28.21 12.80 28.61
C THR C 320 -26.79 13.10 29.05
N LEU C 321 -26.35 12.42 30.10
CA LEU C 321 -25.01 12.66 30.61
C LEU C 321 -23.95 12.40 29.54
N ALA C 322 -24.08 11.31 28.79
CA ALA C 322 -23.12 11.02 27.73
C ALA C 322 -23.00 12.20 26.78
N ASP C 323 -24.13 12.76 26.37
CA ASP C 323 -24.09 13.85 25.40
C ASP C 323 -23.52 15.13 26.02
N MET C 324 -24.03 15.51 27.18
CA MET C 324 -23.46 16.63 27.92
C MET C 324 -21.94 16.54 28.01
N GLN C 325 -21.39 15.34 28.28
CA GLN C 325 -19.94 15.24 28.41
C GLN C 325 -19.28 15.37 27.05
N GLU C 326 -19.78 14.64 26.06
CA GLU C 326 -19.09 14.58 24.78
C GLU C 326 -19.12 15.93 24.06
N TYR C 327 -20.24 16.65 24.11
CA TYR C 327 -20.37 17.88 23.36
C TYR C 327 -20.35 19.11 24.26
N GLN C 328 -20.09 18.92 25.55
CA GLN C 328 -19.75 20.00 26.49
C GLN C 328 -20.82 21.09 26.46
N PHE C 329 -21.98 20.71 26.99
CA PHE C 329 -23.10 21.62 27.20
C PHE C 329 -23.77 21.23 28.51
N GLY C 330 -24.73 22.03 28.92
CA GLY C 330 -25.41 21.79 30.16
C GLY C 330 -24.56 22.20 31.33
N ALA C 331 -24.92 21.67 32.50
CA ALA C 331 -24.35 22.13 33.75
C ALA C 331 -24.62 21.10 34.85
N LEU C 332 -23.58 20.80 35.62
CA LEU C 332 -23.70 19.87 36.73
C LEU C 332 -23.62 20.65 38.04
N TYR C 333 -24.18 20.09 39.12
CA TYR C 333 -23.92 20.73 40.40
C TYR C 333 -22.49 20.46 40.85
N LEU C 334 -21.96 19.31 40.42
CA LEU C 334 -20.60 18.88 40.76
C LEU C 334 -19.57 19.80 40.13
N SER C 335 -18.53 20.11 40.90
CA SER C 335 -17.47 21.01 40.45
C SER C 335 -16.13 20.32 40.63
N GLY C 336 -15.14 20.80 39.87
CA GLY C 336 -13.78 20.35 40.01
C GLY C 336 -13.62 18.83 40.07
N ASP C 337 -13.09 18.32 41.19
CA ASP C 337 -12.72 16.92 41.26
C ASP C 337 -13.82 16.07 41.86
N GLU C 338 -14.97 16.67 42.15
CA GLU C 338 -16.14 15.90 42.54
C GLU C 338 -16.76 15.17 41.35
N VAL C 339 -16.67 15.77 40.16
CA VAL C 339 -17.24 15.17 38.96
C VAL C 339 -16.76 13.74 38.79
N LYS C 340 -15.44 13.55 38.83
CA LYS C 340 -14.88 12.21 38.64
C LYS C 340 -15.40 11.24 39.69
N LYS C 341 -15.39 11.67 40.96
CA LYS C 341 -15.73 10.76 42.06
C LYS C 341 -17.19 10.31 41.97
N SER C 342 -18.10 11.25 41.73
CA SER C 342 -19.51 10.86 41.64
C SER C 342 -19.86 10.17 40.33
N LEU C 343 -19.20 10.52 39.21
CA LEU C 343 -19.68 10.08 37.89
C LEU C 343 -18.73 9.20 37.06
N GLY C 344 -17.48 9.14 37.42
CA GLY C 344 -16.58 8.33 36.64
C GLY C 344 -15.90 9.17 35.63
N GLU C 345 -15.11 8.54 34.78
CA GLU C 345 -14.47 9.27 33.71
C GLU C 345 -15.47 9.40 32.63
N ARG C 346 -16.44 8.50 32.63
CA ARG C 346 -17.50 8.56 31.66
C ARG C 346 -18.76 8.58 32.44
N TRP C 347 -19.41 9.73 32.45
CA TRP C 347 -20.61 9.91 33.24
C TRP C 347 -21.76 8.97 32.93
N SER C 348 -21.89 8.58 31.67
CA SER C 348 -22.99 7.71 31.27
C SER C 348 -22.88 6.31 31.90
N ASP C 349 -21.76 5.98 32.53
CA ASP C 349 -21.64 4.71 33.22
C ASP C 349 -22.24 4.69 34.62
N TRP C 350 -22.75 5.82 35.11
CA TRP C 350 -23.40 5.88 36.42
C TRP C 350 -24.44 4.78 36.59
N LYS C 351 -24.48 4.21 37.79
CA LYS C 351 -25.57 3.32 38.17
C LYS C 351 -26.24 3.85 39.44
N PRO C 352 -27.54 3.60 39.61
CA PRO C 352 -28.21 4.02 40.86
C PRO C 352 -27.56 3.41 42.09
N ALA C 353 -27.42 4.23 43.12
CA ALA C 353 -26.97 3.81 44.43
C ALA C 353 -28.14 3.31 45.30
N ALA C 354 -27.81 2.95 46.54
CA ALA C 354 -28.81 2.40 47.45
C ALA C 354 -29.95 3.39 47.63
N GLY C 355 -31.17 2.97 47.27
CA GLY C 355 -32.37 3.79 47.42
C GLY C 355 -32.70 4.69 46.24
N GLN C 356 -31.89 4.69 45.20
CA GLN C 356 -32.04 5.53 44.04
C GLN C 356 -32.73 4.80 42.90
N THR C 357 -33.23 5.57 41.95
CA THR C 357 -33.73 4.98 40.71
C THR C 357 -32.92 5.53 39.55
N TRP C 358 -33.17 5.00 38.36
CA TRP C 358 -32.50 5.56 37.20
C TRP C 358 -32.91 7.02 36.93
N HIS C 359 -33.95 7.54 37.57
CA HIS C 359 -34.17 8.97 37.47
C HIS C 359 -33.26 9.79 38.37
N SER C 360 -32.55 9.17 39.31
CA SER C 360 -31.79 9.92 40.31
C SER C 360 -30.59 10.65 39.73
N PHE C 361 -30.18 10.32 38.49
CA PHE C 361 -29.03 11.00 37.91
C PHE C 361 -29.37 12.47 37.64
N ASN C 362 -30.66 12.77 37.45
CA ASN C 362 -31.08 14.16 37.28
C ASN C 362 -30.64 15.04 38.44
N ASP C 363 -30.51 14.46 39.64
CA ASP C 363 -30.08 15.22 40.80
C ASP C 363 -28.64 15.68 40.71
N TYR C 364 -27.88 15.20 39.72
CA TYR C 364 -26.56 15.77 39.49
C TYR C 364 -26.57 16.88 38.47
N ILE C 365 -27.71 17.23 37.88
CA ILE C 365 -27.74 18.15 36.74
C ILE C 365 -28.41 19.45 37.17
N ASN C 366 -27.69 20.55 37.02
CA ASN C 366 -28.26 21.88 37.22
C ASN C 366 -28.98 22.27 35.95
N PHE C 367 -30.30 22.05 35.93
CA PHE C 367 -31.09 22.40 34.75
C PHE C 367 -31.43 23.89 34.67
N SER C 368 -31.16 24.69 35.71
CA SER C 368 -31.47 26.13 35.69
C SER C 368 -30.46 26.94 34.88
N ASP C 369 -29.19 26.55 34.91
CA ASP C 369 -28.09 27.41 34.52
C ASP C 369 -28.22 27.93 33.08
N LYS C 370 -28.31 29.25 32.95
CA LYS C 370 -28.56 29.88 31.66
C LYS C 370 -27.41 29.61 30.71
N THR C 371 -26.22 30.07 31.08
CA THR C 371 -25.10 30.05 30.17
C THR C 371 -24.76 28.62 29.72
N GLY C 372 -24.90 27.64 30.63
CA GLY C 372 -24.53 26.27 30.28
C GLY C 372 -25.49 25.63 29.29
N TRP C 373 -26.76 25.81 29.47
CA TRP C 373 -27.71 25.19 28.60
C TRP C 373 -27.87 25.95 27.30
N ASP C 374 -27.25 27.11 27.23
CA ASP C 374 -27.30 27.87 26.00
C ASP C 374 -26.29 27.31 25.04
N LYS C 375 -25.44 26.43 25.54
CA LYS C 375 -24.40 25.86 24.73
C LYS C 375 -24.87 24.55 24.13
N TRP C 376 -26.17 24.30 24.23
CA TRP C 376 -26.70 23.08 23.65
C TRP C 376 -27.40 23.12 22.31
N TRP C 377 -28.65 23.57 22.29
CA TRP C 377 -29.31 23.71 21.02
C TRP C 377 -29.47 25.13 20.55
N GLY C 378 -29.61 26.09 21.46
CA GLY C 378 -29.94 27.40 20.97
C GLY C 378 -31.28 27.90 21.36
N LYS C 379 -31.36 29.18 21.68
CA LYS C 379 -32.69 29.75 21.97
C LYS C 379 -33.55 29.76 20.72
N ASN C 380 -32.92 29.81 19.55
CA ASN C 380 -33.64 29.85 18.30
C ASN C 380 -34.22 28.50 17.92
N TRP C 381 -33.64 27.40 18.43
CA TRP C 381 -34.03 26.07 17.96
C TRP C 381 -35.19 25.46 18.75
N ILE C 382 -35.22 25.58 20.08
CA ILE C 382 -36.16 24.78 20.86
C ILE C 382 -36.86 25.61 21.92
N ARG C 383 -37.97 25.05 22.41
CA ARG C 383 -38.71 25.54 23.55
C ARG C 383 -38.57 24.49 24.64
N THR C 384 -38.32 24.93 25.87
CA THR C 384 -38.05 23.99 26.94
C THR C 384 -38.06 24.74 28.26
N ASP C 385 -38.37 24.00 29.34
CA ASP C 385 -38.18 24.50 30.71
C ASP C 385 -36.71 24.57 31.11
N ILE C 386 -35.82 23.99 30.32
CA ILE C 386 -34.40 23.92 30.65
C ILE C 386 -33.76 25.27 30.33
N GLY C 387 -32.97 25.78 31.27
CA GLY C 387 -32.20 27.00 31.02
C GLY C 387 -33.04 28.26 30.97
N ASP C 388 -32.69 29.15 30.06
CA ASP C 388 -33.47 30.36 29.80
C ASP C 388 -33.96 30.30 28.37
N TYR C 389 -34.93 29.42 28.10
CA TYR C 389 -35.47 29.28 26.76
C TYR C 389 -36.97 29.57 26.80
N ASP C 390 -37.53 30.03 25.70
CA ASP C 390 -38.97 30.23 25.65
C ASP C 390 -39.64 28.97 26.15
N ASN C 391 -40.52 29.11 27.14
CA ASN C 391 -41.10 27.93 27.75
C ASN C 391 -42.03 27.24 26.77
N PRO C 392 -42.28 25.94 26.95
CA PRO C 392 -43.29 25.25 26.13
C PRO C 392 -44.70 25.80 26.38
N GLY C 393 -45.59 25.53 25.42
CA GLY C 393 -46.94 26.04 25.46
C GLY C 393 -47.95 25.00 25.93
N PHE C 394 -49.24 25.37 25.81
CA PHE C 394 -50.34 24.54 26.27
C PHE C 394 -51.28 24.12 25.13
N ASP C 395 -51.06 24.65 23.92
CA ASP C 395 -51.69 24.17 22.69
C ASP C 395 -50.87 23.05 22.04
N ASP C 396 -51.49 22.35 21.09
CA ASP C 396 -50.88 21.12 20.55
C ASP C 396 -49.63 21.41 19.72
N LEU C 397 -49.60 22.53 19.00
CA LEU C 397 -48.47 22.81 18.11
C LEU C 397 -47.19 23.09 18.91
N THR C 398 -47.32 23.81 20.05
CA THR C 398 -46.16 24.24 20.82
C THR C 398 -45.98 23.49 22.14
N MET C 399 -46.82 22.51 22.47
CA MET C 399 -46.61 21.86 23.75
C MET C 399 -45.41 20.92 23.69
N SER C 400 -45.04 20.44 24.89
CA SER C 400 -43.90 19.56 25.11
C SER C 400 -44.45 18.16 25.40
N LEU C 401 -44.21 17.22 24.48
CA LEU C 401 -44.60 15.82 24.63
C LEU C 401 -43.53 15.10 25.43
N ALA C 402 -43.93 14.52 26.57
CA ALA C 402 -43.03 13.75 27.43
C ALA C 402 -41.72 14.50 27.73
N PHE C 403 -41.83 15.80 27.99
CA PHE C 403 -40.69 16.66 28.36
C PHE C 403 -39.61 16.68 27.28
N LEU C 404 -39.95 16.31 26.06
CA LEU C 404 -39.03 16.45 24.95
C LEU C 404 -39.06 17.90 24.45
N PRO C 405 -37.90 18.53 24.26
CA PRO C 405 -37.90 19.90 23.74
C PRO C 405 -38.71 20.00 22.46
N ASP C 406 -39.57 20.99 22.37
CA ASP C 406 -40.36 21.20 21.16
C ASP C 406 -39.55 22.10 20.23
N ILE C 407 -39.47 21.73 18.96
CA ILE C 407 -38.72 22.51 17.98
C ILE C 407 -39.57 23.63 17.40
N LYS C 408 -38.95 24.82 17.26
CA LYS C 408 -39.58 26.03 16.75
C LYS C 408 -39.74 25.94 15.23
N THR C 409 -40.67 25.08 14.81
CA THR C 409 -40.94 24.93 13.37
C THR C 409 -41.63 26.17 12.77
N GLU C 410 -42.38 26.93 13.58
CA GLU C 410 -43.11 28.10 13.09
C GLU C 410 -42.24 29.35 12.94
N SER C 411 -41.03 29.36 13.49
CA SER C 411 -40.27 30.60 13.54
C SER C 411 -39.74 30.97 12.15
N THR C 412 -39.94 32.23 11.80
CA THR C 412 -39.35 32.84 10.62
C THR C 412 -38.01 33.49 10.91
N THR C 413 -37.52 33.37 12.14
CA THR C 413 -36.21 33.87 12.56
C THR C 413 -35.10 32.90 12.15
N ALA C 414 -34.11 33.38 11.41
CA ALA C 414 -32.94 32.54 11.16
C ALA C 414 -32.34 32.10 12.50
N SER C 415 -31.63 30.95 12.48
CA SER C 415 -31.16 30.35 13.72
C SER C 415 -29.71 29.89 13.66
N GLY C 416 -29.18 29.61 12.47
CA GLY C 416 -27.87 29.01 12.35
C GLY C 416 -27.93 27.57 12.86
N LEU C 417 -26.77 26.91 12.85
CA LEU C 417 -26.72 25.56 13.36
C LEU C 417 -27.00 25.54 14.86
N PRO C 418 -27.50 24.41 15.37
CA PRO C 418 -27.57 24.22 16.83
C PRO C 418 -26.21 24.45 17.47
N VAL C 419 -26.19 25.28 18.52
CA VAL C 419 -24.92 25.77 19.04
C VAL C 419 -23.96 24.60 19.28
N PHE C 420 -24.44 23.51 19.84
CA PHE C 420 -23.54 22.41 20.21
C PHE C 420 -22.85 21.75 19.06
N TYR C 421 -23.37 21.91 17.87
CA TYR C 421 -22.67 21.38 16.72
C TYR C 421 -21.27 21.96 16.55
N LYS C 422 -20.97 23.11 17.17
CA LYS C 422 -19.60 23.62 17.09
C LYS C 422 -18.60 22.64 17.69
N ASN C 423 -19.08 21.70 18.52
CA ASN C 423 -18.23 20.72 19.15
C ASN C 423 -18.42 19.32 18.58
N LYS C 424 -19.12 19.19 17.46
CA LYS C 424 -19.48 17.90 16.88
C LYS C 424 -18.84 17.84 15.50
N MET C 425 -17.58 17.41 15.47
CA MET C 425 -16.75 17.56 14.27
C MET C 425 -17.29 16.75 13.09
N ASP C 426 -17.96 15.63 13.36
CA ASP C 426 -18.35 14.69 12.33
C ASP C 426 -19.72 14.99 11.73
N THR C 427 -20.32 16.14 12.03
CA THR C 427 -21.64 16.45 11.49
C THR C 427 -21.55 16.87 10.03
N HIS C 428 -22.42 16.30 9.21
CA HIS C 428 -22.56 16.66 7.80
C HIS C 428 -23.33 17.95 7.60
N ALA C 429 -23.95 18.49 8.66
CA ALA C 429 -24.74 19.70 8.55
C ALA C 429 -23.85 20.94 8.42
N LYS C 430 -24.18 21.79 7.44
CA LYS C 430 -23.51 23.07 7.27
C LYS C 430 -24.48 24.20 7.55
N ALA C 431 -23.95 25.30 8.10
CA ALA C 431 -24.75 26.50 8.26
C ALA C 431 -25.08 27.08 6.88
N ILE C 432 -26.31 27.56 6.76
CA ILE C 432 -26.86 27.99 5.48
C ILE C 432 -27.60 29.31 5.80
N ASP C 433 -27.03 30.44 5.35
CA ASP C 433 -27.37 31.78 5.86
C ASP C 433 -28.88 32.03 5.81
N GLY C 434 -29.51 32.26 6.96
CA GLY C 434 -30.90 32.63 6.93
C GLY C 434 -31.97 31.56 6.93
N TYR C 435 -31.59 30.29 6.92
CA TYR C 435 -32.57 29.23 7.20
C TYR C 435 -33.10 29.33 8.62
N THR C 436 -34.35 28.94 8.77
CA THR C 436 -34.99 28.69 10.06
C THR C 436 -34.75 27.24 10.45
N PRO C 437 -35.10 26.86 11.69
CA PRO C 437 -35.07 25.42 12.03
C PRO C 437 -35.82 24.56 11.01
N ARG C 438 -37.04 24.97 10.66
CA ARG C 438 -37.85 24.24 9.70
C ARG C 438 -37.09 23.99 8.40
N ASP C 439 -36.48 25.04 7.85
CA ASP C 439 -35.77 24.93 6.59
C ASP C 439 -34.63 23.92 6.69
N TYR C 440 -33.92 23.95 7.81
CA TYR C 440 -32.85 22.98 8.01
C TYR C 440 -33.42 21.57 8.08
N LEU C 441 -34.54 21.39 8.79
CA LEU C 441 -35.11 20.05 8.89
C LEU C 441 -35.56 19.52 7.53
N THR C 442 -36.23 20.36 6.73
CA THR C 442 -36.70 19.89 5.43
C THR C 442 -35.54 19.61 4.49
N HIS C 443 -34.49 20.44 4.54
CA HIS C 443 -33.32 20.15 3.69
C HIS C 443 -32.59 18.89 4.15
N TRP C 444 -32.38 18.72 5.47
CA TRP C 444 -31.71 17.55 6.01
C TRP C 444 -32.44 16.27 5.63
N LEU C 445 -33.75 16.23 5.90
CA LEU C 445 -34.55 15.04 5.59
C LEU C 445 -34.58 14.77 4.10
N SER C 446 -34.83 15.80 3.27
CA SER C 446 -34.87 15.62 1.82
C SER C 446 -33.56 15.07 1.29
N GLN C 447 -32.42 15.50 1.84
CA GLN C 447 -31.12 15.02 1.38
C GLN C 447 -31.07 13.50 1.34
N TRP C 448 -31.68 12.84 2.33
CA TRP C 448 -31.73 11.38 2.35
C TRP C 448 -32.46 10.84 1.13
N VAL C 449 -33.57 11.48 0.78
CA VAL C 449 -34.38 11.02 -0.34
C VAL C 449 -33.62 11.24 -1.65
N ARG C 450 -32.95 12.38 -1.78
CA ARG C 450 -32.14 12.64 -2.96
C ARG C 450 -31.00 11.63 -3.09
N ASP C 451 -30.33 11.30 -1.99
CA ASP C 451 -29.13 10.49 -2.13
C ASP C 451 -29.42 8.98 -2.15
N TYR C 452 -30.61 8.55 -1.72
CA TYR C 452 -30.88 7.12 -1.64
C TYR C 452 -32.13 6.64 -2.35
N GLY C 453 -33.05 7.55 -2.65
CA GLY C 453 -34.30 7.12 -3.22
C GLY C 453 -35.32 6.61 -2.22
N ILE C 454 -35.32 7.18 -1.01
CA ILE C 454 -36.33 6.79 -0.02
C ILE C 454 -37.71 7.04 -0.61
N ASP C 455 -38.56 6.02 -0.63
CA ASP C 455 -39.85 6.16 -1.29
C ASP C 455 -40.79 7.02 -0.49
N GLY C 456 -40.64 7.04 0.83
CA GLY C 456 -41.53 7.92 1.55
C GLY C 456 -41.22 8.03 3.03
N PHE C 457 -42.10 8.74 3.71
CA PHE C 457 -41.97 9.03 5.13
C PHE C 457 -43.23 8.65 5.85
N ARG C 458 -43.06 8.01 6.98
CA ARG C 458 -44.07 8.02 8.02
C ARG C 458 -43.69 9.13 8.98
N VAL C 459 -44.62 10.01 9.27
CA VAL C 459 -44.32 11.22 10.02
C VAL C 459 -44.90 11.08 11.41
N ASP C 460 -44.03 11.20 12.41
CA ASP C 460 -44.39 11.02 13.81
C ASP C 460 -44.97 12.32 14.37
N THR C 461 -45.92 12.17 15.28
CA THR C 461 -46.54 13.28 16.01
C THR C 461 -46.94 14.41 15.06
N ALA C 462 -47.53 14.03 13.92
CA ALA C 462 -47.99 15.01 12.94
C ALA C 462 -48.99 16.00 13.52
N LYS C 463 -49.67 15.66 14.61
CA LYS C 463 -50.67 16.54 15.20
C LYS C 463 -50.04 17.71 15.98
N HIS C 464 -48.76 17.62 16.34
CA HIS C 464 -48.15 18.60 17.23
C HIS C 464 -47.24 19.58 16.49
N VAL C 465 -47.47 19.76 15.18
CA VAL C 465 -46.78 20.72 14.34
C VAL C 465 -47.78 21.31 13.36
N GLU C 466 -47.51 22.55 12.90
CA GLU C 466 -48.38 23.24 11.97
C GLU C 466 -48.26 22.62 10.58
N LEU C 467 -49.39 22.51 9.87
CA LEU C 467 -49.40 21.88 8.56
C LEU C 467 -48.55 22.55 7.48
N PRO C 468 -48.33 23.88 7.47
CA PRO C 468 -47.40 24.42 6.46
C PRO C 468 -45.99 23.84 6.56
N ALA C 469 -45.56 23.48 7.78
CA ALA C 469 -44.29 22.81 7.94
C ALA C 469 -44.27 21.48 7.18
N TRP C 470 -45.32 20.68 7.35
CA TRP C 470 -45.38 19.39 6.65
C TRP C 470 -45.49 19.59 5.13
N GLN C 471 -46.19 20.64 4.69
CA GLN C 471 -46.29 20.90 3.26
C GLN C 471 -44.92 21.21 2.67
N GLN C 472 -44.15 22.03 3.37
CA GLN C 472 -42.82 22.33 2.88
C GLN C 472 -41.99 21.06 2.79
N LEU C 473 -42.08 20.23 3.82
CA LEU C 473 -41.41 18.93 3.82
C LEU C 473 -41.79 18.12 2.59
N LYS C 474 -43.09 17.99 2.34
CA LYS C 474 -43.56 17.18 1.23
C LYS C 474 -43.08 17.72 -0.11
N THR C 475 -43.04 19.04 -0.27
CA THR C 475 -42.63 19.60 -1.54
C THR C 475 -41.15 19.32 -1.80
N GLU C 476 -40.32 19.55 -0.79
CA GLU C 476 -38.88 19.38 -1.01
C GLU C 476 -38.51 17.90 -1.13
N ALA C 477 -39.25 17.01 -0.44
CA ALA C 477 -39.00 15.59 -0.56
C ALA C 477 -39.45 15.04 -1.91
N SER C 478 -40.65 15.43 -2.38
CA SER C 478 -41.07 14.98 -3.70
C SER C 478 -40.08 15.41 -4.75
N ALA C 479 -39.57 16.65 -4.65
CA ALA C 479 -38.58 17.08 -5.63
C ALA C 479 -37.33 16.22 -5.56
N ALA C 480 -36.86 15.90 -4.33
CA ALA C 480 -35.67 15.05 -4.22
C ALA C 480 -35.89 13.66 -4.80
N LEU C 481 -37.09 13.08 -4.62
CA LEU C 481 -37.30 11.75 -5.16
C LEU C 481 -37.39 11.77 -6.70
N ARG C 482 -38.09 12.77 -7.26
CA ARG C 482 -38.06 12.95 -8.72
C ARG C 482 -36.64 13.00 -9.22
N GLU C 483 -35.80 13.77 -8.52
CA GLU C 483 -34.41 13.91 -8.94
C GLU C 483 -33.65 12.57 -8.87
N TRP C 484 -33.84 11.80 -7.79
CA TRP C 484 -33.16 10.50 -7.65
C TRP C 484 -33.58 9.55 -8.76
N LYS C 485 -34.87 9.54 -9.10
CA LYS C 485 -35.30 8.64 -10.16
C LYS C 485 -34.77 9.09 -11.53
N LYS C 486 -34.77 10.41 -11.79
CA LYS C 486 -34.15 10.93 -13.01
C LYS C 486 -32.65 10.58 -13.08
N ALA C 487 -31.97 10.47 -11.95
CA ALA C 487 -30.55 10.14 -11.97
C ALA C 487 -30.27 8.64 -12.01
N ASN C 488 -31.17 7.83 -11.49
CA ASN C 488 -30.99 6.40 -11.26
C ASN C 488 -32.08 5.61 -11.98
N PRO C 489 -32.29 5.84 -13.27
CA PRO C 489 -33.47 5.24 -13.91
C PRO C 489 -33.41 3.72 -13.94
N ASP C 490 -32.23 3.14 -13.72
CA ASP C 490 -32.11 1.69 -13.71
C ASP C 490 -32.56 1.10 -12.40
N LYS C 491 -32.48 1.87 -11.33
CA LYS C 491 -32.89 1.41 -10.01
C LYS C 491 -34.32 1.79 -9.67
N ALA C 492 -34.86 2.81 -10.34
CA ALA C 492 -36.23 3.25 -10.10
C ALA C 492 -37.22 2.20 -10.56
N LEU C 493 -38.23 1.95 -9.75
CA LEU C 493 -39.21 0.92 -10.07
C LEU C 493 -40.34 1.43 -10.94
N ASP C 494 -40.69 2.70 -10.79
CA ASP C 494 -41.77 3.36 -11.51
C ASP C 494 -41.64 4.86 -11.22
N ASP C 495 -42.61 5.65 -11.68
CA ASP C 495 -42.52 7.09 -11.52
C ASP C 495 -43.44 7.66 -10.41
N LYS C 496 -43.84 6.83 -9.44
CA LYS C 496 -44.77 7.28 -8.41
C LYS C 496 -44.13 8.40 -7.57
N PRO C 497 -44.90 9.43 -7.24
CA PRO C 497 -44.34 10.51 -6.41
C PRO C 497 -44.13 10.06 -4.97
N PHE C 498 -43.27 10.80 -4.28
CA PHE C 498 -43.00 10.57 -2.87
C PHE C 498 -44.31 10.41 -2.12
N TRP C 499 -44.30 9.47 -1.17
CA TRP C 499 -45.48 9.13 -0.37
C TRP C 499 -45.19 9.53 1.07
N MET C 500 -46.14 10.21 1.69
CA MET C 500 -45.96 10.66 3.06
C MET C 500 -47.24 10.37 3.83
N THR C 501 -47.14 9.45 4.79
CA THR C 501 -48.21 9.15 5.72
C THR C 501 -47.90 9.78 7.08
N GLY C 502 -48.94 9.90 7.89
CA GLY C 502 -48.83 10.68 9.10
C GLY C 502 -49.68 10.15 10.23
N GLU C 503 -49.13 10.24 11.43
CA GLU C 503 -49.78 9.77 12.64
C GLU C 503 -50.35 10.99 13.33
N ALA C 504 -51.63 11.25 13.11
CA ALA C 504 -52.41 12.09 14.00
C ALA C 504 -53.11 11.14 14.96
N TRP C 505 -53.07 11.45 16.27
CA TRP C 505 -53.54 10.47 17.26
C TRP C 505 -55.07 10.33 17.22
N GLY C 506 -55.52 9.08 17.23
CA GLY C 506 -56.93 8.72 17.16
C GLY C 506 -57.57 8.81 15.79
N HIS C 507 -56.81 9.12 14.74
CA HIS C 507 -57.37 9.43 13.43
C HIS C 507 -58.16 8.23 12.90
N GLY C 508 -59.25 8.48 12.20
CA GLY C 508 -60.08 7.40 11.71
C GLY C 508 -59.99 7.18 10.21
N VAL C 509 -61.05 6.65 9.64
CA VAL C 509 -61.15 6.46 8.18
C VAL C 509 -61.77 7.75 7.64
N MET C 510 -60.90 8.77 7.44
CA MET C 510 -61.31 10.16 7.34
C MET C 510 -60.38 10.93 6.42
N GLN C 511 -60.94 11.74 5.49
CA GLN C 511 -60.12 12.63 4.66
C GLN C 511 -60.15 14.02 5.28
N SER C 512 -59.11 14.34 6.08
CA SER C 512 -59.02 15.57 6.85
C SER C 512 -58.10 16.59 6.16
N ASP C 513 -57.72 17.62 6.91
CA ASP C 513 -56.96 18.74 6.37
C ASP C 513 -55.56 18.33 5.91
N TYR C 514 -55.07 17.20 6.42
CA TYR C 514 -53.71 16.78 6.09
C TYR C 514 -53.54 16.46 4.64
N TYR C 515 -54.58 15.87 4.04
CA TYR C 515 -54.50 15.48 2.65
C TYR C 515 -54.18 16.69 1.79
N ARG C 516 -54.85 17.81 2.05
CA ARG C 516 -54.63 18.97 1.21
C ARG C 516 -53.42 19.78 1.66
N HIS C 517 -52.64 19.25 2.62
CA HIS C 517 -51.33 19.78 3.01
C HIS C 517 -50.20 18.78 2.84
N GLY C 518 -50.40 17.74 2.03
CA GLY C 518 -49.28 16.96 1.53
C GLY C 518 -49.24 15.53 1.97
N PHE C 519 -50.18 15.10 2.77
CA PHE C 519 -50.21 13.74 3.20
C PHE C 519 -51.04 12.93 2.23
N ASP C 520 -50.65 11.69 2.02
CA ASP C 520 -51.35 10.85 1.07
C ASP C 520 -52.17 9.83 1.79
N ALA C 521 -51.94 9.69 3.09
CA ALA C 521 -52.70 8.75 3.90
C ALA C 521 -52.43 9.08 5.36
N MET C 522 -53.42 8.85 6.18
CA MET C 522 -53.30 9.00 7.62
C MET C 522 -53.40 7.64 8.27
N ILE C 523 -52.70 7.47 9.40
CA ILE C 523 -52.83 6.22 10.16
C ILE C 523 -54.20 6.17 10.83
N ASN C 524 -54.83 4.99 10.76
CA ASN C 524 -56.18 4.73 11.27
C ASN C 524 -56.12 4.02 12.62
N PHE C 525 -56.32 4.76 13.72
CA PHE C 525 -56.30 4.07 15.02
C PHE C 525 -57.58 3.32 15.32
N ASP C 526 -58.65 3.60 14.59
CA ASP C 526 -59.92 2.98 14.91
C ASP C 526 -59.97 1.53 14.46
N TYR C 527 -59.05 1.12 13.58
CA TYR C 527 -59.11 -0.23 13.06
C TYR C 527 -58.88 -1.25 14.17
N GLN C 528 -57.89 -0.99 15.03
CA GLN C 528 -57.50 -1.95 16.06
C GLN C 528 -58.71 -2.47 16.83
N GLU C 529 -59.40 -1.57 17.56
CA GLU C 529 -60.60 -1.96 18.32
C GLU C 529 -61.62 -2.71 17.45
N GLN C 530 -61.82 -2.27 16.21
CA GLN C 530 -62.82 -2.96 15.39
C GLN C 530 -62.43 -4.42 15.20
N ALA C 531 -61.16 -4.68 14.82
CA ALA C 531 -60.75 -6.07 14.67
C ALA C 531 -60.80 -6.81 15.99
N ALA C 532 -60.63 -6.10 17.12
CA ALA C 532 -60.77 -6.73 18.42
C ALA C 532 -62.15 -7.33 18.62
N LYS C 533 -63.20 -6.58 18.23
CA LYS C 533 -64.55 -7.03 18.44
C LYS C 533 -64.86 -8.27 17.61
N ALA C 534 -64.11 -8.49 16.52
CA ALA C 534 -64.46 -9.47 15.50
C ALA C 534 -63.59 -10.71 15.53
N VAL C 535 -62.91 -10.95 16.65
CA VAL C 535 -61.91 -12.02 16.70
C VAL C 535 -62.57 -13.39 16.58
N ASP C 536 -63.75 -13.58 17.13
CA ASP C 536 -64.38 -14.88 16.95
C ASP C 536 -65.45 -14.96 15.86
N CYS C 537 -65.96 -13.83 15.38
CA CYS C 537 -66.91 -13.85 14.27
C CYS C 537 -66.38 -12.89 13.20
N LEU C 538 -65.47 -13.36 12.37
CA LEU C 538 -64.88 -12.51 11.34
C LEU C 538 -65.90 -11.70 10.60
N ALA C 539 -67.03 -12.31 10.33
CA ALA C 539 -68.13 -11.61 9.64
C ALA C 539 -68.47 -10.26 10.26
N GLN C 540 -68.19 -10.07 11.56
CA GLN C 540 -68.47 -8.77 12.17
C GLN C 540 -67.68 -7.64 11.54
N MET C 541 -66.54 -7.93 10.91
CA MET C 541 -65.82 -6.85 10.25
C MET C 541 -66.60 -6.26 9.09
N ASP C 542 -67.67 -6.92 8.63
CA ASP C 542 -68.33 -6.53 7.38
C ASP C 542 -68.70 -5.05 7.34
N THR C 543 -69.56 -4.61 8.27
CA THR C 543 -69.96 -3.21 8.28
C THR C 543 -68.72 -2.34 8.16
N THR C 544 -67.75 -2.55 9.05
CA THR C 544 -66.53 -1.74 9.00
C THR C 544 -65.88 -1.82 7.63
N TRP C 545 -65.56 -3.04 7.16
CA TRP C 545 -64.99 -3.18 5.83
C TRP C 545 -65.82 -2.44 4.82
N GLN C 546 -67.12 -2.73 4.79
CA GLN C 546 -67.94 -2.20 3.72
C GLN C 546 -67.93 -0.68 3.79
N GLN C 547 -68.08 -0.15 5.02
CA GLN C 547 -67.92 1.28 5.23
C GLN C 547 -66.63 1.74 4.60
N MET C 548 -65.50 1.20 5.08
CA MET C 548 -64.19 1.67 4.66
C MET C 548 -64.08 1.75 3.14
N ALA C 549 -64.56 0.69 2.45
CA ALA C 549 -64.32 0.63 1.01
C ALA C 549 -64.76 1.94 0.35
N GLU C 550 -66.00 2.35 0.65
CA GLU C 550 -66.56 3.54 0.01
C GLU C 550 -65.69 4.77 0.23
N LYS C 551 -65.35 5.07 1.48
CA LYS C 551 -64.62 6.32 1.72
C LYS C 551 -63.29 6.28 0.99
N LEU C 552 -62.67 5.11 0.94
CA LEU C 552 -61.34 5.02 0.38
C LEU C 552 -61.33 5.13 -1.13
N GLN C 553 -62.50 5.33 -1.74
CA GLN C 553 -62.51 5.57 -3.18
C GLN C 553 -61.96 6.95 -3.53
N GLY C 554 -61.87 7.86 -2.57
CA GLY C 554 -61.32 9.17 -2.84
C GLY C 554 -60.03 9.50 -2.10
N PHE C 555 -59.67 8.67 -1.12
CA PHE C 555 -58.48 8.90 -0.31
C PHE C 555 -57.99 7.57 0.24
N ASN C 556 -56.83 7.59 0.91
CA ASN C 556 -56.19 6.38 1.41
C ASN C 556 -55.95 6.48 2.92
N VAL C 557 -55.88 5.33 3.59
CA VAL C 557 -55.47 5.28 4.99
C VAL C 557 -54.54 4.08 5.23
N LEU C 558 -53.85 4.12 6.37
CA LEU C 558 -52.94 3.05 6.78
C LEU C 558 -53.45 2.47 8.10
N SER C 559 -53.98 1.25 8.05
CA SER C 559 -54.62 0.61 9.18
C SER C 559 -53.69 -0.46 9.74
N TYR C 560 -53.91 -0.81 11.00
CA TYR C 560 -53.02 -1.76 11.63
C TYR C 560 -53.67 -2.46 12.78
N LEU C 561 -53.03 -3.50 13.26
CA LEU C 561 -53.52 -4.22 14.43
C LEU C 561 -52.67 -4.01 15.67
N SER C 562 -51.37 -3.77 15.49
CA SER C 562 -50.37 -3.73 16.53
C SER C 562 -49.53 -2.48 16.38
N SER C 563 -48.99 -1.99 17.49
CA SER C 563 -48.28 -0.72 17.41
C SER C 563 -47.36 -0.55 18.60
N HIS C 564 -46.30 0.24 18.40
CA HIS C 564 -45.32 0.47 19.45
C HIS C 564 -45.83 1.42 20.52
N ASP C 565 -47.03 1.99 20.35
CA ASP C 565 -47.56 2.90 21.37
C ASP C 565 -49.02 2.61 21.70
N THR C 566 -49.51 1.44 21.30
CA THR C 566 -50.78 0.90 21.80
C THR C 566 -50.53 -0.44 22.48
N ARG C 567 -50.57 -1.52 21.72
CA ARG C 567 -50.47 -2.87 22.27
C ARG C 567 -50.20 -3.83 21.11
N LEU C 568 -49.98 -5.09 21.44
CA LEU C 568 -49.82 -6.09 20.42
C LEU C 568 -51.08 -6.93 20.34
N PHE C 569 -51.59 -7.15 19.15
CA PHE C 569 -52.80 -7.91 18.93
C PHE C 569 -52.48 -9.36 18.89
N ARG C 570 -52.84 -10.08 19.93
CA ARG C 570 -52.52 -11.49 20.01
C ARG C 570 -53.65 -12.35 20.55
N GLU C 571 -54.82 -11.76 20.66
CA GLU C 571 -55.98 -12.46 21.16
C GLU C 571 -56.38 -13.69 20.42
N GLY C 572 -56.78 -13.52 19.20
CA GLY C 572 -56.89 -14.62 18.26
C GLY C 572 -55.59 -14.65 17.50
N GLY C 573 -54.98 -15.81 17.42
CA GLY C 573 -53.62 -15.75 16.92
C GLY C 573 -53.60 -15.68 15.41
N ASP C 574 -53.71 -16.86 14.84
CA ASP C 574 -53.70 -17.05 13.40
C ASP C 574 -54.61 -16.06 12.67
N LYS C 575 -55.75 -15.73 13.28
CA LYS C 575 -56.82 -15.02 12.58
C LYS C 575 -56.51 -13.54 12.34
N ALA C 576 -55.49 -13.02 13.01
CA ALA C 576 -55.13 -11.62 12.80
C ALA C 576 -54.77 -11.39 11.34
N ALA C 577 -54.32 -12.44 10.66
CA ALA C 577 -53.94 -12.33 9.24
C ALA C 577 -55.14 -11.93 8.37
N GLU C 578 -56.26 -12.66 8.47
CA GLU C 578 -57.44 -12.29 7.71
C GLU C 578 -57.97 -10.95 8.17
N LEU C 579 -57.98 -10.74 9.48
CA LEU C 579 -58.50 -9.50 10.05
C LEU C 579 -57.78 -8.27 9.50
N LEU C 580 -56.48 -8.35 9.26
CA LEU C 580 -55.72 -7.19 8.81
C LEU C 580 -55.67 -7.06 7.30
N LEU C 581 -55.33 -8.16 6.61
CA LEU C 581 -54.92 -8.05 5.22
C LEU C 581 -56.10 -7.86 4.28
N LEU C 582 -57.29 -8.32 4.67
CA LEU C 582 -58.51 -8.04 3.92
C LEU C 582 -58.98 -6.59 4.04
N ALA C 583 -58.28 -5.72 4.77
CA ALA C 583 -58.81 -4.38 5.00
C ALA C 583 -58.60 -3.50 3.77
N PRO C 584 -59.60 -2.71 3.38
CA PRO C 584 -59.38 -1.71 2.33
C PRO C 584 -58.31 -0.70 2.75
N GLY C 585 -57.69 -0.10 1.73
CA GLY C 585 -56.54 0.77 1.93
C GLY C 585 -55.28 0.02 2.39
N ALA C 586 -54.24 0.80 2.67
CA ALA C 586 -52.95 0.25 3.04
C ALA C 586 -52.95 -0.25 4.49
N VAL C 587 -52.13 -1.28 4.75
CA VAL C 587 -52.08 -1.94 6.04
C VAL C 587 -50.66 -1.97 6.54
N GLN C 588 -50.55 -2.12 7.86
CA GLN C 588 -49.26 -2.18 8.49
C GLN C 588 -49.06 -3.37 9.39
N ILE C 589 -48.35 -4.37 8.93
CA ILE C 589 -47.90 -5.48 9.76
C ILE C 589 -46.82 -4.93 10.68
N PHE C 590 -47.04 -5.01 11.99
CA PHE C 590 -46.01 -4.65 12.94
C PHE C 590 -45.13 -5.90 13.16
N TYR C 591 -43.82 -5.70 13.09
CA TYR C 591 -42.91 -6.83 12.92
C TYR C 591 -43.24 -7.93 13.92
N GLY C 592 -43.34 -9.16 13.42
CA GLY C 592 -43.69 -10.27 14.28
C GLY C 592 -45.16 -10.43 14.60
N ASP C 593 -46.07 -9.66 13.97
CA ASP C 593 -47.48 -10.02 14.02
C ASP C 593 -47.70 -11.39 13.43
N GLU C 594 -46.93 -11.73 12.38
CA GLU C 594 -47.12 -12.96 11.64
C GLU C 594 -46.66 -14.17 12.44
N SER C 595 -45.74 -13.95 13.38
CA SER C 595 -45.19 -15.03 14.19
C SER C 595 -45.67 -15.00 15.64
N SER C 596 -46.66 -14.15 15.96
CA SER C 596 -47.13 -13.93 17.33
C SER C 596 -45.96 -13.63 18.27
N ARG C 597 -45.17 -12.62 17.92
CA ARG C 597 -44.06 -12.21 18.76
C ARG C 597 -44.58 -11.83 20.14
N PRO C 598 -44.11 -12.44 21.22
CA PRO C 598 -44.68 -12.15 22.54
C PRO C 598 -44.29 -10.79 23.06
N PHE C 599 -45.23 -10.13 23.73
CA PHE C 599 -44.93 -8.94 24.52
C PHE C 599 -43.73 -9.21 25.43
N GLY C 600 -42.75 -8.31 25.43
CA GLY C 600 -41.54 -8.55 26.20
C GLY C 600 -41.38 -7.80 27.51
N PRO C 601 -40.16 -7.84 28.09
CA PRO C 601 -39.88 -7.14 29.35
C PRO C 601 -40.39 -5.73 29.26
N THR C 602 -40.97 -5.18 30.32
CA THR C 602 -41.54 -3.84 30.19
C THR C 602 -41.42 -2.98 31.45
N GLY C 603 -41.16 -3.60 32.60
CA GLY C 603 -40.97 -2.80 33.80
C GLY C 603 -42.12 -1.83 34.03
N SER C 604 -41.77 -0.57 34.33
CA SER C 604 -42.73 0.44 34.74
C SER C 604 -43.10 1.42 33.63
N ASP C 605 -42.82 1.08 32.38
CA ASP C 605 -43.38 1.79 31.22
C ASP C 605 -44.26 0.80 30.45
N PRO C 606 -45.59 0.99 30.46
CA PRO C 606 -46.49 -0.03 29.90
C PRO C 606 -46.32 -0.30 28.42
N LEU C 607 -45.53 0.50 27.70
CA LEU C 607 -45.39 0.34 26.26
C LEU C 607 -44.17 -0.46 25.85
N GLN C 608 -43.18 -0.62 26.75
CA GLN C 608 -41.85 -1.10 26.33
C GLN C 608 -41.90 -2.53 25.81
N GLY C 609 -42.70 -3.38 26.46
CA GLY C 609 -42.91 -4.72 25.98
C GLY C 609 -43.36 -4.83 24.53
N THR C 610 -43.93 -3.77 23.94
CA THR C 610 -44.33 -3.89 22.54
C THR C 610 -43.15 -3.79 21.59
N ARG C 611 -41.95 -3.52 22.08
CA ARG C 611 -40.78 -3.40 21.21
C ARG C 611 -39.83 -4.59 21.42
N SER C 612 -40.35 -5.72 21.86
CA SER C 612 -39.53 -6.89 22.15
C SER C 612 -38.88 -7.46 20.89
N ASP C 613 -37.84 -8.26 21.11
CA ASP C 613 -37.09 -8.84 19.99
C ASP C 613 -37.96 -9.70 19.10
N MET C 614 -37.71 -9.62 17.80
CA MET C 614 -38.29 -10.56 16.85
C MET C 614 -37.93 -11.99 17.25
N ASN C 615 -38.93 -12.88 17.25
CA ASN C 615 -38.78 -14.25 17.78
C ASN C 615 -38.40 -15.24 16.68
N TRP C 616 -37.15 -15.16 16.23
CA TRP C 616 -36.75 -15.90 15.04
C TRP C 616 -36.83 -17.41 15.22
N GLN C 617 -36.52 -17.91 16.42
CA GLN C 617 -36.65 -19.34 16.66
C GLN C 617 -38.08 -19.85 16.44
N ASP C 618 -39.09 -19.04 16.78
CA ASP C 618 -40.46 -19.45 16.55
C ASP C 618 -40.80 -19.47 15.06
N VAL C 619 -40.19 -18.59 14.27
CA VAL C 619 -40.56 -18.42 12.86
C VAL C 619 -40.47 -19.73 12.10
N SER C 620 -39.43 -20.52 12.38
CA SER C 620 -39.32 -21.83 11.82
C SER C 620 -39.82 -22.92 12.75
N GLY C 621 -40.24 -22.57 13.97
CA GLY C 621 -40.65 -23.55 14.95
C GLY C 621 -42.14 -23.48 15.27
N LYS C 622 -42.49 -23.14 16.51
CA LYS C 622 -43.88 -23.23 16.95
C LYS C 622 -44.81 -22.28 16.17
N SER C 623 -44.27 -21.27 15.49
CA SER C 623 -45.07 -20.28 14.78
C SER C 623 -44.97 -20.39 13.28
N ALA C 624 -44.35 -21.46 12.76
CA ALA C 624 -44.17 -21.56 11.31
C ALA C 624 -45.51 -21.71 10.59
N ALA C 625 -46.48 -22.39 11.22
CA ALA C 625 -47.82 -22.50 10.63
C ALA C 625 -48.50 -21.14 10.51
N SER C 626 -48.38 -20.32 11.56
CA SER C 626 -48.91 -18.95 11.54
C SER C 626 -48.29 -18.13 10.40
N VAL C 627 -46.96 -18.18 10.29
CA VAL C 627 -46.24 -17.48 9.24
C VAL C 627 -46.73 -17.92 7.85
N ALA C 628 -47.01 -19.22 7.69
CA ALA C 628 -47.46 -19.70 6.39
C ALA C 628 -48.88 -19.22 6.08
N HIS C 629 -49.72 -19.19 7.11
CA HIS C 629 -51.07 -18.66 6.98
C HIS C 629 -51.02 -17.21 6.49
N TRP C 630 -50.28 -16.37 7.23
CA TRP C 630 -50.10 -14.98 6.82
C TRP C 630 -49.58 -14.89 5.38
N GLN C 631 -48.58 -15.73 5.03
CA GLN C 631 -48.05 -15.69 3.66
C GLN C 631 -49.15 -15.90 2.63
N LYS C 632 -50.04 -16.87 2.86
CA LYS C 632 -51.04 -17.12 1.84
C LYS C 632 -52.01 -15.93 1.73
N ILE C 633 -52.49 -15.42 2.86
CA ILE C 633 -53.42 -14.28 2.80
C ILE C 633 -52.75 -13.01 2.24
N SER C 634 -51.47 -12.77 2.56
CA SER C 634 -50.78 -11.58 2.09
C SER C 634 -50.38 -11.68 0.61
N GLN C 635 -49.90 -12.85 0.16
CA GLN C 635 -49.69 -13.08 -1.26
C GLN C 635 -50.98 -12.87 -2.05
N PHE C 636 -52.11 -13.34 -1.50
CA PHE C 636 -53.39 -13.10 -2.16
C PHE C 636 -53.66 -11.61 -2.28
N ARG C 637 -53.53 -10.88 -1.18
CA ARG C 637 -53.72 -9.43 -1.25
C ARG C 637 -52.86 -8.80 -2.34
N ALA C 638 -51.59 -9.21 -2.42
CA ALA C 638 -50.71 -8.60 -3.41
C ALA C 638 -51.06 -9.01 -4.84
N ARG C 639 -51.83 -10.08 -5.02
CA ARG C 639 -52.27 -10.45 -6.36
C ARG C 639 -53.50 -9.67 -6.83
N HIS C 640 -54.14 -8.89 -5.95
CA HIS C 640 -55.46 -8.33 -6.21
C HIS C 640 -55.66 -6.93 -5.66
N PRO C 641 -55.50 -5.91 -6.49
CA PRO C 641 -55.70 -4.53 -6.00
C PRO C 641 -57.14 -4.25 -5.55
N ALA C 642 -58.10 -5.07 -5.97
CA ALA C 642 -59.46 -4.91 -5.49
C ALA C 642 -59.56 -4.98 -3.96
N ILE C 643 -58.60 -5.62 -3.30
CA ILE C 643 -58.72 -5.78 -1.85
C ILE C 643 -58.58 -4.44 -1.16
N GLY C 644 -57.54 -3.69 -1.49
CA GLY C 644 -57.34 -2.41 -0.83
C GLY C 644 -57.99 -1.24 -1.54
N ALA C 645 -58.40 -1.41 -2.80
CA ALA C 645 -58.87 -0.29 -3.59
C ALA C 645 -60.26 -0.48 -4.20
N GLY C 646 -60.81 -1.70 -4.24
CA GLY C 646 -62.06 -1.93 -4.92
C GLY C 646 -63.28 -1.64 -4.06
N LYS C 647 -64.43 -1.55 -4.73
CA LYS C 647 -65.74 -1.49 -4.09
C LYS C 647 -66.13 -2.88 -3.61
N GLN C 648 -66.79 -2.92 -2.47
CA GLN C 648 -67.28 -4.17 -1.90
C GLN C 648 -68.78 -4.35 -2.10
N THR C 649 -69.15 -5.52 -2.58
CA THR C 649 -70.52 -5.99 -2.63
C THR C 649 -70.61 -7.19 -1.70
N THR C 650 -71.32 -7.06 -0.58
CA THR C 650 -71.46 -8.18 0.35
C THR C 650 -72.58 -9.10 -0.11
N LEU C 651 -72.32 -10.39 -0.15
CA LEU C 651 -73.29 -11.34 -0.67
C LEU C 651 -74.15 -11.93 0.45
N LEU C 652 -75.36 -12.33 0.07
CA LEU C 652 -76.21 -13.17 0.89
C LEU C 652 -75.91 -14.62 0.50
N LEU C 653 -75.53 -15.44 1.47
CA LEU C 653 -75.21 -16.82 1.17
C LEU C 653 -76.07 -17.77 2.00
N LYS C 654 -76.15 -19.02 1.54
CA LYS C 654 -76.94 -20.01 2.25
C LYS C 654 -76.23 -20.46 3.53
N GLN C 655 -74.95 -20.82 3.41
CA GLN C 655 -74.13 -21.13 4.57
C GLN C 655 -72.91 -20.22 4.56
N GLY C 656 -72.69 -19.50 5.65
CA GLY C 656 -71.48 -18.70 5.83
C GLY C 656 -71.63 -17.21 5.51
N TYR C 657 -70.48 -16.60 5.20
CA TYR C 657 -70.34 -15.18 4.94
C TYR C 657 -69.48 -14.99 3.69
N GLY C 658 -69.64 -13.86 3.00
CA GLY C 658 -68.85 -13.67 1.80
C GLY C 658 -69.06 -12.31 1.18
N PHE C 659 -68.06 -11.87 0.41
CA PHE C 659 -68.15 -10.58 -0.27
C PHE C 659 -67.27 -10.58 -1.50
N VAL C 660 -67.47 -9.55 -2.34
CA VAL C 660 -66.77 -9.39 -3.61
C VAL C 660 -66.13 -8.00 -3.65
N ARG C 661 -64.87 -7.95 -4.02
CA ARG C 661 -64.17 -6.68 -4.22
C ARG C 661 -63.89 -6.50 -5.70
N GLU C 662 -64.01 -5.26 -6.16
CA GLU C 662 -63.78 -5.00 -7.58
C GLU C 662 -63.08 -3.66 -7.79
N HIS C 663 -62.06 -3.67 -8.66
CA HIS C 663 -61.31 -2.47 -9.00
C HIS C 663 -60.73 -2.66 -10.41
N GLY C 664 -61.15 -1.80 -11.35
CA GLY C 664 -60.82 -1.97 -12.76
C GLY C 664 -61.10 -3.39 -13.26
N ASP C 665 -60.04 -4.02 -13.80
CA ASP C 665 -60.14 -5.39 -14.33
C ASP C 665 -59.99 -6.47 -13.27
N ASP C 666 -59.73 -6.15 -12.01
CA ASP C 666 -59.56 -7.15 -10.97
C ASP C 666 -60.84 -7.33 -10.17
N LYS C 667 -61.32 -8.57 -10.06
CA LYS C 667 -62.50 -8.95 -9.29
C LYS C 667 -62.13 -10.16 -8.44
N VAL C 668 -62.39 -10.11 -7.13
CA VAL C 668 -62.17 -11.29 -6.30
C VAL C 668 -63.36 -11.52 -5.39
N LEU C 669 -63.41 -12.74 -4.84
CA LEU C 669 -64.53 -13.19 -4.03
C LEU C 669 -63.98 -13.95 -2.83
N VAL C 670 -64.15 -13.39 -1.64
CA VAL C 670 -63.71 -14.04 -0.42
C VAL C 670 -64.91 -14.61 0.31
N VAL C 671 -64.76 -15.81 0.85
CA VAL C 671 -65.85 -16.51 1.53
C VAL C 671 -65.31 -17.03 2.86
N TRP C 672 -66.00 -16.72 3.96
CA TRP C 672 -65.68 -17.28 5.27
C TRP C 672 -66.76 -18.28 5.66
N ALA C 673 -66.36 -19.54 5.83
CA ALA C 673 -67.34 -20.60 6.06
C ALA C 673 -68.10 -20.44 7.36
N GLY C 674 -67.52 -19.79 8.38
CA GLY C 674 -68.20 -19.69 9.66
C GLY C 674 -67.47 -20.39 10.79
N GLN C 675 -68.13 -20.61 11.94
CA GLN C 675 -67.42 -21.00 13.14
C GLN C 675 -67.31 -22.51 13.33
N GLN C 676 -66.12 -22.97 13.72
CA GLN C 676 -65.92 -24.40 13.92
C GLN C 676 -66.55 -25.22 12.79
N GLU D 120 8.73 64.48 61.68
CA GLU D 120 9.00 63.45 60.70
C GLU D 120 7.75 63.06 59.99
N CYS D 121 7.16 61.98 60.47
CA CYS D 121 5.93 61.51 59.86
C CYS D 121 4.77 62.30 60.39
N PRO D 122 3.98 62.85 59.48
CA PRO D 122 2.80 63.58 59.90
C PRO D 122 1.95 62.79 60.86
N LYS D 123 1.56 63.34 62.02
CA LYS D 123 0.61 62.67 62.89
C LYS D 123 -0.79 63.28 62.77
N TRP D 124 -1.82 62.45 63.07
CA TRP D 124 -3.22 62.83 62.86
C TRP D 124 -4.06 62.39 64.05
N ASP D 125 -4.95 63.28 64.47
CA ASP D 125 -5.80 63.12 65.64
C ASP D 125 -7.10 62.38 65.37
N GLY D 126 -7.43 62.10 64.10
CA GLY D 126 -8.67 61.44 63.74
C GLY D 126 -9.87 62.33 63.59
N LEU D 127 -9.70 63.64 63.79
CA LEU D 127 -10.78 64.62 63.73
C LEU D 127 -10.92 65.14 62.31
N PRO D 128 -12.06 65.81 61.98
CA PRO D 128 -12.20 66.39 60.63
C PRO D 128 -10.98 67.19 60.21
N LEU D 129 -10.91 67.52 58.92
CA LEU D 129 -9.65 67.94 58.35
C LEU D 129 -9.95 69.13 57.47
N THR D 130 -9.48 70.30 57.91
CA THR D 130 -9.59 71.53 57.12
C THR D 130 -8.33 71.64 56.25
N VAL D 131 -8.52 71.87 54.95
CA VAL D 131 -7.42 71.94 53.99
C VAL D 131 -7.63 73.14 53.09
N ASP D 132 -6.50 73.72 52.67
CA ASP D 132 -6.47 74.97 51.90
C ASP D 132 -6.57 74.64 50.42
N VAL D 133 -7.78 74.82 49.89
CA VAL D 133 -8.14 74.33 48.57
C VAL D 133 -7.93 75.38 47.48
N SER D 134 -7.88 76.65 47.85
CA SER D 134 -7.74 77.72 46.88
C SER D 134 -6.49 77.51 46.04
N ALA D 135 -6.43 78.21 44.91
CA ALA D 135 -5.46 78.01 43.85
C ALA D 135 -5.61 76.66 43.17
N THR D 136 -6.72 75.96 43.42
CA THR D 136 -6.95 74.67 42.78
C THR D 136 -8.41 74.55 42.38
N PHE D 137 -9.32 74.87 43.32
CA PHE D 137 -10.75 74.88 43.03
C PHE D 137 -11.34 76.25 43.29
N PRO D 138 -12.18 76.75 42.39
CA PRO D 138 -12.78 78.08 42.58
C PRO D 138 -13.71 78.09 43.78
N GLU D 139 -13.85 79.28 44.38
CA GLU D 139 -14.77 79.42 45.51
C GLU D 139 -16.20 79.08 45.09
N GLY D 140 -16.90 78.36 45.96
CA GLY D 140 -18.29 78.04 45.73
C GLY D 140 -18.55 76.82 44.88
N ALA D 141 -17.51 76.22 44.30
CA ALA D 141 -17.67 74.99 43.55
C ALA D 141 -17.75 73.81 44.50
N ALA D 142 -18.41 72.74 44.02
CA ALA D 142 -18.58 71.52 44.81
C ALA D 142 -17.39 70.59 44.58
N VAL D 143 -16.77 70.15 45.68
CA VAL D 143 -15.64 69.22 45.64
C VAL D 143 -16.08 67.91 46.30
N ARG D 144 -15.87 66.81 45.60
CA ARG D 144 -16.19 65.49 46.12
C ARG D 144 -14.92 64.83 46.63
N ASP D 145 -14.97 64.30 47.85
CA ASP D 145 -14.01 63.25 48.20
C ASP D 145 -14.53 61.95 47.65
N TYR D 146 -13.86 61.45 46.61
CA TYR D 146 -14.41 60.30 45.90
C TYR D 146 -14.55 59.09 46.82
N TYR D 147 -13.60 58.90 47.72
CA TYR D 147 -13.63 57.71 48.57
C TYR D 147 -14.86 57.66 49.45
N SER D 148 -15.18 58.74 50.14
CA SER D 148 -16.30 58.73 51.07
C SER D 148 -17.62 59.19 50.45
N GLN D 149 -17.57 59.83 49.27
CA GLN D 149 -18.70 60.37 48.52
C GLN D 149 -19.33 61.61 49.16
N GLN D 150 -18.71 62.14 50.21
CA GLN D 150 -19.08 63.45 50.72
C GLN D 150 -18.69 64.57 49.77
N ILE D 151 -19.57 65.57 49.66
CA ILE D 151 -19.35 66.75 48.82
C ILE D 151 -19.41 68.00 49.68
N ALA D 152 -18.42 68.87 49.51
CA ALA D 152 -18.28 70.07 50.31
C ALA D 152 -18.18 71.27 49.39
N ILE D 153 -18.76 72.40 49.80
CA ILE D 153 -18.68 73.64 49.04
C ILE D 153 -17.58 74.49 49.67
N VAL D 154 -16.60 74.89 48.84
CA VAL D 154 -15.48 75.66 49.35
C VAL D 154 -15.94 77.08 49.70
N LYS D 155 -15.59 77.53 50.91
CA LYS D 155 -15.99 78.84 51.39
C LYS D 155 -14.80 79.80 51.41
N ASN D 156 -13.89 79.65 52.38
CA ASN D 156 -12.78 80.60 52.53
C ASN D 156 -11.51 80.05 51.90
N GLY D 157 -11.62 79.64 50.64
CA GLY D 157 -10.58 78.83 50.03
C GLY D 157 -10.31 77.55 50.80
N GLN D 158 -11.25 77.18 51.68
CA GLN D 158 -11.05 76.07 52.58
C GLN D 158 -12.17 75.06 52.41
N ILE D 159 -11.84 73.81 52.70
CA ILE D 159 -12.81 72.72 52.79
C ILE D 159 -12.46 71.90 54.00
N MET D 160 -13.48 71.44 54.72
CA MET D 160 -13.31 70.56 55.88
C MET D 160 -14.07 69.25 55.63
N LEU D 161 -13.37 68.12 55.79
CA LEU D 161 -13.97 66.80 55.54
C LEU D 161 -13.46 65.76 56.54
N GLN D 162 -14.35 64.81 56.83
CA GLN D 162 -13.99 63.64 57.63
C GLN D 162 -13.62 62.47 56.72
N PRO D 163 -12.38 62.01 56.71
CA PRO D 163 -12.02 60.85 55.89
C PRO D 163 -12.78 59.61 56.35
N ALA D 164 -13.22 58.81 55.38
CA ALA D 164 -13.93 57.58 55.70
C ALA D 164 -13.11 56.70 56.64
N ALA D 165 -13.83 55.93 57.47
CA ALA D 165 -13.17 55.03 58.42
C ALA D 165 -12.13 54.15 57.75
N THR D 166 -12.43 53.64 56.54
CA THR D 166 -11.54 52.69 55.88
C THR D 166 -10.69 53.30 54.77
N SER D 167 -10.45 54.61 54.82
CA SER D 167 -9.71 55.30 53.77
C SER D 167 -8.23 55.45 54.09
N ASN D 168 -7.75 54.84 55.18
CA ASN D 168 -6.41 55.08 55.73
C ASN D 168 -6.03 56.55 55.74
N GLY D 169 -6.99 57.43 56.01
CA GLY D 169 -6.69 58.85 56.12
C GLY D 169 -6.63 59.59 54.81
N LEU D 170 -7.38 59.15 53.81
CA LEU D 170 -7.34 59.73 52.48
C LEU D 170 -8.58 60.54 52.18
N LEU D 171 -8.37 61.70 51.57
CA LEU D 171 -9.37 62.42 50.82
C LEU D 171 -8.92 62.40 49.37
N LEU D 172 -9.84 62.12 48.46
CA LEU D 172 -9.54 61.99 47.03
C LEU D 172 -10.42 63.04 46.36
N LEU D 173 -9.92 64.28 46.32
CA LEU D 173 -10.73 65.45 46.03
C LEU D 173 -10.73 65.71 44.53
N GLU D 174 -11.93 65.66 43.94
CA GLU D 174 -12.18 65.94 42.54
C GLU D 174 -13.33 66.93 42.40
N ARG D 175 -13.52 67.45 41.19
CA ARG D 175 -14.69 68.30 40.92
C ARG D 175 -15.95 67.43 40.98
N ALA D 176 -16.90 67.81 41.83
CA ALA D 176 -18.12 67.02 41.98
C ALA D 176 -18.92 66.90 40.68
N GLU D 177 -18.55 67.60 39.62
CA GLU D 177 -19.33 67.44 38.40
C GLU D 177 -18.91 66.22 37.59
N THR D 178 -17.81 65.55 37.96
CA THR D 178 -17.35 64.38 37.22
C THR D 178 -18.00 63.05 37.59
N ASP D 179 -18.46 62.32 36.58
CA ASP D 179 -19.51 61.31 36.71
C ASP D 179 -19.28 60.13 35.77
N THR D 180 -18.05 59.84 35.43
CA THR D 180 -17.70 58.69 34.59
C THR D 180 -16.19 58.50 34.63
N SER D 181 -15.73 57.43 33.98
CA SER D 181 -14.31 57.23 33.84
C SER D 181 -13.79 58.05 32.67
N ALA D 182 -12.52 58.42 32.73
CA ALA D 182 -11.93 59.22 31.68
C ALA D 182 -11.62 58.34 30.48
N PRO D 183 -11.45 58.94 29.30
CA PRO D 183 -11.05 58.14 28.13
C PRO D 183 -9.77 57.38 28.42
N PHE D 184 -9.60 56.24 27.77
CA PHE D 184 -8.41 55.43 28.03
C PHE D 184 -7.14 56.16 27.60
N ASP D 185 -6.13 56.07 28.44
CA ASP D 185 -4.80 56.59 28.14
C ASP D 185 -3.76 55.62 28.68
N TRP D 186 -2.91 55.08 27.81
CA TRP D 186 -1.83 54.22 28.29
C TRP D 186 -0.99 54.88 29.36
N HIS D 187 -0.90 56.22 29.39
CA HIS D 187 -0.14 56.88 30.44
C HIS D 187 -0.89 56.85 31.77
N ASN D 188 -2.14 56.40 31.79
CA ASN D 188 -2.89 56.28 33.02
C ASN D 188 -3.28 54.84 33.33
N ALA D 189 -2.88 53.88 32.49
CA ALA D 189 -3.44 52.53 32.52
C ALA D 189 -3.30 51.88 33.90
N THR D 190 -4.35 51.14 34.30
CA THR D 190 -4.29 50.19 35.41
C THR D 190 -4.25 48.78 34.78
N VAL D 191 -3.04 48.21 34.80
CA VAL D 191 -2.77 46.92 34.16
C VAL D 191 -2.94 45.82 35.21
N TYR D 192 -3.73 44.81 34.84
CA TYR D 192 -3.91 43.66 35.71
C TYR D 192 -3.19 42.50 35.05
N PHE D 193 -2.23 41.90 35.75
CA PHE D 193 -1.42 40.84 35.20
C PHE D 193 -1.78 39.51 35.84
N VAL D 194 -2.29 38.58 35.01
CA VAL D 194 -2.78 37.27 35.47
C VAL D 194 -1.95 36.16 34.86
N LEU D 195 -1.59 35.20 35.71
CA LEU D 195 -1.22 33.88 35.27
C LEU D 195 -2.52 33.10 35.11
N THR D 196 -2.93 32.86 33.87
CA THR D 196 -4.27 32.33 33.62
C THR D 196 -4.49 31.01 34.37
N ASP D 197 -3.52 30.09 34.31
CA ASP D 197 -3.66 28.80 34.98
C ASP D 197 -3.88 28.92 36.48
N ARG D 198 -3.56 30.06 37.06
CA ARG D 198 -3.59 30.22 38.50
C ARG D 198 -4.71 31.16 38.95
N PHE D 199 -5.66 31.47 38.05
CA PHE D 199 -6.69 32.45 38.33
C PHE D 199 -8.07 31.80 38.41
N GLU D 200 -8.70 31.44 37.27
CA GLU D 200 -10.05 30.89 37.32
C GLU D 200 -10.22 29.72 36.36
N ASN D 201 -10.67 28.60 36.90
CA ASN D 201 -10.93 27.40 36.11
C ASN D 201 -12.38 27.42 35.66
N GLY D 202 -12.63 27.99 34.49
CA GLY D 202 -13.99 27.96 33.99
C GLY D 202 -14.36 26.74 33.20
N ASP D 203 -13.38 25.88 32.89
CA ASP D 203 -13.60 24.68 32.09
C ASP D 203 -12.70 23.58 32.61
N PRO D 204 -13.26 22.61 33.34
CA PRO D 204 -12.41 21.56 33.93
C PRO D 204 -12.04 20.45 32.96
N SER D 205 -12.65 20.40 31.77
CA SER D 205 -12.42 19.32 30.83
C SER D 205 -11.11 19.46 30.06
N ASN D 206 -10.42 20.58 30.19
CA ASN D 206 -9.17 20.80 29.47
C ASN D 206 -7.98 20.86 30.41
N ASP D 207 -8.13 20.41 31.66
CA ASP D 207 -7.10 20.64 32.67
C ASP D 207 -5.94 19.67 32.57
N GLN D 208 -6.13 18.52 31.97
CA GLN D 208 -5.07 17.53 31.85
C GLN D 208 -4.69 17.31 30.38
N SER D 209 -4.57 18.37 29.60
CA SER D 209 -4.22 18.21 28.20
C SER D 209 -2.86 17.53 28.07
N TYR D 210 -2.70 16.79 26.97
CA TYR D 210 -1.43 16.17 26.59
C TYR D 210 -0.88 15.22 27.65
N GLY D 211 -1.74 14.53 28.39
CA GLY D 211 -1.22 13.66 29.43
C GLY D 211 -0.60 14.38 30.61
N ARG D 212 -0.88 15.67 30.78
CA ARG D 212 -0.44 16.39 31.97
C ARG D 212 -1.21 15.89 33.19
N HIS D 213 -0.51 15.85 34.34
CA HIS D 213 -1.05 15.31 35.59
C HIS D 213 -0.77 16.27 36.75
N LYS D 214 -1.69 16.29 37.73
CA LYS D 214 -1.40 16.79 39.07
C LYS D 214 -0.36 15.88 39.73
N ASP D 215 0.41 16.45 40.67
CA ASP D 215 1.46 15.66 41.29
C ASP D 215 1.03 15.01 42.60
N GLY D 216 -0.17 15.32 43.11
CA GLY D 216 -0.66 14.70 44.32
C GLY D 216 0.06 15.15 45.57
N MET D 217 0.88 16.20 45.48
CA MET D 217 1.62 16.68 46.63
C MET D 217 1.30 18.05 47.21
N ALA D 218 1.98 19.10 46.72
CA ALA D 218 1.62 20.49 46.94
C ALA D 218 1.31 21.26 45.66
N GLU D 219 1.56 20.67 44.48
CA GLU D 219 1.16 21.26 43.19
C GLU D 219 1.94 22.54 42.92
N ILE D 220 3.21 22.53 43.30
CA ILE D 220 4.04 23.73 43.14
C ILE D 220 4.12 24.15 41.67
N GLY D 221 4.40 23.19 40.78
CA GLY D 221 4.59 23.54 39.37
C GLY D 221 3.73 22.83 38.34
N THR D 222 2.52 22.41 38.71
CA THR D 222 1.60 21.75 37.78
C THR D 222 0.57 22.75 37.24
N PHE D 223 -0.14 22.32 36.19
CA PHE D 223 -1.26 23.14 35.73
C PHE D 223 -2.39 22.96 36.73
N HIS D 224 -2.89 24.07 37.27
CA HIS D 224 -4.00 24.01 38.21
C HIS D 224 -5.36 24.01 37.55
N GLY D 225 -5.47 24.41 36.29
CA GLY D 225 -6.76 24.37 35.61
C GLY D 225 -7.32 25.71 35.18
N GLY D 226 -6.79 26.83 35.65
CA GLY D 226 -7.27 28.12 35.18
C GLY D 226 -7.12 28.23 33.68
N ASP D 227 -8.03 28.95 33.04
CA ASP D 227 -8.18 28.89 31.60
C ASP D 227 -8.86 30.17 31.14
N LEU D 228 -8.91 30.34 29.80
CA LEU D 228 -9.38 31.60 29.23
C LEU D 228 -10.85 31.84 29.52
N ARG D 229 -11.66 30.82 29.50
CA ARG D 229 -13.04 30.99 29.85
C ARG D 229 -13.16 31.49 31.27
N GLY D 230 -12.48 30.84 32.19
CA GLY D 230 -12.52 31.29 33.57
C GLY D 230 -12.19 32.76 33.69
N LEU D 231 -11.15 33.19 32.99
CA LEU D 231 -10.81 34.59 32.98
C LEU D 231 -11.92 35.44 32.39
N THR D 232 -12.61 34.92 31.37
CA THR D 232 -13.75 35.64 30.81
C THR D 232 -14.78 35.89 31.90
N ASN D 233 -15.11 34.85 32.65
CA ASN D 233 -16.14 34.98 33.67
C ASN D 233 -15.76 35.87 34.85
N LYS D 234 -14.59 36.49 34.83
CA LYS D 234 -14.26 37.42 35.92
C LYS D 234 -14.11 38.86 35.45
N LEU D 235 -14.50 39.15 34.20
CA LEU D 235 -14.31 40.49 33.66
C LEU D 235 -15.11 41.55 34.43
N ASP D 236 -16.33 41.23 34.90
CA ASP D 236 -17.06 42.26 35.65
C ASP D 236 -16.35 42.56 36.98
N TYR D 237 -15.78 41.54 37.62
CA TYR D 237 -14.93 41.76 38.77
C TYR D 237 -13.79 42.72 38.44
N LEU D 238 -13.08 42.46 37.34
CA LEU D 238 -11.95 43.32 36.97
C LEU D 238 -12.40 44.72 36.56
N GLN D 239 -13.61 44.87 36.01
CA GLN D 239 -14.05 46.20 35.63
C GLN D 239 -14.40 47.01 36.87
N GLN D 240 -15.09 46.38 37.83
CA GLN D 240 -15.30 46.99 39.13
C GLN D 240 -13.97 47.33 39.80
N LEU D 241 -12.87 46.69 39.40
CA LEU D 241 -11.62 47.01 40.06
C LEU D 241 -10.90 48.18 39.39
N GLY D 242 -11.53 48.82 38.41
CA GLY D 242 -10.84 49.91 37.73
C GLY D 242 -9.85 49.49 36.67
N VAL D 243 -9.77 48.18 36.35
CA VAL D 243 -8.77 47.66 35.42
C VAL D 243 -9.14 48.05 34.00
N ASN D 244 -8.16 48.49 33.22
CA ASN D 244 -8.40 48.78 31.81
C ASN D 244 -7.34 48.21 30.89
N ALA D 245 -6.35 47.50 31.43
CA ALA D 245 -5.52 46.63 30.60
C ALA D 245 -5.36 45.30 31.31
N LEU D 246 -5.60 44.21 30.60
CA LEU D 246 -5.42 42.89 31.16
C LEU D 246 -4.20 42.24 30.49
N TRP D 247 -3.14 42.04 31.27
CA TRP D 247 -1.95 41.37 30.78
C TRP D 247 -2.05 39.92 31.19
N ILE D 248 -2.06 39.04 30.21
CA ILE D 248 -2.23 37.60 30.48
C ILE D 248 -0.96 36.87 30.08
N SER D 249 -0.64 35.82 30.82
CA SER D 249 0.45 34.94 30.44
C SER D 249 0.23 34.35 29.04
N ALA D 250 1.31 33.92 28.44
CA ALA D 250 1.31 33.58 27.03
C ALA D 250 0.35 32.43 26.79
N PRO D 251 -0.65 32.59 25.92
CA PRO D 251 -1.58 31.47 25.64
C PRO D 251 -1.06 30.45 24.63
N PHE D 252 0.18 30.55 24.17
CA PHE D 252 0.62 29.67 23.10
C PHE D 252 0.86 28.25 23.64
N GLU D 253 0.99 27.30 22.72
CA GLU D 253 1.14 25.89 23.08
C GLU D 253 2.49 25.67 23.72
N GLN D 254 2.46 25.32 25.00
CA GLN D 254 3.66 25.11 25.78
C GLN D 254 4.27 23.73 25.50
N ILE D 255 5.47 23.48 26.02
CA ILE D 255 5.93 22.09 26.06
C ILE D 255 4.91 21.22 26.79
N HIS D 256 4.93 19.93 26.49
CA HIS D 256 3.84 19.12 27.02
C HIS D 256 4.13 18.53 28.38
N GLY D 257 5.41 18.42 28.75
CA GLY D 257 5.79 17.67 29.92
C GLY D 257 6.40 18.59 30.94
N TRP D 258 7.37 18.09 31.71
CA TRP D 258 7.85 18.75 32.92
C TRP D 258 9.35 18.54 33.06
N VAL D 259 9.97 19.38 33.87
CA VAL D 259 11.36 19.20 34.23
C VAL D 259 11.48 19.24 35.75
N GLY D 260 12.69 18.96 36.24
CA GLY D 260 12.90 18.99 37.68
C GLY D 260 12.74 20.39 38.23
N GLY D 261 12.04 20.53 39.35
CA GLY D 261 11.76 21.82 39.95
C GLY D 261 12.61 22.13 41.16
N GLY D 262 13.13 23.35 41.22
CA GLY D 262 13.91 23.80 42.36
C GLY D 262 15.35 23.33 42.31
N THR D 263 16.13 23.83 43.25
CA THR D 263 17.52 23.37 43.31
C THR D 263 17.62 21.95 43.84
N LYS D 264 16.58 21.49 44.55
CA LYS D 264 16.58 20.20 45.22
C LYS D 264 15.71 19.16 44.54
N GLY D 265 15.08 19.46 43.42
CA GLY D 265 14.20 18.52 42.76
C GLY D 265 13.04 17.97 43.55
N ASP D 266 12.25 18.84 44.13
CA ASP D 266 11.17 18.40 45.00
C ASP D 266 9.84 18.41 44.35
N PHE D 267 9.78 18.85 43.11
CA PHE D 267 8.53 18.89 42.41
C PHE D 267 8.66 18.86 40.92
N PRO D 268 7.68 18.25 40.24
CA PRO D 268 7.69 18.40 38.78
C PRO D 268 7.26 19.80 38.40
N HIS D 269 7.90 20.34 37.38
CA HIS D 269 7.67 21.72 36.98
C HIS D 269 7.18 21.72 35.53
N TYR D 270 5.94 22.11 35.33
CA TYR D 270 5.42 22.18 33.99
C TYR D 270 5.52 23.59 33.45
N ALA D 271 4.74 23.87 32.42
CA ALA D 271 4.75 25.16 31.75
C ALA D 271 3.48 25.97 32.00
N TYR D 272 3.00 25.98 33.24
CA TYR D 272 1.72 26.66 33.54
C TYR D 272 1.79 28.17 33.46
N HIS D 273 2.99 28.72 33.45
CA HIS D 273 3.18 30.17 33.45
C HIS D 273 3.25 30.73 32.05
N GLY D 274 3.44 29.88 31.04
CA GLY D 274 3.39 30.28 29.65
C GLY D 274 4.72 30.67 29.05
N TYR D 275 5.82 30.54 29.81
CA TYR D 275 7.14 30.99 29.36
C TYR D 275 7.98 29.91 28.71
N TYR D 276 7.44 28.69 28.54
CA TYR D 276 8.17 27.58 27.91
C TYR D 276 7.47 27.17 26.61
N THR D 277 7.37 28.11 25.68
CA THR D 277 6.59 27.94 24.48
C THR D 277 7.26 26.95 23.52
N GLN D 278 6.44 26.20 22.81
CA GLN D 278 6.90 25.22 21.85
C GLN D 278 6.33 25.46 20.47
N ASP D 279 5.22 26.20 20.36
CA ASP D 279 4.57 26.46 19.09
C ASP D 279 3.76 27.75 19.21
N TRP D 280 4.30 28.83 18.66
CA TRP D 280 3.62 30.11 18.74
C TRP D 280 2.41 30.20 17.83
N THR D 281 2.14 29.19 17.02
CA THR D 281 1.02 29.27 16.09
C THR D 281 -0.24 28.64 16.65
N ASN D 282 -0.18 27.96 17.79
CA ASN D 282 -1.30 27.26 18.39
C ASN D 282 -1.61 27.78 19.79
N LEU D 283 -2.88 27.69 20.15
CA LEU D 283 -3.20 27.85 21.56
C LEU D 283 -2.86 26.57 22.33
N ASP D 284 -2.44 26.73 23.58
CA ASP D 284 -2.29 25.59 24.47
C ASP D 284 -3.65 25.08 24.89
N ALA D 285 -3.88 23.76 24.69
CA ALA D 285 -5.16 23.14 24.98
C ALA D 285 -5.64 23.36 26.41
N ASN D 286 -4.74 23.64 27.37
CA ASN D 286 -5.19 24.05 28.71
C ASN D 286 -5.84 25.43 28.68
N MET D 287 -5.39 26.32 27.80
CA MET D 287 -5.99 27.65 27.79
C MET D 287 -7.37 27.64 27.13
N GLY D 288 -7.60 26.79 26.12
CA GLY D 288 -8.84 26.74 25.39
C GLY D 288 -8.57 26.91 23.91
N ASN D 289 -9.61 27.16 23.13
CA ASN D 289 -9.49 27.20 21.68
C ASN D 289 -9.77 28.61 21.15
N GLU D 290 -9.70 28.75 19.82
CA GLU D 290 -9.88 30.04 19.16
C GLU D 290 -11.19 30.72 19.58
N ALA D 291 -12.27 29.96 19.76
CA ALA D 291 -13.54 30.58 20.13
C ALA D 291 -13.46 31.21 21.52
N ASP D 292 -12.85 30.49 22.46
CA ASP D 292 -12.61 31.01 23.82
C ASP D 292 -11.74 32.26 23.78
N LEU D 293 -10.67 32.27 22.97
CA LEU D 293 -9.86 33.47 22.91
C LEU D 293 -10.64 34.66 22.35
N ARG D 294 -11.43 34.44 21.31
CA ARG D 294 -12.25 35.52 20.79
C ARG D 294 -13.18 36.06 21.86
N THR D 295 -13.90 35.17 22.55
CA THR D 295 -14.86 35.60 23.53
C THR D 295 -14.17 36.42 24.59
N LEU D 296 -12.99 35.99 25.01
CA LEU D 296 -12.21 36.77 25.96
C LEU D 296 -11.92 38.17 25.42
N VAL D 297 -11.34 38.25 24.23
CA VAL D 297 -10.91 39.57 23.78
C VAL D 297 -12.11 40.47 23.55
N ASP D 298 -13.18 39.94 22.95
CA ASP D 298 -14.33 40.76 22.63
C ASP D 298 -15.04 41.19 23.91
N SER D 299 -15.16 40.29 24.88
CA SER D 299 -15.80 40.64 26.13
C SER D 299 -14.97 41.65 26.91
N ALA D 300 -13.65 41.49 26.91
CA ALA D 300 -12.79 42.47 27.56
C ALA D 300 -12.95 43.84 26.93
N HIS D 301 -13.08 43.89 25.61
CA HIS D 301 -13.21 45.18 24.92
C HIS D 301 -14.56 45.84 25.23
N GLN D 302 -15.66 45.07 25.18
CA GLN D 302 -16.97 45.58 25.57
C GLN D 302 -16.80 46.50 26.78
N ARG D 303 -15.97 46.11 27.75
CA ARG D 303 -15.91 46.67 29.08
C ARG D 303 -14.76 47.66 29.27
N GLY D 304 -14.21 48.20 28.17
CA GLY D 304 -13.14 49.17 28.29
C GLY D 304 -11.79 48.59 28.68
N ILE D 305 -11.60 47.28 28.56
CA ILE D 305 -10.36 46.63 28.97
C ILE D 305 -9.57 46.26 27.71
N ARG D 306 -8.30 46.65 27.67
CA ARG D 306 -7.45 46.25 26.56
C ARG D 306 -6.78 44.90 26.90
N ILE D 307 -6.20 44.27 25.89
CA ILE D 307 -5.58 42.95 26.05
C ILE D 307 -4.08 43.03 25.75
N LEU D 308 -3.27 42.52 26.67
CA LEU D 308 -1.84 42.37 26.47
C LEU D 308 -1.46 40.90 26.56
N PHE D 309 -0.71 40.43 25.58
CA PHE D 309 -0.10 39.10 25.67
C PHE D 309 1.29 39.19 26.27
N ASP D 310 1.60 38.30 27.20
CA ASP D 310 2.98 38.06 27.55
C ASP D 310 3.60 37.29 26.39
N VAL D 311 4.86 37.56 26.09
CA VAL D 311 5.46 37.15 24.82
C VAL D 311 6.93 36.81 25.02
N VAL D 312 7.39 35.74 24.38
CA VAL D 312 8.79 35.33 24.44
C VAL D 312 9.33 35.14 23.03
N MET D 313 10.54 35.65 22.80
CA MET D 313 11.31 35.29 21.63
C MET D 313 12.70 34.79 21.98
N ASN D 314 13.16 34.99 23.22
CA ASN D 314 14.54 34.67 23.55
C ASN D 314 14.81 33.17 23.47
N HIS D 315 13.88 32.34 23.94
CA HIS D 315 14.17 30.93 24.15
C HIS D 315 12.97 30.07 23.77
N THR D 316 13.24 28.81 23.50
CA THR D 316 12.22 27.77 23.45
C THR D 316 12.08 27.15 24.84
N GLY D 317 11.12 26.22 25.00
CA GLY D 317 11.00 25.49 26.23
C GLY D 317 12.02 24.37 26.37
N TYR D 318 12.11 23.82 27.58
CA TYR D 318 12.99 22.67 27.83
C TYR D 318 12.56 21.44 27.03
N ALA D 319 13.53 20.60 26.70
CA ALA D 319 13.24 19.22 26.33
C ALA D 319 12.58 18.50 27.51
N THR D 320 11.44 17.86 27.28
CA THR D 320 10.81 17.07 28.32
C THR D 320 10.56 15.67 27.79
N LEU D 321 10.38 14.71 28.71
CA LEU D 321 10.10 13.34 28.26
C LEU D 321 8.82 13.29 27.45
N ALA D 322 7.75 13.98 27.89
CA ALA D 322 6.51 13.95 27.12
C ALA D 322 6.75 14.32 25.65
N ASP D 323 7.45 15.42 25.41
CA ASP D 323 7.64 15.87 24.03
C ASP D 323 8.61 14.97 23.24
N MET D 324 9.71 14.51 23.86
CA MET D 324 10.57 13.53 23.20
C MET D 324 9.79 12.30 22.74
N GLN D 325 8.91 11.78 23.59
CA GLN D 325 8.12 10.64 23.16
C GLN D 325 7.15 11.04 22.06
N GLU D 326 6.46 12.16 22.24
CA GLU D 326 5.36 12.49 21.32
C GLU D 326 5.87 12.88 19.94
N TYR D 327 6.97 13.65 19.85
CA TYR D 327 7.47 14.10 18.55
C TYR D 327 8.77 13.39 18.14
N GLN D 328 9.04 12.25 18.75
CA GLN D 328 10.15 11.36 18.45
C GLN D 328 11.56 11.93 18.29
N PHE D 329 11.96 12.83 19.18
CA PHE D 329 13.27 13.45 19.05
C PHE D 329 14.14 13.15 20.26
N GLY D 330 15.36 13.66 20.27
CA GLY D 330 16.29 13.34 21.34
C GLY D 330 16.74 11.88 21.34
N ALA D 331 17.22 11.42 22.49
CA ALA D 331 17.79 10.07 22.61
C ALA D 331 17.84 9.69 24.09
N LEU D 332 17.62 8.39 24.33
CA LEU D 332 17.63 7.81 25.68
C LEU D 332 18.84 6.86 25.80
N TYR D 333 19.28 6.62 27.04
CA TYR D 333 20.30 5.58 27.19
C TYR D 333 19.68 4.20 27.04
N LEU D 334 18.43 4.05 27.50
CA LEU D 334 17.70 2.79 27.43
C LEU D 334 17.40 2.40 26.00
N SER D 335 17.55 1.11 25.70
CA SER D 335 17.37 0.59 24.35
C SER D 335 16.19 -0.38 24.34
N GLY D 336 15.14 0.00 23.63
CA GLY D 336 13.98 -0.84 23.40
C GLY D 336 13.25 -1.28 24.64
N ASP D 337 13.43 -2.56 25.00
CA ASP D 337 12.61 -3.16 26.04
C ASP D 337 12.72 -2.37 27.35
N GLU D 338 13.93 -2.24 27.87
CA GLU D 338 14.15 -1.53 29.14
C GLU D 338 13.62 -0.11 29.18
N VAL D 339 13.40 0.48 28.00
CA VAL D 339 12.99 1.88 27.95
C VAL D 339 11.69 2.17 28.67
N LYS D 340 10.62 1.48 28.28
CA LYS D 340 9.37 1.56 29.02
C LYS D 340 9.55 0.93 30.38
N LYS D 341 10.36 -0.13 30.45
CA LYS D 341 10.61 -0.80 31.71
C LYS D 341 11.15 0.18 32.74
N SER D 342 11.74 1.27 32.28
CA SER D 342 12.26 2.28 33.20
C SER D 342 11.53 3.61 33.07
N LEU D 343 10.54 3.68 32.18
CA LEU D 343 9.79 4.91 32.01
C LEU D 343 8.28 4.73 32.08
N GLY D 344 7.75 3.59 31.65
CA GLY D 344 6.31 3.40 31.56
C GLY D 344 5.85 3.43 30.13
N GLU D 345 4.55 3.14 29.96
CA GLU D 345 3.94 3.27 28.65
C GLU D 345 4.01 4.72 28.18
N ARG D 346 3.75 5.70 29.06
CA ARG D 346 4.01 7.11 28.77
C ARG D 346 5.19 7.58 29.62
N TRP D 347 6.25 8.03 28.96
CA TRP D 347 7.51 8.29 29.65
C TRP D 347 7.36 9.37 30.71
N SER D 348 6.41 10.28 30.50
CA SER D 348 6.26 11.43 31.36
C SER D 348 5.56 11.10 32.66
N ASP D 349 5.12 9.86 32.85
CA ASP D 349 4.50 9.42 34.10
C ASP D 349 5.50 8.93 35.13
N TRP D 350 6.79 8.89 34.78
CA TRP D 350 7.87 8.58 35.70
C TRP D 350 7.78 9.38 37.00
N LYS D 351 8.20 8.74 38.09
CA LYS D 351 8.29 9.31 39.42
C LYS D 351 9.62 8.93 40.05
N PRO D 352 10.21 9.80 40.86
CA PRO D 352 11.49 9.46 41.51
C PRO D 352 11.41 8.17 42.32
N ALA D 353 12.44 7.36 42.21
CA ALA D 353 12.55 6.21 43.09
C ALA D 353 13.20 6.62 44.41
N ALA D 354 13.56 5.65 45.23
CA ALA D 354 14.08 5.89 46.58
C ALA D 354 15.43 6.57 46.51
N GLY D 355 15.55 7.73 47.16
CA GLY D 355 16.78 8.49 47.12
C GLY D 355 16.94 9.35 45.89
N GLN D 356 15.94 9.39 45.03
CA GLN D 356 15.98 10.19 43.81
C GLN D 356 15.18 11.47 43.99
N THR D 357 15.47 12.45 43.12
CA THR D 357 14.67 13.67 43.06
C THR D 357 14.08 13.81 41.67
N TRP D 358 13.22 14.81 41.51
CA TRP D 358 12.65 15.05 40.21
C TRP D 358 13.69 15.46 39.18
N HIS D 359 14.96 15.68 39.55
CA HIS D 359 16.00 15.83 38.53
C HIS D 359 16.56 14.51 38.02
N SER D 360 16.19 13.37 38.62
CA SER D 360 16.87 12.13 38.28
C SER D 360 16.47 11.58 36.92
N PHE D 361 15.39 12.08 36.31
CA PHE D 361 14.99 11.56 35.02
C PHE D 361 16.02 11.91 33.97
N ASN D 362 16.77 12.98 34.20
CA ASN D 362 17.84 13.35 33.28
C ASN D 362 18.81 12.19 33.10
N ASP D 363 18.93 11.32 34.10
CA ASP D 363 19.89 10.23 33.95
C ASP D 363 19.41 9.16 32.99
N TYR D 364 18.20 9.29 32.48
CA TYR D 364 17.71 8.43 31.43
C TYR D 364 17.99 8.96 30.04
N ILE D 365 18.31 10.26 29.91
CA ILE D 365 18.39 10.94 28.62
C ILE D 365 19.85 11.08 28.20
N ASN D 366 20.16 10.65 26.97
CA ASN D 366 21.47 10.85 26.35
C ASN D 366 21.45 12.20 25.64
N PHE D 367 21.95 13.24 26.31
CA PHE D 367 21.97 14.58 25.74
C PHE D 367 23.12 14.84 24.76
N SER D 368 24.12 13.93 24.66
CA SER D 368 25.22 14.10 23.70
C SER D 368 24.79 13.87 22.24
N ASP D 369 23.79 13.02 22.02
CA ASP D 369 23.62 12.30 20.76
C ASP D 369 23.30 13.24 19.61
N LYS D 370 24.17 13.23 18.58
CA LYS D 370 24.00 14.17 17.47
C LYS D 370 22.77 13.84 16.65
N THR D 371 22.62 12.59 16.24
CA THR D 371 21.48 12.22 15.42
C THR D 371 20.18 12.61 16.12
N GLY D 372 19.90 12.02 17.28
CA GLY D 372 18.60 12.20 17.91
C GLY D 372 18.24 13.65 18.20
N TRP D 373 19.23 14.48 18.56
CA TRP D 373 18.92 15.87 18.88
C TRP D 373 18.90 16.77 17.64
N ASP D 374 19.44 16.32 16.51
CA ASP D 374 19.16 17.06 15.28
C ASP D 374 17.71 16.93 14.84
N LYS D 375 16.93 16.08 15.46
CA LYS D 375 15.56 15.84 15.07
C LYS D 375 14.61 16.72 15.85
N TRP D 376 15.13 17.74 16.47
CA TRP D 376 14.25 18.52 17.28
C TRP D 376 13.91 19.88 16.74
N TRP D 377 14.69 20.87 17.07
CA TRP D 377 14.34 22.24 16.81
C TRP D 377 15.24 22.51 15.59
N GLY D 378 16.53 22.10 15.61
CA GLY D 378 17.38 22.22 14.48
C GLY D 378 18.51 23.17 14.72
N LYS D 379 19.67 22.86 14.16
CA LYS D 379 20.80 23.72 14.49
C LYS D 379 20.63 25.12 13.92
N ASN D 380 19.63 25.37 13.06
CA ASN D 380 19.39 26.73 12.57
C ASN D 380 18.62 27.60 13.55
N TRP D 381 17.93 26.98 14.51
CA TRP D 381 17.03 27.66 15.42
C TRP D 381 17.65 28.07 16.75
N ILE D 382 18.40 27.19 17.41
CA ILE D 382 18.75 27.41 18.80
C ILE D 382 20.23 27.18 19.03
N ARG D 383 20.68 27.68 20.18
CA ARG D 383 22.01 27.41 20.63
C ARG D 383 21.74 26.59 21.87
N THR D 384 22.55 25.61 22.18
CA THR D 384 22.39 24.74 23.33
C THR D 384 23.62 23.85 23.47
N ASP D 385 23.84 23.37 24.70
CA ASP D 385 24.82 22.32 24.92
C ASP D 385 24.31 20.95 24.49
N ILE D 386 23.02 20.84 24.20
CA ILE D 386 22.48 19.55 23.83
C ILE D 386 22.92 19.17 22.41
N GLY D 387 23.22 17.90 22.21
CA GLY D 387 23.50 17.42 20.86
C GLY D 387 24.76 18.02 20.29
N ASP D 388 24.67 18.45 19.04
CA ASP D 388 25.75 19.13 18.34
C ASP D 388 25.22 20.44 17.80
N TYR D 389 24.92 21.38 18.67
CA TYR D 389 24.49 22.67 18.16
C TYR D 389 25.58 23.68 18.37
N ASP D 390 25.31 24.90 17.88
CA ASP D 390 26.13 26.03 18.28
C ASP D 390 25.98 26.24 19.77
N ASN D 391 27.07 26.39 20.44
CA ASN D 391 27.03 26.51 21.87
C ASN D 391 26.59 27.91 22.30
N PRO D 392 25.93 28.03 23.46
CA PRO D 392 25.60 29.36 23.96
C PRO D 392 26.85 30.24 24.12
N GLY D 393 26.66 31.55 23.95
CA GLY D 393 27.69 32.53 24.21
C GLY D 393 27.73 32.95 25.67
N PHE D 394 28.45 34.05 25.93
CA PHE D 394 28.61 34.56 27.28
C PHE D 394 28.28 36.04 27.39
N ASP D 395 27.86 36.67 26.30
CA ASP D 395 27.21 37.98 26.37
C ASP D 395 25.70 37.83 26.65
N ASP D 396 25.06 38.95 26.98
CA ASP D 396 23.63 38.87 27.30
C ASP D 396 22.80 38.35 26.12
N LEU D 397 23.27 38.55 24.89
CA LEU D 397 22.42 38.26 23.74
C LEU D 397 22.45 36.81 23.31
N THR D 398 23.60 36.15 23.41
CA THR D 398 23.69 34.76 22.98
C THR D 398 23.82 33.79 24.15
N MET D 399 23.81 34.28 25.39
CA MET D 399 23.83 33.37 26.53
C MET D 399 22.49 32.65 26.69
N SER D 400 22.53 31.60 27.51
CA SER D 400 21.41 30.73 27.81
C SER D 400 20.99 30.93 29.26
N LEU D 401 19.73 31.32 29.46
CA LEU D 401 19.20 31.58 30.79
C LEU D 401 18.62 30.29 31.37
N ALA D 402 19.10 29.91 32.56
CA ALA D 402 18.62 28.70 33.22
C ALA D 402 18.54 27.49 32.27
N PHE D 403 19.56 27.34 31.39
CA PHE D 403 19.65 26.22 30.44
C PHE D 403 18.47 26.19 29.46
N LEU D 404 17.84 27.33 29.16
CA LEU D 404 16.81 27.36 28.14
C LEU D 404 17.47 27.55 26.78
N PRO D 405 17.10 26.78 25.76
CA PRO D 405 17.79 26.92 24.46
C PRO D 405 17.58 28.33 23.92
N ASP D 406 18.69 29.04 23.63
CA ASP D 406 18.62 30.40 23.14
C ASP D 406 18.35 30.40 21.63
N ILE D 407 17.27 31.08 21.22
CA ILE D 407 16.89 31.20 19.81
C ILE D 407 17.85 32.14 19.08
N LYS D 408 18.16 31.80 17.82
CA LYS D 408 19.09 32.60 17.00
C LYS D 408 18.35 33.77 16.34
N THR D 409 17.96 34.73 17.18
CA THR D 409 17.16 35.84 16.67
C THR D 409 17.95 36.77 15.73
N GLU D 410 19.27 36.64 15.75
CA GLU D 410 20.16 37.46 14.91
C GLU D 410 20.62 36.80 13.64
N SER D 411 20.29 35.55 13.45
CA SER D 411 20.64 34.84 12.23
C SER D 411 20.06 35.55 11.01
N THR D 412 20.85 35.64 9.95
CA THR D 412 20.38 36.25 8.71
C THR D 412 20.15 35.25 7.61
N THR D 413 20.35 33.96 7.87
CA THR D 413 20.19 32.93 6.86
C THR D 413 18.85 32.21 7.05
N ALA D 414 18.11 32.00 5.96
CA ALA D 414 16.82 31.34 6.04
C ALA D 414 16.97 29.99 6.73
N SER D 415 15.91 29.54 7.40
CA SER D 415 16.07 28.37 8.26
C SER D 415 15.08 27.24 8.04
N GLY D 416 13.91 27.47 7.46
CA GLY D 416 12.93 26.40 7.44
C GLY D 416 12.28 26.26 8.81
N LEU D 417 11.24 25.44 8.90
CA LEU D 417 10.55 25.24 10.16
C LEU D 417 11.41 24.48 11.15
N PRO D 418 11.11 24.61 12.44
CA PRO D 418 11.66 23.64 13.41
C PRO D 418 11.60 22.21 12.91
N VAL D 419 12.73 21.49 13.02
CA VAL D 419 12.82 20.16 12.42
C VAL D 419 11.71 19.26 12.95
N PHE D 420 11.50 19.26 14.26
CA PHE D 420 10.50 18.35 14.80
C PHE D 420 9.08 18.74 14.41
N TYR D 421 8.88 19.89 13.77
CA TYR D 421 7.51 20.15 13.31
C TYR D 421 7.09 19.14 12.27
N LYS D 422 8.02 18.44 11.61
CA LYS D 422 7.54 17.45 10.65
C LYS D 422 6.77 16.32 11.33
N ASN D 423 6.79 16.23 12.66
CA ASN D 423 6.02 15.20 13.33
C ASN D 423 4.88 15.78 14.12
N LYS D 424 4.56 17.04 13.88
CA LYS D 424 3.55 17.76 14.64
C LYS D 424 2.48 18.15 13.62
N MET D 425 1.49 17.26 13.47
CA MET D 425 0.55 17.41 12.37
C MET D 425 -0.37 18.61 12.56
N ASP D 426 -0.67 18.95 13.82
CA ASP D 426 -1.67 19.97 14.13
C ASP D 426 -1.09 21.38 14.21
N THR D 427 0.12 21.61 13.71
CA THR D 427 0.67 22.94 13.79
C THR D 427 0.11 23.81 12.66
N HIS D 428 -0.06 25.09 12.96
CA HIS D 428 -0.45 26.04 11.95
C HIS D 428 0.76 26.71 11.30
N ALA D 429 1.98 26.28 11.64
CA ALA D 429 3.17 26.88 11.06
C ALA D 429 3.44 26.31 9.67
N LYS D 430 3.93 27.18 8.79
CA LYS D 430 4.21 26.85 7.40
C LYS D 430 5.57 27.41 7.03
N ALA D 431 6.33 26.62 6.28
CA ALA D 431 7.60 27.11 5.75
C ALA D 431 7.36 28.27 4.79
N ILE D 432 8.29 29.23 4.79
CA ILE D 432 8.16 30.43 3.97
C ILE D 432 9.52 30.77 3.39
N ASP D 433 9.57 30.97 2.07
CA ASP D 433 10.82 31.11 1.35
C ASP D 433 11.67 32.26 1.91
N GLY D 434 12.82 31.92 2.47
CA GLY D 434 13.77 32.92 2.86
C GLY D 434 13.65 33.43 4.29
N TYR D 435 12.60 33.04 5.03
CA TYR D 435 12.45 33.55 6.39
C TYR D 435 13.56 33.05 7.31
N THR D 436 14.08 33.97 8.14
CA THR D 436 14.91 33.61 9.28
C THR D 436 14.03 33.21 10.44
N PRO D 437 14.58 32.54 11.47
CA PRO D 437 13.81 32.35 12.72
C PRO D 437 13.18 33.62 13.25
N ARG D 438 13.92 34.74 13.27
CA ARG D 438 13.33 36.02 13.63
C ARG D 438 12.11 36.33 12.79
N ASP D 439 12.19 36.09 11.48
CA ASP D 439 11.06 36.39 10.60
C ASP D 439 9.85 35.54 10.97
N TYR D 440 10.08 34.25 11.22
CA TYR D 440 8.98 33.37 11.62
C TYR D 440 8.37 33.82 12.96
N LEU D 441 9.20 34.19 13.93
CA LEU D 441 8.69 34.56 15.26
C LEU D 441 7.87 35.84 15.20
N THR D 442 8.36 36.86 14.48
CA THR D 442 7.56 38.09 14.37
C THR D 442 6.29 37.86 13.56
N HIS D 443 6.34 37.06 12.49
CA HIS D 443 5.13 36.75 11.74
C HIS D 443 4.10 36.01 12.61
N TRP D 444 4.54 34.97 13.31
CA TRP D 444 3.66 34.17 14.17
C TRP D 444 3.03 35.01 15.28
N LEU D 445 3.84 35.83 15.96
CA LEU D 445 3.29 36.66 17.04
C LEU D 445 2.30 37.68 16.49
N SER D 446 2.65 38.32 15.35
CA SER D 446 1.77 39.30 14.74
C SER D 446 0.43 38.69 14.37
N GLN D 447 0.44 37.45 13.89
CA GLN D 447 -0.80 36.88 13.37
C GLN D 447 -1.89 36.84 14.44
N TRP D 448 -1.50 36.66 15.71
CA TRP D 448 -2.47 36.74 16.79
C TRP D 448 -3.14 38.10 16.82
N VAL D 449 -2.33 39.16 16.73
CA VAL D 449 -2.86 40.53 16.72
C VAL D 449 -3.82 40.72 15.55
N ARG D 450 -3.40 40.27 14.35
CA ARG D 450 -4.24 40.41 13.16
C ARG D 450 -5.58 39.68 13.30
N ASP D 451 -5.59 38.49 13.90
CA ASP D 451 -6.83 37.72 13.94
C ASP D 451 -7.73 38.06 15.11
N TYR D 452 -7.21 38.71 16.17
CA TYR D 452 -7.99 38.91 17.39
C TYR D 452 -8.01 40.32 17.97
N GLY D 453 -7.24 41.26 17.44
CA GLY D 453 -7.27 42.60 17.99
C GLY D 453 -6.56 42.76 19.31
N ILE D 454 -5.51 41.97 19.56
CA ILE D 454 -4.68 42.16 20.74
C ILE D 454 -4.11 43.57 20.72
N ASP D 455 -4.21 44.26 21.85
CA ASP D 455 -3.76 45.63 21.90
C ASP D 455 -2.26 45.78 22.14
N GLY D 456 -1.63 44.78 22.77
CA GLY D 456 -0.19 44.96 22.94
C GLY D 456 0.50 43.74 23.49
N PHE D 457 1.83 43.87 23.56
CA PHE D 457 2.69 42.81 24.09
C PHE D 457 3.44 43.30 25.32
N ARG D 458 3.54 42.45 26.31
CA ARG D 458 4.59 42.52 27.31
C ARG D 458 5.68 41.55 26.88
N VAL D 459 6.88 42.08 26.67
CA VAL D 459 8.00 41.33 26.12
C VAL D 459 8.84 40.72 27.24
N ASP D 460 9.04 39.41 27.19
CA ASP D 460 9.88 38.77 28.21
C ASP D 460 11.35 38.89 27.82
N THR D 461 12.22 38.85 28.84
CA THR D 461 13.67 38.81 28.65
C THR D 461 14.14 39.76 27.53
N ALA D 462 13.78 41.04 27.66
CA ALA D 462 14.06 41.98 26.58
C ALA D 462 15.55 42.22 26.43
N LYS D 463 16.27 42.15 27.55
CA LYS D 463 17.71 42.34 27.58
C LYS D 463 18.47 41.32 26.74
N HIS D 464 17.93 40.12 26.57
CA HIS D 464 18.69 39.02 25.98
C HIS D 464 18.41 38.81 24.50
N VAL D 465 17.80 39.77 23.84
CA VAL D 465 17.51 39.72 22.40
C VAL D 465 17.87 41.06 21.80
N GLU D 466 18.53 41.06 20.65
CA GLU D 466 19.00 42.30 20.07
C GLU D 466 17.83 43.24 19.75
N LEU D 467 18.05 44.53 19.94
CA LEU D 467 17.02 45.55 19.74
C LEU D 467 16.32 45.52 18.39
N PRO D 468 17.02 45.45 17.25
CA PRO D 468 16.27 45.43 15.96
C PRO D 468 15.33 44.23 15.77
N ALA D 469 15.50 43.15 16.54
CA ALA D 469 14.48 42.11 16.56
C ALA D 469 13.18 42.64 17.18
N TRP D 470 13.30 43.32 18.31
CA TRP D 470 12.11 43.91 18.90
C TRP D 470 11.51 45.01 18.01
N GLN D 471 12.36 45.82 17.36
CA GLN D 471 11.84 46.83 16.43
C GLN D 471 11.02 46.18 15.33
N GLN D 472 11.52 45.08 14.75
CA GLN D 472 10.76 44.40 13.72
C GLN D 472 9.44 43.86 14.26
N LEU D 473 9.48 43.29 15.48
CA LEU D 473 8.25 42.78 16.08
C LEU D 473 7.23 43.90 16.25
N LYS D 474 7.68 45.07 16.71
CA LYS D 474 6.78 46.22 16.85
C LYS D 474 6.19 46.61 15.49
N THR D 475 7.04 46.75 14.49
CA THR D 475 6.57 47.13 13.16
C THR D 475 5.45 46.20 12.70
N GLU D 476 5.73 44.90 12.61
CA GLU D 476 4.70 43.98 12.14
C GLU D 476 3.47 43.97 13.05
N ALA D 477 3.67 43.99 14.37
CA ALA D 477 2.51 43.95 15.26
C ALA D 477 1.62 45.18 15.06
N SER D 478 2.23 46.35 14.84
CA SER D 478 1.45 47.55 14.66
C SER D 478 0.65 47.46 13.38
N ALA D 479 1.28 46.91 12.35
CA ALA D 479 0.55 46.73 11.10
C ALA D 479 -0.62 45.77 11.29
N ALA D 480 -0.39 44.68 12.02
CA ALA D 480 -1.46 43.70 12.26
C ALA D 480 -2.63 44.35 12.97
N LEU D 481 -2.34 45.20 13.96
CA LEU D 481 -3.42 45.82 14.74
C LEU D 481 -4.20 46.81 13.90
N ARG D 482 -3.50 47.61 13.08
CA ARG D 482 -4.21 48.49 12.16
C ARG D 482 -5.16 47.70 11.26
N GLU D 483 -4.64 46.62 10.64
CA GLU D 483 -5.46 45.83 9.73
C GLU D 483 -6.69 45.29 10.45
N TRP D 484 -6.52 44.86 11.70
CA TRP D 484 -7.64 44.32 12.46
C TRP D 484 -8.69 45.38 12.78
N LYS D 485 -8.24 46.58 13.15
CA LYS D 485 -9.18 47.63 13.50
C LYS D 485 -9.89 48.16 12.27
N LYS D 486 -9.27 48.03 11.08
CA LYS D 486 -9.93 48.43 9.84
C LYS D 486 -10.96 47.39 9.42
N ALA D 487 -10.64 46.09 9.56
CA ALA D 487 -11.59 45.04 9.23
C ALA D 487 -12.69 44.88 10.27
N ASN D 488 -12.65 45.62 11.38
CA ASN D 488 -13.54 45.40 12.53
C ASN D 488 -13.93 46.72 13.19
N PRO D 489 -14.52 47.64 12.43
CA PRO D 489 -14.89 48.94 13.05
C PRO D 489 -15.88 48.83 14.20
N ASP D 490 -16.76 47.83 14.23
CA ASP D 490 -17.67 47.70 15.37
C ASP D 490 -16.92 47.41 16.65
N LYS D 491 -15.78 46.72 16.55
CA LYS D 491 -15.09 46.24 17.74
C LYS D 491 -13.97 47.16 18.20
N ALA D 492 -13.43 48.03 17.34
CA ALA D 492 -12.27 48.83 17.73
C ALA D 492 -12.71 50.01 18.59
N LEU D 493 -12.30 50.00 19.86
CA LEU D 493 -12.65 51.10 20.75
C LEU D 493 -12.12 52.44 20.26
N ASP D 494 -10.93 52.45 19.66
CA ASP D 494 -10.18 53.67 19.41
C ASP D 494 -9.14 53.36 18.35
N ASP D 495 -8.41 54.39 17.92
CA ASP D 495 -7.44 54.26 16.83
C ASP D 495 -6.02 54.05 17.34
N LYS D 496 -5.85 53.76 18.64
CA LYS D 496 -4.54 53.85 19.27
C LYS D 496 -3.59 52.81 18.68
N PRO D 497 -2.36 53.19 18.32
CA PRO D 497 -1.42 52.21 17.78
C PRO D 497 -1.13 51.09 18.77
N PHE D 498 -0.54 50.01 18.25
CA PHE D 498 -0.19 48.86 19.06
C PHE D 498 0.76 49.30 20.18
N TRP D 499 0.68 48.63 21.32
CA TRP D 499 1.46 49.06 22.49
C TRP D 499 2.40 47.95 22.93
N MET D 500 3.66 48.29 23.25
CA MET D 500 4.62 47.26 23.63
C MET D 500 5.43 47.71 24.84
N THR D 501 5.32 46.96 25.92
CA THR D 501 6.19 47.13 27.07
C THR D 501 7.14 45.94 27.18
N GLY D 502 8.18 46.10 27.99
CA GLY D 502 9.25 45.11 28.03
C GLY D 502 9.88 44.99 29.41
N GLU D 503 10.34 43.78 29.72
CA GLU D 503 11.02 43.51 30.98
C GLU D 503 12.52 43.44 30.72
N ALA D 504 13.26 44.45 31.18
CA ALA D 504 14.71 44.42 31.14
C ALA D 504 15.19 44.52 32.58
N TRP D 505 15.85 43.46 33.05
CA TRP D 505 16.03 43.24 34.49
C TRP D 505 16.74 44.41 35.14
N GLY D 506 16.10 45.00 36.14
CA GLY D 506 16.68 46.10 36.88
C GLY D 506 16.40 47.47 36.33
N HIS D 507 15.64 47.58 35.24
CA HIS D 507 15.38 48.87 34.61
C HIS D 507 14.58 49.78 35.54
N GLY D 508 15.02 51.04 35.67
CA GLY D 508 14.34 52.04 36.45
C GLY D 508 13.67 53.11 35.61
N VAL D 509 13.42 54.26 36.23
CA VAL D 509 12.75 55.34 35.53
C VAL D 509 13.79 56.12 34.72
N MET D 510 14.14 55.59 33.55
CA MET D 510 15.17 56.13 32.66
C MET D 510 14.65 56.06 31.24
N GLN D 511 14.69 57.16 30.50
CA GLN D 511 14.32 57.00 29.09
C GLN D 511 15.54 56.40 28.37
N SER D 512 15.66 55.08 28.45
CA SER D 512 16.81 54.35 27.96
C SER D 512 16.62 53.95 26.48
N ASP D 513 17.52 53.12 25.96
CA ASP D 513 17.57 52.90 24.51
C ASP D 513 16.39 52.06 24.01
N TYR D 514 15.78 51.25 24.85
CA TYR D 514 14.68 50.42 24.39
C TYR D 514 13.58 51.25 23.82
N TYR D 515 13.52 52.50 24.23
CA TYR D 515 12.43 53.37 23.81
C TYR D 515 12.55 53.86 22.38
N ARG D 516 13.74 53.85 21.84
CA ARG D 516 13.95 54.26 20.46
C ARG D 516 14.00 53.05 19.55
N HIS D 517 13.57 51.91 20.07
CA HIS D 517 13.58 50.69 19.29
C HIS D 517 12.30 49.88 19.37
N GLY D 518 11.21 50.47 19.88
CA GLY D 518 9.94 49.75 19.76
C GLY D 518 9.00 49.79 20.96
N PHE D 519 9.59 50.04 22.12
CA PHE D 519 8.83 50.02 23.35
C PHE D 519 8.26 51.35 23.77
N ASP D 520 6.98 51.37 24.05
CA ASP D 520 6.33 52.58 24.51
C ASP D 520 6.53 52.73 25.99
N ALA D 521 7.08 51.71 26.61
CA ALA D 521 7.36 51.73 28.04
C ALA D 521 8.14 50.52 28.52
N MET D 522 8.91 50.68 29.60
CA MET D 522 9.62 49.55 30.18
C MET D 522 9.09 49.30 31.57
N ILE D 523 9.32 48.09 32.07
CA ILE D 523 8.89 47.80 33.42
C ILE D 523 9.90 48.38 34.39
N ASN D 524 9.39 49.08 35.41
CA ASN D 524 10.19 49.79 36.40
C ASN D 524 10.47 48.87 37.59
N PHE D 525 11.73 48.47 37.78
CA PHE D 525 12.00 47.65 38.96
C PHE D 525 12.26 48.46 40.22
N ASP D 526 12.35 49.79 40.11
CA ASP D 526 12.77 50.60 41.25
C ASP D 526 11.61 50.95 42.19
N TYR D 527 10.38 50.84 41.71
CA TYR D 527 9.21 51.27 42.48
C TYR D 527 8.97 50.38 43.70
N GLN D 528 9.38 49.11 43.63
CA GLN D 528 9.03 48.15 44.66
C GLN D 528 9.68 48.53 46.00
N GLU D 529 11.02 48.61 46.06
CA GLU D 529 11.64 48.92 47.35
C GLU D 529 11.32 50.32 47.84
N GLN D 530 11.02 51.24 46.93
CA GLN D 530 10.63 52.58 47.34
C GLN D 530 9.28 52.58 48.05
N ALA D 531 8.30 51.89 47.47
CA ALA D 531 7.04 51.74 48.19
C ALA D 531 7.22 50.91 49.45
N ALA D 532 8.21 50.02 49.46
CA ALA D 532 8.53 49.27 50.67
C ALA D 532 8.96 50.21 51.79
N LYS D 533 9.88 51.14 51.48
CA LYS D 533 10.37 52.08 52.48
C LYS D 533 9.27 52.99 53.02
N ALA D 534 8.17 53.17 52.28
CA ALA D 534 7.14 54.14 52.62
C ALA D 534 5.86 53.50 53.16
N VAL D 535 5.96 52.31 53.76
CA VAL D 535 4.73 51.56 54.04
C VAL D 535 4.01 52.13 55.25
N ASP D 536 4.73 52.71 56.19
CA ASP D 536 4.04 53.34 57.31
C ASP D 536 3.66 54.80 57.06
N CYS D 537 4.47 55.55 56.33
CA CYS D 537 4.16 56.94 56.03
C CYS D 537 3.97 57.12 54.53
N LEU D 538 2.71 57.23 54.08
CA LEU D 538 2.41 57.41 52.65
C LEU D 538 3.02 58.65 52.07
N ALA D 539 3.63 59.46 52.90
CA ALA D 539 4.17 60.71 52.44
C ALA D 539 5.56 60.51 51.91
N GLN D 540 6.24 59.52 52.44
CA GLN D 540 7.58 59.30 52.02
C GLN D 540 7.60 59.00 50.55
N MET D 541 6.45 58.72 49.96
CA MET D 541 6.50 58.56 48.51
C MET D 541 6.64 59.89 47.76
N ASP D 542 6.54 61.03 48.45
CA ASP D 542 6.58 62.34 47.81
C ASP D 542 7.81 62.49 46.93
N THR D 543 8.98 62.29 47.54
CA THR D 543 10.25 62.35 46.83
C THR D 543 10.20 61.58 45.51
N THR D 544 9.63 60.36 45.54
CA THR D 544 9.56 59.58 44.30
C THR D 544 8.49 60.12 43.34
N TRP D 545 7.28 60.35 43.85
CA TRP D 545 6.16 60.75 42.98
C TRP D 545 6.43 62.09 42.31
N GLN D 546 7.16 62.94 42.99
CA GLN D 546 7.41 64.25 42.44
C GLN D 546 8.49 64.18 41.39
N GLN D 547 9.46 63.29 41.55
CA GLN D 547 10.42 63.05 40.47
C GLN D 547 9.75 62.37 39.27
N MET D 548 9.05 61.27 39.52
CA MET D 548 8.39 60.55 38.43
C MET D 548 7.49 61.48 37.60
N ALA D 549 6.58 62.20 38.26
CA ALA D 549 5.70 63.11 37.52
C ALA D 549 6.49 64.08 36.64
N GLU D 550 7.66 64.54 37.11
CA GLU D 550 8.56 65.33 36.24
C GLU D 550 9.02 64.47 35.06
N LYS D 551 9.75 63.39 35.37
CA LYS D 551 10.42 62.62 34.32
C LYS D 551 9.41 62.06 33.34
N LEU D 552 8.28 61.59 33.83
CA LEU D 552 7.32 60.96 32.93
C LEU D 552 6.50 61.97 32.11
N GLN D 553 6.82 63.26 32.11
CA GLN D 553 6.14 64.10 31.14
C GLN D 553 6.58 63.76 29.71
N GLY D 554 7.72 63.08 29.54
CA GLY D 554 8.22 62.77 28.21
C GLY D 554 8.24 61.31 27.79
N PHE D 555 7.88 60.40 28.70
CA PHE D 555 7.89 58.98 28.38
C PHE D 555 7.16 58.24 29.50
N ASN D 556 6.87 56.97 29.26
CA ASN D 556 6.02 56.19 30.14
C ASN D 556 6.77 54.96 30.67
N VAL D 557 6.40 54.51 31.87
CA VAL D 557 6.88 53.25 32.43
C VAL D 557 5.71 52.49 33.03
N LEU D 558 5.98 51.24 33.42
CA LEU D 558 4.98 50.38 34.07
C LEU D 558 5.53 49.94 35.41
N SER D 559 4.92 50.42 36.49
CA SER D 559 5.45 50.23 37.85
C SER D 559 4.55 49.27 38.62
N TYR D 560 5.12 48.71 39.68
CA TYR D 560 4.37 47.74 40.41
C TYR D 560 4.90 47.47 41.78
N LEU D 561 4.15 46.67 42.50
CA LEU D 561 4.57 46.23 43.82
C LEU D 561 4.94 44.76 43.89
N SER D 562 4.26 43.91 43.10
CA SER D 562 4.47 42.48 43.15
C SER D 562 4.71 41.95 41.75
N SER D 563 5.53 40.93 41.63
CA SER D 563 5.65 40.25 40.34
C SER D 563 6.02 38.80 40.55
N HIS D 564 5.88 38.04 39.48
CA HIS D 564 6.09 36.61 39.48
C HIS D 564 7.56 36.24 39.62
N ASP D 565 8.48 37.22 39.56
CA ASP D 565 9.90 36.90 39.57
C ASP D 565 10.67 37.82 40.50
N THR D 566 9.96 38.53 41.39
CA THR D 566 10.54 39.20 42.54
C THR D 566 9.86 38.66 43.82
N ARG D 567 8.77 39.28 44.28
CA ARG D 567 8.12 38.82 45.50
C ARG D 567 6.69 39.34 45.51
N LEU D 568 5.92 38.88 46.49
CA LEU D 568 4.58 39.42 46.72
C LEU D 568 4.64 40.47 47.81
N PHE D 569 4.05 41.63 47.52
CA PHE D 569 4.01 42.74 48.47
C PHE D 569 2.83 42.61 49.40
N ARG D 570 3.07 42.33 50.67
CA ARG D 570 2.03 42.15 51.66
C ARG D 570 2.20 42.99 52.91
N GLU D 571 3.33 43.68 53.05
CA GLU D 571 3.54 44.79 53.98
C GLU D 571 2.41 45.81 53.93
N GLY D 572 1.77 46.05 55.05
CA GLY D 572 0.85 47.16 55.11
C GLY D 572 -0.56 46.92 54.61
N GLY D 573 -0.93 45.68 54.26
CA GLY D 573 -2.29 45.42 53.82
C GLY D 573 -2.74 46.34 52.71
N ASP D 574 -4.03 46.72 52.76
CA ASP D 574 -4.62 47.49 51.66
C ASP D 574 -4.00 48.88 51.45
N LYS D 575 -3.09 49.33 52.33
CA LYS D 575 -2.34 50.55 52.04
C LYS D 575 -1.61 50.45 50.71
N ALA D 576 -1.27 49.22 50.31
CA ALA D 576 -0.68 48.92 49.01
C ALA D 576 -1.40 49.62 47.87
N ALA D 577 -2.74 49.65 47.94
CA ALA D 577 -3.53 50.34 46.93
C ALA D 577 -3.08 51.80 46.74
N GLU D 578 -3.06 52.61 47.82
CA GLU D 578 -2.64 53.99 47.63
C GLU D 578 -1.22 54.04 47.10
N LEU D 579 -0.36 53.17 47.63
CA LEU D 579 1.02 53.15 47.20
C LEU D 579 1.09 52.84 45.72
N LEU D 580 0.26 51.92 45.24
CA LEU D 580 0.41 51.65 43.83
C LEU D 580 -0.37 52.65 42.99
N LEU D 581 -1.67 52.77 43.25
CA LEU D 581 -2.56 53.39 42.29
C LEU D 581 -2.25 54.85 42.05
N LEU D 582 -1.63 55.51 43.02
CA LEU D 582 -1.28 56.92 42.92
C LEU D 582 0.01 57.17 42.17
N ALA D 583 0.66 56.16 41.65
CA ALA D 583 1.95 56.44 41.04
C ALA D 583 1.76 57.06 39.65
N PRO D 584 2.59 58.05 39.30
CA PRO D 584 2.64 58.49 37.91
C PRO D 584 3.10 57.36 37.00
N GLY D 585 2.63 57.41 35.77
CA GLY D 585 2.91 56.34 34.83
C GLY D 585 1.92 55.22 34.99
N ALA D 586 2.03 54.23 34.09
CA ALA D 586 1.17 53.06 34.17
C ALA D 586 1.51 52.23 35.40
N VAL D 587 0.52 51.49 35.91
CA VAL D 587 0.73 50.59 37.04
C VAL D 587 0.19 49.20 36.70
N GLN D 588 0.83 48.22 37.31
CA GLN D 588 0.43 46.85 37.12
C GLN D 588 0.04 46.23 38.40
N ILE D 589 -1.20 45.82 38.51
CA ILE D 589 -1.66 45.07 39.68
C ILE D 589 -1.38 43.60 39.38
N PHE D 590 -0.47 43.01 40.16
CA PHE D 590 -0.29 41.58 40.10
C PHE D 590 -1.50 40.91 40.75
N TYR D 591 -2.13 39.97 40.03
CA TYR D 591 -3.40 39.40 40.48
C TYR D 591 -3.36 39.02 41.95
N GLY D 592 -4.42 39.39 42.66
CA GLY D 592 -4.53 39.12 44.07
C GLY D 592 -3.93 40.18 44.99
N ASP D 593 -3.17 41.16 44.47
CA ASP D 593 -2.76 42.27 45.32
C ASP D 593 -3.98 42.90 46.00
N GLU D 594 -5.09 42.97 45.29
CA GLU D 594 -6.28 43.61 45.83
C GLU D 594 -6.95 42.76 46.90
N SER D 595 -6.52 41.52 47.08
CA SER D 595 -7.13 40.63 48.05
C SER D 595 -6.13 39.95 48.98
N SER D 596 -4.90 40.44 49.02
CA SER D 596 -3.78 39.86 49.74
C SER D 596 -3.67 38.35 49.48
N ARG D 597 -3.53 37.98 48.22
CA ARG D 597 -3.32 36.59 47.89
C ARG D 597 -2.06 36.14 48.53
N PRO D 598 -2.15 35.09 49.30
CA PRO D 598 -0.98 34.58 50.00
C PRO D 598 0.10 33.94 49.15
N PHE D 599 1.33 33.97 49.62
CA PHE D 599 2.41 33.31 48.94
C PHE D 599 2.14 31.85 49.12
N GLY D 600 2.32 31.07 48.07
CA GLY D 600 1.97 29.69 48.16
C GLY D 600 3.09 28.72 48.34
N PRO D 601 2.76 27.46 48.16
CA PRO D 601 3.83 26.46 48.23
C PRO D 601 4.93 26.80 47.25
N THR D 602 6.18 26.47 47.61
CA THR D 602 7.27 26.95 46.79
C THR D 602 8.43 25.95 46.72
N GLY D 603 8.46 24.97 47.61
CA GLY D 603 9.52 23.97 47.57
C GLY D 603 10.89 24.62 47.62
N SER D 604 11.78 24.18 46.73
CA SER D 604 13.16 24.63 46.69
C SER D 604 13.43 25.61 45.55
N ASP D 605 12.37 26.19 44.98
CA ASP D 605 12.46 27.32 44.07
C ASP D 605 11.85 28.53 44.75
N PRO D 606 12.65 29.54 45.13
CA PRO D 606 12.12 30.64 45.93
C PRO D 606 11.00 31.43 45.27
N LEU D 607 10.80 31.35 43.96
CA LEU D 607 9.81 32.22 43.31
C LEU D 607 8.42 31.60 43.24
N GLN D 608 8.29 30.27 43.38
CA GLN D 608 7.04 29.61 43.01
C GLN D 608 5.85 30.07 43.86
N GLY D 609 6.10 30.40 45.12
CA GLY D 609 5.04 30.95 45.94
C GLY D 609 4.37 32.17 45.35
N THR D 610 5.07 32.89 44.47
CA THR D 610 4.47 34.11 43.93
C THR D 610 3.38 33.81 42.93
N ARG D 611 3.26 32.56 42.48
CA ARG D 611 2.32 32.15 41.45
C ARG D 611 1.19 31.34 42.05
N SER D 612 0.92 31.52 43.34
CA SER D 612 -0.12 30.76 44.03
C SER D 612 -1.49 31.07 43.44
N ASP D 613 -2.46 30.21 43.75
CA ASP D 613 -3.83 30.40 43.26
C ASP D 613 -4.43 31.70 43.75
N MET D 614 -5.23 32.33 42.90
CA MET D 614 -6.16 33.36 43.32
C MET D 614 -7.03 32.89 44.48
N ASN D 615 -7.17 33.73 45.51
CA ASN D 615 -7.85 33.37 46.75
C ASN D 615 -9.32 33.83 46.73
N TRP D 616 -10.11 33.17 45.87
CA TRP D 616 -11.47 33.62 45.58
C TRP D 616 -12.35 33.61 46.81
N GLN D 617 -12.15 32.64 47.72
CA GLN D 617 -12.96 32.60 48.93
C GLN D 617 -12.75 33.85 49.77
N ASP D 618 -11.51 34.35 49.81
CA ASP D 618 -11.25 35.60 50.52
C ASP D 618 -11.80 36.83 49.78
N VAL D 619 -11.99 36.77 48.46
CA VAL D 619 -12.48 37.95 47.73
C VAL D 619 -13.80 38.45 48.30
N SER D 620 -14.65 37.54 48.76
CA SER D 620 -15.93 37.88 49.35
C SER D 620 -15.97 37.61 50.86
N GLY D 621 -14.84 37.23 51.45
CA GLY D 621 -14.76 37.00 52.88
C GLY D 621 -13.80 37.98 53.52
N LYS D 622 -12.74 37.45 54.13
CA LYS D 622 -11.83 38.24 54.96
C LYS D 622 -11.16 39.36 54.21
N SER D 623 -11.13 39.31 52.88
CA SER D 623 -10.43 40.32 52.11
C SER D 623 -11.40 41.22 51.37
N ALA D 624 -12.71 41.04 51.58
CA ALA D 624 -13.68 41.89 50.89
C ALA D 624 -13.44 43.37 51.17
N ALA D 625 -13.09 43.73 52.40
CA ALA D 625 -12.85 45.14 52.69
C ALA D 625 -11.64 45.64 51.93
N SER D 626 -10.58 44.84 51.87
CA SER D 626 -9.41 45.24 51.09
C SER D 626 -9.78 45.46 49.62
N VAL D 627 -10.65 44.59 49.09
CA VAL D 627 -11.05 44.72 47.69
C VAL D 627 -11.86 46.00 47.49
N ALA D 628 -12.71 46.34 48.45
CA ALA D 628 -13.49 47.56 48.29
C ALA D 628 -12.59 48.79 48.36
N HIS D 629 -11.60 48.77 49.26
CA HIS D 629 -10.64 49.86 49.36
C HIS D 629 -9.90 50.07 48.04
N TRP D 630 -9.34 48.97 47.51
CA TRP D 630 -8.74 48.98 46.18
C TRP D 630 -9.70 49.51 45.12
N GLN D 631 -10.93 48.98 45.08
CA GLN D 631 -11.89 49.43 44.10
C GLN D 631 -12.06 50.95 44.12
N LYS D 632 -12.22 51.55 45.31
CA LYS D 632 -12.44 53.00 45.34
C LYS D 632 -11.20 53.75 44.83
N ILE D 633 -10.01 53.37 45.31
CA ILE D 633 -8.82 54.13 44.92
C ILE D 633 -8.58 53.98 43.42
N SER D 634 -8.74 52.76 42.89
CA SER D 634 -8.49 52.51 41.48
C SER D 634 -9.53 53.18 40.59
N GLN D 635 -10.80 53.17 41.00
CA GLN D 635 -11.83 53.93 40.31
C GLN D 635 -11.47 55.42 40.24
N PHE D 636 -11.03 56.00 41.36
CA PHE D 636 -10.61 57.39 41.32
C PHE D 636 -9.54 57.57 40.27
N ARG D 637 -8.58 56.64 40.20
CA ARG D 637 -7.52 56.72 39.17
C ARG D 637 -8.09 56.67 37.76
N ALA D 638 -9.09 55.82 37.52
CA ALA D 638 -9.68 55.75 36.19
C ALA D 638 -10.41 57.03 35.81
N ARG D 639 -10.79 57.82 36.80
CA ARG D 639 -11.48 59.08 36.52
C ARG D 639 -10.53 60.23 36.15
N HIS D 640 -9.22 60.09 36.35
CA HIS D 640 -8.31 61.24 36.34
C HIS D 640 -6.95 60.96 35.70
N PRO D 641 -6.82 61.22 34.38
CA PRO D 641 -5.51 61.11 33.73
C PRO D 641 -4.42 61.92 34.44
N ALA D 642 -4.83 62.94 35.20
CA ALA D 642 -3.87 63.73 35.96
C ALA D 642 -3.04 62.88 36.91
N ILE D 643 -3.69 61.94 37.61
CA ILE D 643 -2.98 61.06 38.53
C ILE D 643 -1.76 60.46 37.85
N GLY D 644 -1.97 59.85 36.68
CA GLY D 644 -0.95 59.06 36.03
C GLY D 644 -0.08 59.81 35.06
N ALA D 645 -0.44 61.02 34.68
CA ALA D 645 0.28 61.72 33.63
C ALA D 645 0.50 63.21 33.91
N GLY D 646 0.00 63.74 35.02
CA GLY D 646 0.04 65.18 35.26
C GLY D 646 1.23 65.64 36.08
N LYS D 647 1.52 66.94 35.98
CA LYS D 647 2.54 67.52 36.83
C LYS D 647 1.99 67.65 38.24
N GLN D 648 2.85 67.38 39.22
CA GLN D 648 2.48 67.38 40.62
C GLN D 648 3.10 68.56 41.37
N THR D 649 2.23 69.37 41.96
CA THR D 649 2.63 70.40 42.89
C THR D 649 2.32 69.94 44.31
N THR D 650 3.33 69.83 45.16
CA THR D 650 3.11 69.38 46.53
C THR D 650 2.74 70.58 47.41
N LEU D 651 1.60 70.48 48.05
CA LEU D 651 1.03 71.47 48.93
C LEU D 651 1.69 71.44 50.29
N LEU D 652 1.66 72.58 50.96
CA LEU D 652 2.10 72.71 52.33
C LEU D 652 0.82 72.83 53.14
N LEU D 653 0.61 71.93 54.10
CA LEU D 653 -0.61 71.96 54.88
C LEU D 653 -0.27 72.04 56.36
N LYS D 654 -1.30 72.40 57.15
CA LYS D 654 -1.12 72.45 58.59
C LYS D 654 -1.07 71.06 59.19
N GLN D 655 -2.08 70.23 58.92
CA GLN D 655 -2.07 68.83 59.33
C GLN D 655 -2.11 67.97 58.09
N GLY D 656 -1.25 66.97 58.00
CA GLY D 656 -1.26 66.08 56.85
C GLY D 656 -0.46 66.38 55.61
N TYR D 657 -0.37 65.42 54.69
CA TYR D 657 0.37 65.60 53.45
C TYR D 657 -0.61 65.62 52.34
N GLY D 658 -0.29 66.33 51.28
CA GLY D 658 -1.22 66.48 50.21
C GLY D 658 -0.53 66.91 48.95
N PHE D 659 -1.21 66.77 47.83
CA PHE D 659 -0.63 67.20 46.58
C PHE D 659 -1.65 67.39 45.48
N VAL D 660 -1.28 68.19 44.50
CA VAL D 660 -2.16 68.46 43.37
C VAL D 660 -1.53 67.83 42.16
N ARG D 661 -2.35 67.23 41.31
CA ARG D 661 -1.88 66.86 39.98
C ARG D 661 -2.77 67.47 38.92
N GLU D 662 -2.14 67.87 37.82
CA GLU D 662 -2.84 68.59 36.77
C GLU D 662 -2.37 68.07 35.42
N HIS D 663 -3.32 67.86 34.51
CA HIS D 663 -3.06 67.42 33.13
C HIS D 663 -4.27 67.81 32.29
N GLY D 664 -4.06 68.68 31.30
CA GLY D 664 -5.18 69.19 30.53
C GLY D 664 -6.20 69.85 31.43
N ASP D 665 -7.48 69.58 31.16
CA ASP D 665 -8.55 70.12 32.00
C ASP D 665 -8.79 69.29 33.28
N ASP D 666 -7.87 68.42 33.69
CA ASP D 666 -8.10 67.52 34.82
C ASP D 666 -7.18 67.93 35.97
N LYS D 667 -7.78 68.40 37.06
CA LYS D 667 -7.09 68.63 38.32
C LYS D 667 -7.61 67.65 39.37
N VAL D 668 -6.70 67.15 40.22
CA VAL D 668 -7.10 66.42 41.41
C VAL D 668 -6.25 66.85 42.58
N LEU D 669 -6.78 66.59 43.76
CA LEU D 669 -6.18 66.99 45.02
C LEU D 669 -6.25 65.81 45.98
N VAL D 670 -5.09 65.32 46.40
CA VAL D 670 -5.02 64.12 47.23
C VAL D 670 -4.48 64.52 48.58
N VAL D 671 -5.14 64.10 49.64
CA VAL D 671 -4.70 64.46 50.96
C VAL D 671 -4.65 63.19 51.82
N TRP D 672 -3.53 62.99 52.51
CA TRP D 672 -3.35 61.94 53.50
C TRP D 672 -3.15 62.59 54.86
N ALA D 673 -4.03 62.25 55.82
CA ALA D 673 -4.05 62.97 57.08
C ALA D 673 -2.83 62.67 57.95
N GLY D 674 -2.30 61.45 57.96
CA GLY D 674 -1.15 61.13 58.79
C GLY D 674 -1.36 59.85 59.57
N GLN D 675 -0.47 59.56 60.51
CA GLN D 675 -0.46 58.25 61.14
C GLN D 675 -1.56 58.06 62.18
N GLN D 676 -2.25 56.93 62.12
CA GLN D 676 -3.32 56.65 63.08
C GLN D 676 -4.01 57.93 63.55
CA CA E . 25.50 -20.92 -60.63
CA CA F . 42.80 -29.16 -34.72
CA CA G . 11.88 -1.22 14.56
CA CA H . -0.02 -18.22 -10.00
CA CA I . -25.44 -4.66 15.28
CA CA J . -44.39 21.18 18.22
CA CA K . -9.64 24.36 32.98
CA CA L . 19.13 35.48 22.58
#